data_4DZ0
# 
_entry.id   4DZ0 
# 
_audit_conform.dict_name       mmcif_pdbx.dic 
_audit_conform.dict_version    5.387 
_audit_conform.dict_location   http://mmcif.pdb.org/dictionaries/ascii/mmcif_pdbx.dic 
# 
loop_
_database_2.database_id 
_database_2.database_code 
_database_2.pdbx_database_accession 
_database_2.pdbx_DOI 
PDB   4DZ0         pdb_00004dz0 10.2210/pdb4dz0/pdb 
RCSB  RCSB070960   ?            ?                   
WWPDB D_1000070960 ?            ?                   
# 
loop_
_pdbx_audit_revision_history.ordinal 
_pdbx_audit_revision_history.data_content_type 
_pdbx_audit_revision_history.major_revision 
_pdbx_audit_revision_history.minor_revision 
_pdbx_audit_revision_history.revision_date 
1 'Structure model' 1 0 2013-01-23 
2 'Structure model' 1 1 2013-02-13 
3 'Structure model' 1 2 2013-03-06 
4 'Structure model' 1 3 2024-02-28 
# 
_pdbx_audit_revision_details.ordinal             1 
_pdbx_audit_revision_details.revision_ordinal    1 
_pdbx_audit_revision_details.data_content_type   'Structure model' 
_pdbx_audit_revision_details.provider            repository 
_pdbx_audit_revision_details.type                'Initial release' 
_pdbx_audit_revision_details.description         ? 
_pdbx_audit_revision_details.details             ? 
# 
loop_
_pdbx_audit_revision_group.ordinal 
_pdbx_audit_revision_group.revision_ordinal 
_pdbx_audit_revision_group.data_content_type 
_pdbx_audit_revision_group.group 
1 2 'Structure model' 'Database references'  
2 3 'Structure model' 'Database references'  
3 4 'Structure model' 'Data collection'      
4 4 'Structure model' 'Database references'  
5 4 'Structure model' 'Derived calculations' 
# 
loop_
_pdbx_audit_revision_category.ordinal 
_pdbx_audit_revision_category.revision_ordinal 
_pdbx_audit_revision_category.data_content_type 
_pdbx_audit_revision_category.category 
1 4 'Structure model' chem_comp_atom         
2 4 'Structure model' chem_comp_bond         
3 4 'Structure model' database_2             
4 4 'Structure model' pdbx_struct_conn_angle 
5 4 'Structure model' struct_conn            
6 4 'Structure model' struct_ref_seq_dif     
7 4 'Structure model' struct_site            
# 
loop_
_pdbx_audit_revision_item.ordinal 
_pdbx_audit_revision_item.revision_ordinal 
_pdbx_audit_revision_item.data_content_type 
_pdbx_audit_revision_item.item 
1  4 'Structure model' '_database_2.pdbx_DOI'                        
2  4 'Structure model' '_database_2.pdbx_database_accession'         
3  4 'Structure model' '_pdbx_struct_conn_angle.ptnr1_auth_comp_id'  
4  4 'Structure model' '_pdbx_struct_conn_angle.ptnr1_auth_seq_id'   
5  4 'Structure model' '_pdbx_struct_conn_angle.ptnr1_label_asym_id' 
6  4 'Structure model' '_pdbx_struct_conn_angle.ptnr1_label_atom_id' 
7  4 'Structure model' '_pdbx_struct_conn_angle.ptnr1_label_comp_id' 
8  4 'Structure model' '_pdbx_struct_conn_angle.ptnr1_label_seq_id'  
9  4 'Structure model' '_pdbx_struct_conn_angle.ptnr2_auth_seq_id'   
10 4 'Structure model' '_pdbx_struct_conn_angle.ptnr2_label_asym_id' 
11 4 'Structure model' '_pdbx_struct_conn_angle.ptnr3_auth_comp_id'  
12 4 'Structure model' '_pdbx_struct_conn_angle.ptnr3_auth_seq_id'   
13 4 'Structure model' '_pdbx_struct_conn_angle.ptnr3_label_asym_id' 
14 4 'Structure model' '_pdbx_struct_conn_angle.ptnr3_label_atom_id' 
15 4 'Structure model' '_pdbx_struct_conn_angle.ptnr3_label_comp_id' 
16 4 'Structure model' '_pdbx_struct_conn_angle.ptnr3_label_seq_id'  
17 4 'Structure model' '_pdbx_struct_conn_angle.value'               
18 4 'Structure model' '_struct_conn.pdbx_dist_value'                
19 4 'Structure model' '_struct_conn.ptnr1_auth_comp_id'             
20 4 'Structure model' '_struct_conn.ptnr1_auth_seq_id'              
21 4 'Structure model' '_struct_conn.ptnr1_label_asym_id'            
22 4 'Structure model' '_struct_conn.ptnr1_label_atom_id'            
23 4 'Structure model' '_struct_conn.ptnr1_label_comp_id'            
24 4 'Structure model' '_struct_conn.ptnr1_label_seq_id'             
25 4 'Structure model' '_struct_conn.ptnr2_auth_comp_id'             
26 4 'Structure model' '_struct_conn.ptnr2_auth_seq_id'              
27 4 'Structure model' '_struct_conn.ptnr2_label_asym_id'            
28 4 'Structure model' '_struct_conn.ptnr2_label_atom_id'            
29 4 'Structure model' '_struct_conn.ptnr2_label_comp_id'            
30 4 'Structure model' '_struct_ref_seq_dif.details'                 
31 4 'Structure model' '_struct_site.pdbx_auth_asym_id'              
32 4 'Structure model' '_struct_site.pdbx_auth_comp_id'              
33 4 'Structure model' '_struct_site.pdbx_auth_seq_id'               
# 
_pdbx_database_status.entry_id                        4DZ0 
_pdbx_database_status.deposit_site                    RCSB 
_pdbx_database_status.process_site                    RCSB 
_pdbx_database_status.recvd_initial_deposition_date   2012-02-29 
_pdbx_database_status.status_code                     REL 
_pdbx_database_status.status_code_sf                  REL 
_pdbx_database_status.status_code_mr                  ? 
_pdbx_database_status.SG_entry                        ? 
_pdbx_database_status.status_code_cs                  ? 
_pdbx_database_status.methods_development_category    ? 
_pdbx_database_status.pdb_format_compatible           Y 
_pdbx_database_status.status_code_nmr_data            ? 
# 
_pdbx_database_related.db_name        PDB 
_pdbx_database_related.db_id          2CEI 
_pdbx_database_related.details        . 
_pdbx_database_related.content_type   unspecified 
# 
loop_
_audit_author.name 
_audit_author.pdbx_ordinal 
'Tezcan, F.A.'  1 
'Huard, D.J.E.' 2 
# 
_citation.id                        primary 
_citation.title                     'Re-engineering protein interfaces yields copper-inducible ferritin cage assembly.' 
_citation.journal_abbrev            Nat.Chem.Biol. 
_citation.journal_volume            9 
_citation.page_first                169 
_citation.page_last                 176 
_citation.year                      2013 
_citation.journal_id_ASTM           ? 
_citation.country                   US 
_citation.journal_id_ISSN           1552-4450 
_citation.journal_id_CSD            ? 
_citation.book_publisher            ? 
_citation.pdbx_database_id_PubMed   23340339 
_citation.pdbx_database_id_DOI      10.1038/nchembio.1163 
# 
loop_
_citation_author.citation_id 
_citation_author.name 
_citation_author.ordinal 
_citation_author.identifier_ORCID 
primary 'Huard, D.J.'  1 ? 
primary 'Kane, K.M.'   2 ? 
primary 'Tezcan, F.A.' 3 ? 
# 
loop_
_entity.id 
_entity.type 
_entity.src_method 
_entity.pdbx_description 
_entity.formula_weight 
_entity.pdbx_number_of_molecules 
_entity.pdbx_ec 
_entity.pdbx_mutation 
_entity.pdbx_fragment 
_entity.details 
1 polymer     man 'Ferritin heavy chain'                       20021.188 1  1.16.3.1 
'K53C, L56H, R63H, E67H, K86Q, C90E, C102A, C130A' 'UNP residues 6-177' ? 
2 non-polymer syn '5-(1-SULFONAPHTHYL)-ACETYLAMINO-ETHYLAMINE' 308.353   1  ?        ? ?                    ? 
3 non-polymer syn 'COPPER (II) ION'                            63.546    3  ?        ? ?                    ? 
4 non-polymer syn 'CALCIUM ION'                                40.078    3  ?        ? ?                    ? 
5 water       nat water                                        18.015    51 ?        ? ?                    ? 
# 
_entity_name_com.entity_id   1 
_entity_name_com.name        'Ferritin H subunit, Cell proliferation-inducing gene 15 protein' 
# 
_entity_poly.entity_id                      1 
_entity_poly.type                           'polypeptide(L)' 
_entity_poly.nstd_linkage                   no 
_entity_poly.nstd_monomer                   no 
_entity_poly.pdbx_seq_one_letter_code       
;TSQVRQNYHQDSEAAINRQINLELYASYVYLSMSEYFDRDDVALKNFACYFHHQSHEEHEHAHKLMKLQEQRGGRIFLQD
IQKADEDDWESGLNAMEAALHLEKNVNQSLLELHKLATDKNDPHLADFIETHYLNEQVKAIKELGDHVTNLRKMGAPESG
LAEYLFDKHTLG
;
_entity_poly.pdbx_seq_one_letter_code_can   
;TSQVRQNYHQDSEAAINRQINLELYASYVYLSMSEYFDRDDVALKNFACYFHHQSHEEHEHAHKLMKLQEQRGGRIFLQD
IQKADEDDWESGLNAMEAALHLEKNVNQSLLELHKLATDKNDPHLADFIETHYLNEQVKAIKELGDHVTNLRKMGAPESG
LAEYLFDKHTLG
;
_entity_poly.pdbx_strand_id                 A 
_entity_poly.pdbx_target_identifier         ? 
# 
loop_
_pdbx_entity_nonpoly.entity_id 
_pdbx_entity_nonpoly.name 
_pdbx_entity_nonpoly.comp_id 
2 '5-(1-SULFONAPHTHYL)-ACETYLAMINO-ETHYLAMINE' AEN 
3 'COPPER (II) ION'                            CU  
4 'CALCIUM ION'                                CA  
5 water                                        HOH 
# 
loop_
_entity_poly_seq.entity_id 
_entity_poly_seq.num 
_entity_poly_seq.mon_id 
_entity_poly_seq.hetero 
1 1   THR n 
1 2   SER n 
1 3   GLN n 
1 4   VAL n 
1 5   ARG n 
1 6   GLN n 
1 7   ASN n 
1 8   TYR n 
1 9   HIS n 
1 10  GLN n 
1 11  ASP n 
1 12  SER n 
1 13  GLU n 
1 14  ALA n 
1 15  ALA n 
1 16  ILE n 
1 17  ASN n 
1 18  ARG n 
1 19  GLN n 
1 20  ILE n 
1 21  ASN n 
1 22  LEU n 
1 23  GLU n 
1 24  LEU n 
1 25  TYR n 
1 26  ALA n 
1 27  SER n 
1 28  TYR n 
1 29  VAL n 
1 30  TYR n 
1 31  LEU n 
1 32  SER n 
1 33  MET n 
1 34  SER n 
1 35  GLU n 
1 36  TYR n 
1 37  PHE n 
1 38  ASP n 
1 39  ARG n 
1 40  ASP n 
1 41  ASP n 
1 42  VAL n 
1 43  ALA n 
1 44  LEU n 
1 45  LYS n 
1 46  ASN n 
1 47  PHE n 
1 48  ALA n 
1 49  CYS n 
1 50  TYR n 
1 51  PHE n 
1 52  HIS n 
1 53  HIS n 
1 54  GLN n 
1 55  SER n 
1 56  HIS n 
1 57  GLU n 
1 58  GLU n 
1 59  HIS n 
1 60  GLU n 
1 61  HIS n 
1 62  ALA n 
1 63  HIS n 
1 64  LYS n 
1 65  LEU n 
1 66  MET n 
1 67  LYS n 
1 68  LEU n 
1 69  GLN n 
1 70  GLU n 
1 71  GLN n 
1 72  ARG n 
1 73  GLY n 
1 74  GLY n 
1 75  ARG n 
1 76  ILE n 
1 77  PHE n 
1 78  LEU n 
1 79  GLN n 
1 80  ASP n 
1 81  ILE n 
1 82  GLN n 
1 83  LYS n 
1 84  ALA n 
1 85  ASP n 
1 86  GLU n 
1 87  ASP n 
1 88  ASP n 
1 89  TRP n 
1 90  GLU n 
1 91  SER n 
1 92  GLY n 
1 93  LEU n 
1 94  ASN n 
1 95  ALA n 
1 96  MET n 
1 97  GLU n 
1 98  ALA n 
1 99  ALA n 
1 100 LEU n 
1 101 HIS n 
1 102 LEU n 
1 103 GLU n 
1 104 LYS n 
1 105 ASN n 
1 106 VAL n 
1 107 ASN n 
1 108 GLN n 
1 109 SER n 
1 110 LEU n 
1 111 LEU n 
1 112 GLU n 
1 113 LEU n 
1 114 HIS n 
1 115 LYS n 
1 116 LEU n 
1 117 ALA n 
1 118 THR n 
1 119 ASP n 
1 120 LYS n 
1 121 ASN n 
1 122 ASP n 
1 123 PRO n 
1 124 HIS n 
1 125 LEU n 
1 126 ALA n 
1 127 ASP n 
1 128 PHE n 
1 129 ILE n 
1 130 GLU n 
1 131 THR n 
1 132 HIS n 
1 133 TYR n 
1 134 LEU n 
1 135 ASN n 
1 136 GLU n 
1 137 GLN n 
1 138 VAL n 
1 139 LYS n 
1 140 ALA n 
1 141 ILE n 
1 142 LYS n 
1 143 GLU n 
1 144 LEU n 
1 145 GLY n 
1 146 ASP n 
1 147 HIS n 
1 148 VAL n 
1 149 THR n 
1 150 ASN n 
1 151 LEU n 
1 152 ARG n 
1 153 LYS n 
1 154 MET n 
1 155 GLY n 
1 156 ALA n 
1 157 PRO n 
1 158 GLU n 
1 159 SER n 
1 160 GLY n 
1 161 LEU n 
1 162 ALA n 
1 163 GLU n 
1 164 TYR n 
1 165 LEU n 
1 166 PHE n 
1 167 ASP n 
1 168 LYS n 
1 169 HIS n 
1 170 THR n 
1 171 LEU n 
1 172 GLY n 
# 
_entity_src_gen.entity_id                          1 
_entity_src_gen.pdbx_src_id                        1 
_entity_src_gen.pdbx_alt_source_flag               sample 
_entity_src_gen.pdbx_seq_type                      ? 
_entity_src_gen.pdbx_beg_seq_num                   ? 
_entity_src_gen.pdbx_end_seq_num                   ? 
_entity_src_gen.gene_src_common_name               human 
_entity_src_gen.gene_src_genus                     ? 
_entity_src_gen.pdbx_gene_src_gene                 'FTH1, FTH, FTHL6, OK/SW-cl.84, PIG15' 
_entity_src_gen.gene_src_species                   ? 
_entity_src_gen.gene_src_strain                    ? 
_entity_src_gen.gene_src_tissue                    ? 
_entity_src_gen.gene_src_tissue_fraction           ? 
_entity_src_gen.gene_src_details                   ? 
_entity_src_gen.pdbx_gene_src_fragment             ? 
_entity_src_gen.pdbx_gene_src_scientific_name      'Homo sapiens' 
_entity_src_gen.pdbx_gene_src_ncbi_taxonomy_id     9606 
_entity_src_gen.pdbx_gene_src_variant              ? 
_entity_src_gen.pdbx_gene_src_cell_line            ? 
_entity_src_gen.pdbx_gene_src_atcc                 ? 
_entity_src_gen.pdbx_gene_src_organ                ? 
_entity_src_gen.pdbx_gene_src_organelle            ? 
_entity_src_gen.pdbx_gene_src_cell                 ? 
_entity_src_gen.pdbx_gene_src_cellular_location    ? 
_entity_src_gen.host_org_common_name               ? 
_entity_src_gen.pdbx_host_org_scientific_name      'Escherichia coli' 
_entity_src_gen.pdbx_host_org_ncbi_taxonomy_id     562 
_entity_src_gen.host_org_genus                     ? 
_entity_src_gen.pdbx_host_org_gene                 ? 
_entity_src_gen.pdbx_host_org_organ                ? 
_entity_src_gen.host_org_species                   ? 
_entity_src_gen.pdbx_host_org_tissue               ? 
_entity_src_gen.pdbx_host_org_tissue_fraction      ? 
_entity_src_gen.pdbx_host_org_strain               ? 
_entity_src_gen.pdbx_host_org_variant              ? 
_entity_src_gen.pdbx_host_org_cell_line            ? 
_entity_src_gen.pdbx_host_org_atcc                 ? 
_entity_src_gen.pdbx_host_org_culture_collection   ? 
_entity_src_gen.pdbx_host_org_cell                 ? 
_entity_src_gen.pdbx_host_org_organelle            ? 
_entity_src_gen.pdbx_host_org_cellular_location    ? 
_entity_src_gen.pdbx_host_org_vector_type          ? 
_entity_src_gen.pdbx_host_org_vector               ? 
_entity_src_gen.host_org_details                   ? 
_entity_src_gen.expression_system_id               ? 
_entity_src_gen.plasmid_name                       ? 
_entity_src_gen.plasmid_details                    ? 
_entity_src_gen.pdbx_description                   ? 
# 
loop_
_chem_comp.id 
_chem_comp.type 
_chem_comp.mon_nstd_flag 
_chem_comp.name 
_chem_comp.pdbx_synonyms 
_chem_comp.formula 
_chem_comp.formula_weight 
AEN non-polymer         . '5-(1-SULFONAPHTHYL)-ACETYLAMINO-ETHYLAMINE' ? 'C14 H16 N2 O4 S' 308.353 
ALA 'L-peptide linking' y ALANINE                                      ? 'C3 H7 N O2'      89.093  
ARG 'L-peptide linking' y ARGININE                                     ? 'C6 H15 N4 O2 1'  175.209 
ASN 'L-peptide linking' y ASPARAGINE                                   ? 'C4 H8 N2 O3'     132.118 
ASP 'L-peptide linking' y 'ASPARTIC ACID'                              ? 'C4 H7 N O4'      133.103 
CA  non-polymer         . 'CALCIUM ION'                                ? 'Ca 2'            40.078  
CU  non-polymer         . 'COPPER (II) ION'                            ? 'Cu 2'            63.546  
CYS 'L-peptide linking' y CYSTEINE                                     ? 'C3 H7 N O2 S'    121.158 
GLN 'L-peptide linking' y GLUTAMINE                                    ? 'C5 H10 N2 O3'    146.144 
GLU 'L-peptide linking' y 'GLUTAMIC ACID'                              ? 'C5 H9 N O4'      147.129 
GLY 'peptide linking'   y GLYCINE                                      ? 'C2 H5 N O2'      75.067  
HIS 'L-peptide linking' y HISTIDINE                                    ? 'C6 H10 N3 O2 1'  156.162 
HOH non-polymer         . WATER                                        ? 'H2 O'            18.015  
ILE 'L-peptide linking' y ISOLEUCINE                                   ? 'C6 H13 N O2'     131.173 
LEU 'L-peptide linking' y LEUCINE                                      ? 'C6 H13 N O2'     131.173 
LYS 'L-peptide linking' y LYSINE                                       ? 'C6 H15 N2 O2 1'  147.195 
MET 'L-peptide linking' y METHIONINE                                   ? 'C5 H11 N O2 S'   149.211 
PHE 'L-peptide linking' y PHENYLALANINE                                ? 'C9 H11 N O2'     165.189 
PRO 'L-peptide linking' y PROLINE                                      ? 'C5 H9 N O2'      115.130 
SER 'L-peptide linking' y SERINE                                       ? 'C3 H7 N O3'      105.093 
THR 'L-peptide linking' y THREONINE                                    ? 'C4 H9 N O3'      119.119 
TRP 'L-peptide linking' y TRYPTOPHAN                                   ? 'C11 H12 N2 O2'   204.225 
TYR 'L-peptide linking' y TYROSINE                                     ? 'C9 H11 N O3'     181.189 
VAL 'L-peptide linking' y VALINE                                       ? 'C5 H11 N O2'     117.146 
# 
loop_
_pdbx_poly_seq_scheme.asym_id 
_pdbx_poly_seq_scheme.entity_id 
_pdbx_poly_seq_scheme.seq_id 
_pdbx_poly_seq_scheme.mon_id 
_pdbx_poly_seq_scheme.ndb_seq_num 
_pdbx_poly_seq_scheme.pdb_seq_num 
_pdbx_poly_seq_scheme.auth_seq_num 
_pdbx_poly_seq_scheme.pdb_mon_id 
_pdbx_poly_seq_scheme.auth_mon_id 
_pdbx_poly_seq_scheme.pdb_strand_id 
_pdbx_poly_seq_scheme.pdb_ins_code 
_pdbx_poly_seq_scheme.hetero 
A 1 1   THR 1   5   5   THR THR A . n 
A 1 2   SER 2   6   6   SER SER A . n 
A 1 3   GLN 3   7   7   GLN GLN A . n 
A 1 4   VAL 4   8   8   VAL VAL A . n 
A 1 5   ARG 5   9   9   ARG ARG A . n 
A 1 6   GLN 6   10  10  GLN GLN A . n 
A 1 7   ASN 7   11  11  ASN ASN A . n 
A 1 8   TYR 8   12  12  TYR TYR A . n 
A 1 9   HIS 9   13  13  HIS HIS A . n 
A 1 10  GLN 10  14  14  GLN GLN A . n 
A 1 11  ASP 11  15  15  ASP ASP A . n 
A 1 12  SER 12  16  16  SER SER A . n 
A 1 13  GLU 13  17  17  GLU GLU A . n 
A 1 14  ALA 14  18  18  ALA ALA A . n 
A 1 15  ALA 15  19  19  ALA ALA A . n 
A 1 16  ILE 16  20  20  ILE ILE A . n 
A 1 17  ASN 17  21  21  ASN ASN A . n 
A 1 18  ARG 18  22  22  ARG ARG A . n 
A 1 19  GLN 19  23  23  GLN GLN A . n 
A 1 20  ILE 20  24  24  ILE ILE A . n 
A 1 21  ASN 21  25  25  ASN ASN A . n 
A 1 22  LEU 22  26  26  LEU LEU A . n 
A 1 23  GLU 23  27  27  GLU GLU A . n 
A 1 24  LEU 24  28  28  LEU LEU A . n 
A 1 25  TYR 25  29  29  TYR TYR A . n 
A 1 26  ALA 26  30  30  ALA ALA A . n 
A 1 27  SER 27  31  31  SER SER A . n 
A 1 28  TYR 28  32  32  TYR TYR A . n 
A 1 29  VAL 29  33  33  VAL VAL A . n 
A 1 30  TYR 30  34  34  TYR TYR A . n 
A 1 31  LEU 31  35  35  LEU LEU A . n 
A 1 32  SER 32  36  36  SER SER A . n 
A 1 33  MET 33  37  37  MET MET A . n 
A 1 34  SER 34  38  38  SER SER A . n 
A 1 35  GLU 35  39  39  GLU GLU A . n 
A 1 36  TYR 36  40  40  TYR TYR A . n 
A 1 37  PHE 37  41  41  PHE PHE A . n 
A 1 38  ASP 38  42  42  ASP ASP A . n 
A 1 39  ARG 39  43  43  ARG ARG A . n 
A 1 40  ASP 40  44  44  ASP ASP A . n 
A 1 41  ASP 41  45  45  ASP ASP A . n 
A 1 42  VAL 42  46  46  VAL VAL A . n 
A 1 43  ALA 43  47  47  ALA ALA A . n 
A 1 44  LEU 44  48  48  LEU LEU A . n 
A 1 45  LYS 45  49  49  LYS LYS A . n 
A 1 46  ASN 46  50  50  ASN ASN A . n 
A 1 47  PHE 47  51  51  PHE PHE A . n 
A 1 48  ALA 48  52  52  ALA ALA A . n 
A 1 49  CYS 49  53  53  CYS CYS A . n 
A 1 50  TYR 50  54  54  TYR TYR A . n 
A 1 51  PHE 51  55  55  PHE PHE A . n 
A 1 52  HIS 52  56  56  HIS HIS A . n 
A 1 53  HIS 53  57  57  HIS HIS A . n 
A 1 54  GLN 54  58  58  GLN GLN A . n 
A 1 55  SER 55  59  59  SER SER A . n 
A 1 56  HIS 56  60  60  HIS HIS A . n 
A 1 57  GLU 57  61  61  GLU GLU A . n 
A 1 58  GLU 58  62  62  GLU GLU A . n 
A 1 59  HIS 59  63  63  HIS HIS A . n 
A 1 60  GLU 60  64  64  GLU GLU A . n 
A 1 61  HIS 61  65  65  HIS HIS A . n 
A 1 62  ALA 62  66  66  ALA ALA A . n 
A 1 63  HIS 63  67  67  HIS HIS A . n 
A 1 64  LYS 64  68  68  LYS LYS A . n 
A 1 65  LEU 65  69  69  LEU LEU A . n 
A 1 66  MET 66  70  70  MET MET A . n 
A 1 67  LYS 67  71  71  LYS LYS A . n 
A 1 68  LEU 68  72  72  LEU LEU A . n 
A 1 69  GLN 69  73  73  GLN GLN A . n 
A 1 70  GLU 70  74  74  GLU GLU A . n 
A 1 71  GLN 71  75  75  GLN GLN A . n 
A 1 72  ARG 72  76  76  ARG ARG A . n 
A 1 73  GLY 73  77  77  GLY GLY A . n 
A 1 74  GLY 74  78  78  GLY GLY A . n 
A 1 75  ARG 75  79  79  ARG ARG A . n 
A 1 76  ILE 76  80  80  ILE ILE A . n 
A 1 77  PHE 77  81  81  PHE PHE A . n 
A 1 78  LEU 78  82  82  LEU LEU A . n 
A 1 79  GLN 79  83  83  GLN GLN A . n 
A 1 80  ASP 80  84  84  ASP ASP A . n 
A 1 81  ILE 81  85  85  ILE ILE A . n 
A 1 82  GLN 82  86  86  GLN GLN A . n 
A 1 83  LYS 83  87  87  LYS LYS A . n 
A 1 84  ALA 84  88  88  ALA ALA A . n 
A 1 85  ASP 85  89  89  ASP ASP A . n 
A 1 86  GLU 86  90  90  GLU GLU A . n 
A 1 87  ASP 87  91  91  ASP ASP A . n 
A 1 88  ASP 88  92  92  ASP ASP A . n 
A 1 89  TRP 89  93  93  TRP TRP A . n 
A 1 90  GLU 90  94  94  GLU GLU A . n 
A 1 91  SER 91  95  95  SER SER A . n 
A 1 92  GLY 92  96  96  GLY GLY A . n 
A 1 93  LEU 93  97  97  LEU LEU A . n 
A 1 94  ASN 94  98  98  ASN ASN A . n 
A 1 95  ALA 95  99  99  ALA ALA A . n 
A 1 96  MET 96  100 100 MET MET A . n 
A 1 97  GLU 97  101 101 GLU GLU A . n 
A 1 98  ALA 98  102 102 ALA ALA A . n 
A 1 99  ALA 99  103 103 ALA ALA A . n 
A 1 100 LEU 100 104 104 LEU LEU A . n 
A 1 101 HIS 101 105 105 HIS HIS A . n 
A 1 102 LEU 102 106 106 LEU LEU A . n 
A 1 103 GLU 103 107 107 GLU GLU A . n 
A 1 104 LYS 104 108 108 LYS LYS A . n 
A 1 105 ASN 105 109 109 ASN ASN A . n 
A 1 106 VAL 106 110 110 VAL VAL A . n 
A 1 107 ASN 107 111 111 ASN ASN A . n 
A 1 108 GLN 108 112 112 GLN GLN A . n 
A 1 109 SER 109 113 113 SER SER A . n 
A 1 110 LEU 110 114 114 LEU LEU A . n 
A 1 111 LEU 111 115 115 LEU LEU A . n 
A 1 112 GLU 112 116 116 GLU GLU A . n 
A 1 113 LEU 113 117 117 LEU LEU A . n 
A 1 114 HIS 114 118 118 HIS HIS A . n 
A 1 115 LYS 115 119 119 LYS LYS A . n 
A 1 116 LEU 116 120 120 LEU LEU A . n 
A 1 117 ALA 117 121 121 ALA ALA A . n 
A 1 118 THR 118 122 122 THR THR A . n 
A 1 119 ASP 119 123 123 ASP ASP A . n 
A 1 120 LYS 120 124 124 LYS LYS A . n 
A 1 121 ASN 121 125 125 ASN ASN A . n 
A 1 122 ASP 122 126 126 ASP ASP A . n 
A 1 123 PRO 123 127 127 PRO PRO A . n 
A 1 124 HIS 124 128 128 HIS HIS A . n 
A 1 125 LEU 125 129 129 LEU LEU A . n 
A 1 126 ALA 126 130 130 ALA ALA A . n 
A 1 127 ASP 127 131 131 ASP ASP A . n 
A 1 128 PHE 128 132 132 PHE PHE A . n 
A 1 129 ILE 129 133 133 ILE ILE A . n 
A 1 130 GLU 130 134 134 GLU GLU A . n 
A 1 131 THR 131 135 135 THR THR A . n 
A 1 132 HIS 132 136 136 HIS HIS A . n 
A 1 133 TYR 133 137 137 TYR TYR A . n 
A 1 134 LEU 134 138 138 LEU LEU A . n 
A 1 135 ASN 135 139 139 ASN ASN A . n 
A 1 136 GLU 136 140 140 GLU GLU A . n 
A 1 137 GLN 137 141 141 GLN GLN A . n 
A 1 138 VAL 138 142 142 VAL VAL A . n 
A 1 139 LYS 139 143 143 LYS LYS A . n 
A 1 140 ALA 140 144 144 ALA ALA A . n 
A 1 141 ILE 141 145 145 ILE ILE A . n 
A 1 142 LYS 142 146 146 LYS LYS A . n 
A 1 143 GLU 143 147 147 GLU GLU A . n 
A 1 144 LEU 144 148 148 LEU LEU A . n 
A 1 145 GLY 145 149 149 GLY GLY A . n 
A 1 146 ASP 146 150 150 ASP ASP A . n 
A 1 147 HIS 147 151 151 HIS HIS A . n 
A 1 148 VAL 148 152 152 VAL VAL A . n 
A 1 149 THR 149 153 153 THR THR A . n 
A 1 150 ASN 150 154 154 ASN ASN A . n 
A 1 151 LEU 151 155 155 LEU LEU A . n 
A 1 152 ARG 152 156 156 ARG ARG A . n 
A 1 153 LYS 153 157 157 LYS LYS A . n 
A 1 154 MET 154 158 158 MET MET A . n 
A 1 155 GLY 155 159 159 GLY GLY A . n 
A 1 156 ALA 156 160 160 ALA ALA A . n 
A 1 157 PRO 157 161 161 PRO PRO A . n 
A 1 158 GLU 158 162 162 GLU GLU A . n 
A 1 159 SER 159 163 163 SER SER A . n 
A 1 160 GLY 160 164 164 GLY GLY A . n 
A 1 161 LEU 161 165 165 LEU LEU A . n 
A 1 162 ALA 162 166 166 ALA ALA A . n 
A 1 163 GLU 163 167 167 GLU GLU A . n 
A 1 164 TYR 164 168 168 TYR TYR A . n 
A 1 165 LEU 165 169 169 LEU LEU A . n 
A 1 166 PHE 166 170 170 PHE PHE A . n 
A 1 167 ASP 167 171 171 ASP ASP A . n 
A 1 168 LYS 168 172 172 LYS LYS A . n 
A 1 169 HIS 169 173 173 HIS HIS A . n 
A 1 170 THR 170 174 174 THR THR A . n 
A 1 171 LEU 171 175 175 LEU LEU A . n 
A 1 172 GLY 172 176 176 GLY GLY A . n 
# 
loop_
_pdbx_nonpoly_scheme.asym_id 
_pdbx_nonpoly_scheme.entity_id 
_pdbx_nonpoly_scheme.mon_id 
_pdbx_nonpoly_scheme.ndb_seq_num 
_pdbx_nonpoly_scheme.pdb_seq_num 
_pdbx_nonpoly_scheme.auth_seq_num 
_pdbx_nonpoly_scheme.pdb_mon_id 
_pdbx_nonpoly_scheme.auth_mon_id 
_pdbx_nonpoly_scheme.pdb_strand_id 
_pdbx_nonpoly_scheme.pdb_ins_code 
B 2 AEN 1  201 1  AEN AEN A . 
C 3 CU  1  202 1  CU  CU  A . 
D 3 CU  1  203 2  CU  CU  A . 
E 3 CU  1  204 3  CU  CU  A . 
F 4 CA  1  205 4  CA  CA  A . 
G 4 CA  1  206 5  CA  CA  A . 
H 4 CA  1  207 6  CA  CA  A . 
I 5 HOH 1  301 1  HOH HOH A . 
I 5 HOH 2  302 2  HOH HOH A . 
I 5 HOH 3  303 3  HOH HOH A . 
I 5 HOH 4  304 4  HOH HOH A . 
I 5 HOH 5  305 5  HOH HOH A . 
I 5 HOH 6  306 6  HOH HOH A . 
I 5 HOH 7  307 7  HOH HOH A . 
I 5 HOH 8  308 8  HOH HOH A . 
I 5 HOH 9  309 9  HOH HOH A . 
I 5 HOH 10 310 10 HOH HOH A . 
I 5 HOH 11 311 11 HOH HOH A . 
I 5 HOH 12 312 12 HOH HOH A . 
I 5 HOH 13 313 13 HOH HOH A . 
I 5 HOH 14 314 14 HOH HOH A . 
I 5 HOH 15 315 15 HOH HOH A . 
I 5 HOH 16 316 16 HOH HOH A . 
I 5 HOH 17 317 17 HOH HOH A . 
I 5 HOH 18 318 18 HOH HOH A . 
I 5 HOH 19 319 19 HOH HOH A . 
I 5 HOH 20 320 20 HOH HOH A . 
I 5 HOH 21 321 21 HOH HOH A . 
I 5 HOH 22 322 22 HOH HOH A . 
I 5 HOH 23 323 23 HOH HOH A . 
I 5 HOH 24 324 24 HOH HOH A . 
I 5 HOH 25 325 25 HOH HOH A . 
I 5 HOH 26 326 26 HOH HOH A . 
I 5 HOH 27 327 27 HOH HOH A . 
I 5 HOH 28 328 28 HOH HOH A . 
I 5 HOH 29 329 29 HOH HOH A . 
I 5 HOH 30 330 30 HOH HOH A . 
I 5 HOH 31 331 31 HOH HOH A . 
I 5 HOH 32 332 32 HOH HOH A . 
I 5 HOH 33 333 33 HOH HOH A . 
I 5 HOH 34 334 34 HOH HOH A . 
I 5 HOH 35 335 35 HOH HOH A . 
I 5 HOH 36 336 36 HOH HOH A . 
I 5 HOH 37 337 37 HOH HOH A . 
I 5 HOH 38 338 38 HOH HOH A . 
I 5 HOH 39 339 39 HOH HOH A . 
I 5 HOH 40 340 40 HOH HOH A . 
I 5 HOH 41 341 41 HOH HOH A . 
I 5 HOH 42 342 42 HOH HOH A . 
I 5 HOH 43 343 43 HOH HOH A . 
I 5 HOH 44 344 44 HOH HOH A . 
I 5 HOH 45 345 45 HOH HOH A . 
I 5 HOH 46 346 46 HOH HOH A . 
I 5 HOH 47 347 47 HOH HOH A . 
I 5 HOH 48 348 48 HOH HOH A . 
I 5 HOH 49 349 49 HOH HOH A . 
I 5 HOH 50 350 50 HOH HOH A . 
I 5 HOH 51 351 51 HOH HOH A . 
# 
loop_
_software.pdbx_ordinal 
_software.name 
_software.version 
_software.date 
_software.type 
_software.contact_author 
_software.contact_author_email 
_software.classification 
_software.location 
_software.language 
_software.citation_id 
1 MOSFLM      .      ?               package 'Andrew G.W. Leslie' andrew@mrc-lmb.cam.ac.uk 'data reduction'  
http://www.mrc-lmb.cam.ac.uk/harry/mosflm/   ?          ? 
2 SCALA       3.3.15 2009/03/31      other   'Phil R. Evans'      pre@mrc-lmb.cam.ac.uk    'data scaling'    
http://www.ccp4.ac.uk/dist/html/scala.html   Fortran_77 ? 
3 MOLREP      .      ?               program 'Alexei Vaguine'     alexei@ysbl.york.ac.uk   phasing           
http://www.ccp4.ac.uk/dist/html/molrep.html  Fortran_77 ? 
4 REFMAC      .      ?               program 'Garib N. Murshudov' garib@ysbl.york.ac.uk    refinement        
http://www.ccp4.ac.uk/dist/html/refmac5.html Fortran_77 ? 
5 PDB_EXTRACT 3.10   'June 10, 2010' package PDB                  deposit@deposit.rcsb.org 'data extraction' 
http://sw-tools.pdb.org/apps/PDB_EXTRACT/    C++        ? 
6 Blu-Ice     .      ?               ?       ?                    ?                        'data collection' ? ?          ? 
# 
_cell.length_a           180.434 
_cell.length_b           180.434 
_cell.length_c           180.434 
_cell.angle_alpha        90.000 
_cell.angle_beta         90.000 
_cell.angle_gamma        90.000 
_cell.entry_id           4DZ0 
_cell.pdbx_unique_axis   ? 
_cell.Z_PDB              96 
_cell.length_a_esd       ? 
_cell.length_b_esd       ? 
_cell.length_c_esd       ? 
_cell.angle_alpha_esd    ? 
_cell.angle_beta_esd     ? 
_cell.angle_gamma_esd    ? 
# 
_symmetry.space_group_name_H-M             'F 4 3 2' 
_symmetry.entry_id                         4DZ0 
_symmetry.Int_Tables_number                209 
_symmetry.pdbx_full_space_group_name_H-M   ? 
_symmetry.cell_setting                     ? 
_symmetry.space_group_name_Hall            ? 
# 
_exptl.crystals_number   1 
_exptl.entry_id          4DZ0 
_exptl.method            'X-RAY DIFFRACTION' 
# 
_exptl_crystal.id                    1 
_exptl_crystal.density_Matthews      3.06 
_exptl_crystal.density_meas          ? 
_exptl_crystal.density_percent_sol   59.75 
_exptl_crystal.description           ? 
_exptl_crystal.F_000                 ? 
_exptl_crystal.preparation           ? 
# 
_exptl_crystal_grow.crystal_id      1 
_exptl_crystal_grow.method          'VAPOR DIFFUSION, SITTING DROP' 
_exptl_crystal_grow.pH              8.0 
_exptl_crystal_grow.temp            298 
_exptl_crystal_grow.temp_details    ? 
_exptl_crystal_grow.pdbx_details    
;50 mM Tris, 5 mM calcium chloride, 50 mM sodium chloride, 10% PEG 3350, 350   M cupric chloride, pH 8.0, VAPOR DIFFUSION, SITTING DROP, temperature 298K
;
_exptl_crystal_grow.pdbx_pH_range   ? 
# 
_diffrn.id                     1 
_diffrn.ambient_temp           100 
_diffrn.ambient_temp_details   ? 
_diffrn.crystal_id             1 
# 
_diffrn_detector.diffrn_id              1 
_diffrn_detector.detector               CCD 
_diffrn_detector.type                   'MARMOSAIC 325 mm CCD' 
_diffrn_detector.pdbx_collection_date   2011-07-23 
_diffrn_detector.details                ? 
# 
_diffrn_radiation.diffrn_id                        1 
_diffrn_radiation.wavelength_id                    1 
_diffrn_radiation.pdbx_diffrn_protocol             'SINGLE WAVELENGTH' 
_diffrn_radiation.monochromator                    'Rh coated flat mirror, toroidal focusing mirror' 
_diffrn_radiation.pdbx_monochromatic_or_laue_m_l   M 
_diffrn_radiation.pdbx_scattering_type             x-ray 
# 
_diffrn_radiation_wavelength.id           1 
_diffrn_radiation_wavelength.wavelength   0.98 
_diffrn_radiation_wavelength.wt           1.0 
# 
_diffrn_source.diffrn_id                   1 
_diffrn_source.source                      SYNCHROTRON 
_diffrn_source.type                        'SSRL BEAMLINE BL9-2' 
_diffrn_source.pdbx_wavelength             ? 
_diffrn_source.pdbx_wavelength_list        0.98 
_diffrn_source.pdbx_synchrotron_site       SSRL 
_diffrn_source.pdbx_synchrotron_beamline   BL9-2 
# 
_reflns.entry_id                     4DZ0 
_reflns.d_resolution_high            2.500 
_reflns.d_resolution_low             104.173 
_reflns.number_all                   9200 
_reflns.number_obs                   9200 
_reflns.pdbx_netI_over_sigmaI        26.800 
_reflns.pdbx_Rsym_value              0.085 
_reflns.pdbx_redundancy              20.300 
_reflns.percent_possible_obs         100.000 
_reflns.observed_criterion_sigma_F   3 
_reflns.observed_criterion_sigma_I   3 
_reflns.pdbx_Rmerge_I_obs            ? 
_reflns.B_iso_Wilson_estimate        ? 
_reflns.R_free_details               ? 
_reflns.limit_h_max                  ? 
_reflns.limit_h_min                  ? 
_reflns.limit_k_max                  ? 
_reflns.limit_k_min                  ? 
_reflns.limit_l_max                  ? 
_reflns.limit_l_min                  ? 
_reflns.observed_criterion_F_max     ? 
_reflns.observed_criterion_F_min     ? 
_reflns.pdbx_chi_squared             ? 
_reflns.pdbx_scaling_rejects         ? 
_reflns.pdbx_ordinal                 1 
_reflns.pdbx_diffrn_id               1 
# 
loop_
_reflns_shell.d_res_high 
_reflns_shell.d_res_low 
_reflns_shell.number_measured_obs 
_reflns_shell.number_measured_all 
_reflns_shell.number_unique_obs 
_reflns_shell.Rmerge_I_obs 
_reflns_shell.meanI_over_sigI_obs 
_reflns_shell.pdbx_Rsym_value 
_reflns_shell.pdbx_chi_squared 
_reflns_shell.pdbx_redundancy 
_reflns_shell.percent_possible_obs 
_reflns_shell.number_unique_all 
_reflns_shell.percent_possible_all 
_reflns_shell.pdbx_ordinal 
_reflns_shell.pdbx_diffrn_id 
2.500 2.640  ? 27034 ? 0.405 1.900  0.405 ? 20.900 ? 1294 100.000 1  1 
2.640 2.800  ? 25656 ? 0.284 2.700  0.284 ? 20.800 ? 1231 100.000 2  1 
2.800 2.990  ? 24258 ? 0.194 4.000  0.194 ? 20.700 ? 1171 100.000 3  1 
2.990 3.230  ? 22333 ? 0.135 5.500  0.135 ? 20.700 ? 1080 100.000 4  1 
3.230 3.540  ? 20801 ? 0.103 6.600  0.103 ? 20.600 ? 1010 100.000 5  1 
3.540 3.950  ? 19072 ? 0.080 8.200  0.080 ? 20.300 ? 938  100.000 6  1 
3.950 4.560  ? 16615 ? 0.060 10.800 0.060 ? 20.100 ? 826  100.000 7  1 
4.560 5.590  ? 14065 ? 0.051 12.800 0.051 ? 19.700 ? 715  100.000 8  1 
5.590 7.910  ? 10903 ? 0.047 13.600 0.047 ? 18.900 ? 576  100.000 9  1 
7.910 90.217 ? 5836  ? 0.037 15.900 0.037 ? 16.300 ? 359  99.300  10 1 
# 
_refine.pdbx_refine_id                           'X-RAY DIFFRACTION' 
_refine.entry_id                                 4DZ0 
_refine.pdbx_diffrn_id                           1 
_refine.pdbx_TLS_residual_ADP_flag               ? 
_refine.ls_number_reflns_obs                     8548 
_refine.ls_number_reflns_all                     ? 
_refine.pdbx_ls_sigma_I                          ? 
_refine.pdbx_ls_sigma_F                          . 
_refine.pdbx_data_cutoff_high_absF               ? 
_refine.pdbx_data_cutoff_low_absF                ? 
_refine.pdbx_data_cutoff_high_rms_absF           ? 
_refine.ls_d_res_low                             36.84 
_refine.ls_d_res_high                            2.50 
_refine.ls_percent_reflns_obs                    99.98 
_refine.ls_R_factor_obs                          0.22945 
_refine.ls_R_factor_all                          ? 
_refine.ls_R_factor_R_work                       0.22430 
_refine.ls_R_factor_R_free                       0.29992 
_refine.ls_R_factor_R_free_error                 ? 
_refine.ls_R_factor_R_free_error_details         ? 
_refine.ls_percent_reflns_R_free                 7.1 
_refine.ls_number_reflns_R_free                  649 
_refine.ls_number_parameters                     ? 
_refine.ls_number_restraints                     ? 
_refine.occupancy_min                            ? 
_refine.occupancy_max                            ? 
_refine.correlation_coeff_Fo_to_Fc               0.926 
_refine.correlation_coeff_Fo_to_Fc_free          0.842 
_refine.B_iso_mean                               38.570 
_refine.aniso_B[1][1]                            ? 
_refine.aniso_B[2][2]                            ? 
_refine.aniso_B[3][3]                            ? 
_refine.aniso_B[1][2]                            ? 
_refine.aniso_B[1][3]                            ? 
_refine.aniso_B[2][3]                            ? 
_refine.solvent_model_details                    'BABINET MODEL WITH MASK' 
_refine.solvent_model_param_ksol                 ? 
_refine.solvent_model_param_bsol                 ? 
_refine.pdbx_solvent_vdw_probe_radii             1.40 
_refine.pdbx_solvent_ion_probe_radii             0.80 
_refine.pdbx_solvent_shrinkage_radii             0.80 
_refine.pdbx_ls_cross_valid_method               THROUGHOUT 
_refine.details                                  'HYDROGENS HAVE BEEN ADDED IN THE RIDING POSITIONS' 
_refine.pdbx_starting_model                      ? 
_refine.pdbx_method_to_determine_struct          ? 
_refine.pdbx_isotropic_thermal_model             ? 
_refine.pdbx_stereochemistry_target_values       'MAXIMUM LIKELIHOOD' 
_refine.pdbx_stereochem_target_val_spec_case     ? 
_refine.pdbx_R_Free_selection_details            RANDOM 
_refine.pdbx_overall_ESU_R                       0.438 
_refine.pdbx_overall_ESU_R_Free                  0.321 
_refine.overall_SU_ML                            0.227 
_refine.pdbx_overall_phase_error                 ? 
_refine.overall_SU_B                             10.127 
_refine.overall_SU_R_Cruickshank_DPI             ? 
_refine.pdbx_overall_SU_R_free_Cruickshank_DPI   ? 
_refine.pdbx_overall_SU_R_Blow_DPI               ? 
_refine.pdbx_overall_SU_R_free_Blow_DPI          ? 
_refine.ls_redundancy_reflns_obs                 ? 
_refine.B_iso_min                                ? 
_refine.B_iso_max                                ? 
_refine.overall_SU_R_free                        ? 
_refine.ls_wR_factor_R_free                      ? 
_refine.ls_wR_factor_R_work                      ? 
_refine.overall_FOM_free_R_set                   ? 
_refine.overall_FOM_work_R_set                   ? 
# 
_refine_hist.pdbx_refine_id                   'X-RAY DIFFRACTION' 
_refine_hist.cycle_id                         LAST 
_refine_hist.pdbx_number_atoms_protein        1410 
_refine_hist.pdbx_number_atoms_nucleic_acid   0 
_refine_hist.pdbx_number_atoms_ligand         27 
_refine_hist.number_atoms_solvent             51 
_refine_hist.number_atoms_total               1488 
_refine_hist.d_res_high                       2.50 
_refine_hist.d_res_low                        36.84 
# 
loop_
_refine_ls_restr.type 
_refine_ls_restr.dev_ideal 
_refine_ls_restr.dev_ideal_target 
_refine_ls_restr.weight 
_refine_ls_restr.number 
_refine_ls_restr.pdbx_refine_id 
_refine_ls_restr.pdbx_restraint_function 
r_bond_refined_d             0.007  0.021  ? 1470 'X-RAY DIFFRACTION' ? 
r_bond_other_d               ?      ?      ? ?    'X-RAY DIFFRACTION' ? 
r_angle_refined_deg          0.953  1.948  ? 1984 'X-RAY DIFFRACTION' ? 
r_angle_other_deg            ?      ?      ? ?    'X-RAY DIFFRACTION' ? 
r_dihedral_angle_1_deg       4.887  5.000  ? 173  'X-RAY DIFFRACTION' ? 
r_dihedral_angle_2_deg       39.989 25.349 ? 86   'X-RAY DIFFRACTION' ? 
r_dihedral_angle_3_deg       15.184 15.000 ? 258  'X-RAY DIFFRACTION' ? 
r_dihedral_angle_4_deg       18.690 15.000 ? 6    'X-RAY DIFFRACTION' ? 
r_chiral_restr               0.074  0.200  ? 205  'X-RAY DIFFRACTION' ? 
r_gen_planes_refined         0.003  0.020  ? 1149 'X-RAY DIFFRACTION' ? 
r_gen_planes_other           ?      ?      ? ?    'X-RAY DIFFRACTION' ? 
r_nbd_refined                0.181  0.200  ? 647  'X-RAY DIFFRACTION' ? 
r_nbd_other                  ?      ?      ? ?    'X-RAY DIFFRACTION' ? 
r_nbtor_refined              0.290  0.200  ? 1014 'X-RAY DIFFRACTION' ? 
r_nbtor_other                ?      ?      ? ?    'X-RAY DIFFRACTION' ? 
r_xyhbond_nbd_refined        0.121  0.200  ? 59   'X-RAY DIFFRACTION' ? 
r_xyhbond_nbd_other          ?      ?      ? ?    'X-RAY DIFFRACTION' ? 
r_metal_ion_refined          0.022  0.200  ? 2    'X-RAY DIFFRACTION' ? 
r_metal_ion_other            ?      ?      ? ?    'X-RAY DIFFRACTION' ? 
r_symmetry_vdw_refined       0.173  0.200  ? 63   'X-RAY DIFFRACTION' ? 
r_symmetry_vdw_other         ?      ?      ? ?    'X-RAY DIFFRACTION' ? 
r_symmetry_hbond_refined     0.149  0.200  ? 12   'X-RAY DIFFRACTION' ? 
r_symmetry_hbond_other       ?      ?      ? ?    'X-RAY DIFFRACTION' ? 
r_symmetry_metal_ion_refined 0.007  0.200  ? 1    'X-RAY DIFFRACTION' ? 
r_symmetry_metal_ion_other   ?      ?      ? ?    'X-RAY DIFFRACTION' ? 
r_mcbond_it                  0.417  1.500  ? 887  'X-RAY DIFFRACTION' ? 
r_mcbond_other               ?      ?      ? ?    'X-RAY DIFFRACTION' ? 
r_mcangle_it                 0.771  2.000  ? 1368 'X-RAY DIFFRACTION' ? 
r_scbond_it                  1.140  3.000  ? 671  'X-RAY DIFFRACTION' ? 
r_scangle_it                 1.737  4.500  ? 615  'X-RAY DIFFRACTION' ? 
r_rigid_bond_restr           ?      ?      ? ?    'X-RAY DIFFRACTION' ? 
r_sphericity_free            ?      ?      ? ?    'X-RAY DIFFRACTION' ? 
r_sphericity_bonded          ?      ?      ? ?    'X-RAY DIFFRACTION' ? 
# 
_refine_ls_shell.pdbx_refine_id                   'X-RAY DIFFRACTION' 
_refine_ls_shell.pdbx_total_number_of_bins_used   20 
_refine_ls_shell.d_res_high                       2.500 
_refine_ls_shell.d_res_low                        2.565 
_refine_ls_shell.number_reflns_R_work             611 
_refine_ls_shell.R_factor_R_work                  0.294 
_refine_ls_shell.percent_reflns_obs               100.00 
_refine_ls_shell.R_factor_R_free                  0.353 
_refine_ls_shell.R_factor_R_free_error            ? 
_refine_ls_shell.percent_reflns_R_free            ? 
_refine_ls_shell.number_reflns_R_free             36 
_refine_ls_shell.number_reflns_all                ? 
_refine_ls_shell.R_factor_all                     ? 
_refine_ls_shell.redundancy_reflns_obs            ? 
_refine_ls_shell.number_reflns_obs                ? 
# 
_struct.entry_id                  4DZ0 
_struct.title                     
'Crystal structure of the Cu-adduct of human H-Ferritin variant MIC1 labeled with a dansyl fluorophore' 
_struct.pdbx_model_details        ? 
_struct.pdbx_CASP_flag            ? 
_struct.pdbx_model_type_details   ? 
# 
_struct_keywords.entry_id        4DZ0 
_struct_keywords.pdbx_keywords   OXIDOREDUCTASE 
_struct_keywords.text            'Four-helix bundle, Oxidoreductase' 
# 
loop_
_struct_asym.id 
_struct_asym.pdbx_blank_PDB_chainid_flag 
_struct_asym.pdbx_modified 
_struct_asym.entity_id 
_struct_asym.details 
A N N 1 ? 
B N N 2 ? 
C N N 3 ? 
D N N 3 ? 
E N N 3 ? 
F N N 4 ? 
G N N 4 ? 
H N N 4 ? 
I N N 5 ? 
# 
_struct_ref.id                         1 
_struct_ref.db_name                    UNP 
_struct_ref.db_code                    FRIH_HUMAN 
_struct_ref.pdbx_db_accession          P02794 
_struct_ref.entity_id                  1 
_struct_ref.pdbx_seq_one_letter_code   
;TSQVRQNYHQDSEAAINRQINLELYASYVYLSMSYYFDRDDVALKNFAKYFLHQSHEEREHAEKLMKLQNQRGGRIFLQD
IKKPDCDDWESGLNAMECALHLEKNVNQSLLELHKLATDKNDPHLCDFIETHYLNEQVKAIKELGDHVTNLRKMGAPESG
LAEYLFDKHTLG
;
_struct_ref.pdbx_align_begin           6 
_struct_ref.pdbx_db_isoform            ? 
# 
_struct_ref_seq.align_id                      1 
_struct_ref_seq.ref_id                        1 
_struct_ref_seq.pdbx_PDB_id_code              4DZ0 
_struct_ref_seq.pdbx_strand_id                A 
_struct_ref_seq.seq_align_beg                 1 
_struct_ref_seq.pdbx_seq_align_beg_ins_code   ? 
_struct_ref_seq.seq_align_end                 172 
_struct_ref_seq.pdbx_seq_align_end_ins_code   ? 
_struct_ref_seq.pdbx_db_accession             P02794 
_struct_ref_seq.db_align_beg                  6 
_struct_ref_seq.pdbx_db_align_beg_ins_code    ? 
_struct_ref_seq.db_align_end                  177 
_struct_ref_seq.pdbx_db_align_end_ins_code    ? 
_struct_ref_seq.pdbx_auth_seq_align_beg       5 
_struct_ref_seq.pdbx_auth_seq_align_end       176 
# 
loop_
_struct_ref_seq_dif.align_id 
_struct_ref_seq_dif.pdbx_pdb_id_code 
_struct_ref_seq_dif.mon_id 
_struct_ref_seq_dif.pdbx_pdb_strand_id 
_struct_ref_seq_dif.seq_num 
_struct_ref_seq_dif.pdbx_pdb_ins_code 
_struct_ref_seq_dif.pdbx_seq_db_name 
_struct_ref_seq_dif.pdbx_seq_db_accession_code 
_struct_ref_seq_dif.db_mon_id 
_struct_ref_seq_dif.pdbx_seq_db_seq_num 
_struct_ref_seq_dif.details 
_struct_ref_seq_dif.pdbx_auth_seq_num 
_struct_ref_seq_dif.pdbx_ordinal 
1 4DZ0 GLU A 35  ? UNP P02794 TYR 40  conflict              39  1  
1 4DZ0 CYS A 49  ? UNP P02794 LYS 54  'engineered mutation' 53  2  
1 4DZ0 HIS A 52  ? UNP P02794 LEU 57  'engineered mutation' 56  3  
1 4DZ0 HIS A 59  ? UNP P02794 ARG 64  'engineered mutation' 63  4  
1 4DZ0 HIS A 63  ? UNP P02794 GLU 68  'engineered mutation' 67  5  
1 4DZ0 GLU A 70  ? UNP P02794 ASN 75  conflict              74  6  
1 4DZ0 GLN A 82  ? UNP P02794 LYS 87  'engineered mutation' 86  7  
1 4DZ0 ALA A 84  ? UNP P02794 PRO 89  conflict              88  8  
1 4DZ0 GLU A 86  ? UNP P02794 CYS 91  'engineered mutation' 90  9  
1 4DZ0 ALA A 98  ? UNP P02794 CYS 103 'engineered mutation' 102 10 
1 4DZ0 ALA A 126 ? UNP P02794 CYS 131 'engineered mutation' 130 11 
# 
_pdbx_struct_assembly.id                   1 
_pdbx_struct_assembly.details              author_and_software_defined_assembly 
_pdbx_struct_assembly.method_details       PISA 
_pdbx_struct_assembly.oligomeric_details   24-meric 
_pdbx_struct_assembly.oligomeric_count     24 
# 
loop_
_pdbx_struct_assembly_prop.biol_id 
_pdbx_struct_assembly_prop.type 
_pdbx_struct_assembly_prop.value 
_pdbx_struct_assembly_prop.details 
1 'ABSA (A^2)' 109010 ? 
1 MORE         -1175  ? 
1 'SSA (A^2)'  143660 ? 
# 
_pdbx_struct_assembly_gen.assembly_id       1 
_pdbx_struct_assembly_gen.oper_expression   1,2,3,4,5,6,7,8,9,10,11,12,13,14,15,16,17,18,19,20,21,22,23,24 
_pdbx_struct_assembly_gen.asym_id_list      A,B,C,D,E,F,G,H,I 
# 
loop_
_pdbx_struct_oper_list.id 
_pdbx_struct_oper_list.type 
_pdbx_struct_oper_list.name 
_pdbx_struct_oper_list.symmetry_operation 
_pdbx_struct_oper_list.matrix[1][1] 
_pdbx_struct_oper_list.matrix[1][2] 
_pdbx_struct_oper_list.matrix[1][3] 
_pdbx_struct_oper_list.vector[1] 
_pdbx_struct_oper_list.matrix[2][1] 
_pdbx_struct_oper_list.matrix[2][2] 
_pdbx_struct_oper_list.matrix[2][3] 
_pdbx_struct_oper_list.vector[2] 
_pdbx_struct_oper_list.matrix[3][1] 
_pdbx_struct_oper_list.matrix[3][2] 
_pdbx_struct_oper_list.matrix[3][3] 
_pdbx_struct_oper_list.vector[3] 
1  'identity operation'         1_555  x,y,z    1.0000000000  0.0000000000  0.0000000000  0.0000000000   0.0000000000  1.0000000000  0.0000000000  0.0000000000   0.0000000000  0.0000000000  1.0000000000  0.0000000000   
2  'crystal symmetry operation' 2_555  -x,-y,z  -0.9517223356 -0.0459806970 0.3034969051  -25.6441481517 -0.0459806970 -0.9562069847 -0.2890570496 -93.8596828921 0.3034969051  -0.2890570496 0.9079293203  -10.1407757639 
3  'crystal symmetry operation' 3_555  -x,y,-z  -0.7617623673 -0.6338621071 -0.1339288054 -49.9345395945 -0.6338621071 0.6864723104  0.3563349495  -23.9689124826 -0.1339288054 0.3563349495  -0.9247099431 24.6153085488  
4  'crystal symmetry operation' 4_555  x,-y,-z  0.7134847029  0.6798428041  -0.1695680997 30.4524457633  0.6798428041  -0.7302653257 -0.0672778999 -75.7596448893 -0.1695680997 -0.0672778999 -0.9832193772 3.9815894949   
5  'crystal symmetry operation' 5_555  z,x,y    -0.2292737174 -0.1210446212 0.9658062757  -24.1825892920 0.9580911484  0.1470067128  0.2458665853  -31.6080400445 -0.1717408335 0.9817011898  0.0822670046  49.8083949428  
6  'crystal symmetry operation' 6_555  z,-x,-y  0.5168898495  -0.1528872349 0.8422887729  -16.7358752277 -0.8439764689 -0.2556920141 0.4715138534  -72.4687527562 0.1432780635  -0.9545926290 -0.2611978354 -38.7638712948 
7  'crystal symmetry operation' 7_555  -z,-x,y  0.1220284076  0.4063846713  -0.9055167401 13.9410156351  -0.8559483841 -0.4187707790 -0.3032876495 -76.9213896033 -0.5024554025 0.8120852994  0.2967423714  36.8789121926  
8  'crystal symmetry operation' 8_555  -z,x,-y  -0.4096445397 -0.1324528152 -0.9025783084 -18.1487930983 0.7418337046  0.5274560803  -0.4140927892 -12.5900578601 0.5309181724  -0.8391938602 -0.1178115406 -29.4673135608 
9  'crystal symmetry operation' 9_555  y,z,x    -0.2292737174 0.9580911484  -0.1717408335 33.2930865038  -0.1210446212 0.1470067128  0.9817011898  -47.1775388715 0.9658062757  0.2458665853  0.0822670046  27.0294699204  
10 'crystal symmetry operation' 10_555 -y,z,-x  0.1220284076  -0.8559483841 -0.5024554025 -49.0119304057 0.4063846713  -0.4187707790 0.8120852994  -67.8266677559 -0.9055167401 -0.3032876495 0.2967423714  -21.6490202777 
11 'crystal symmetry operation' 11_555 y,-z,-x  -0.4096445397 0.7418337046  0.5309181724  17.5499075312  -0.1324528152 0.5274560803  -0.8391938602 -20.4919447867 -0.9025783084 -0.4140927892 -0.1178115406 -25.0657487589 
12 'crystal symmetry operation' 12_555 -y,-z,x  0.5168898495  -0.8439764689 0.1432780635  -46.9573056123 -0.1528872349 -0.2556920141 -0.9545926290 -58.0920888500 0.8422887729  0.4715138534  -0.2611978354 38.1414213961  
13 'crystal symmetry operation' 13_555 y,x,-z   -0.6630570893 0.7462040568  0.0594542005  17.0778798982  0.7462040568  0.6525662855  0.1316690876  -9.0039493353  0.0594542005  0.1316690876  -0.9895091962 16.2227891536  
14 'crystal symmetry operation' 14_555 -y,-x,-z 0.6147794249  -0.7002233598 -0.3629511056 -36.5599737294 -0.7002233598 -0.6963593008 0.1573879619  -90.7246080366 -0.3629511056 0.1573879619  -0.9184201241 12.3741088900  
15 'crystal symmetry operation' 15_555 y,-x,z   0.0241388322  0.9537207962  0.2997231384  33.7651141368  -0.9997014932 0.0218965076  0.0108382419  -58.6655343228 0.0037737667  -0.2998952915 0.9539646602  -14.2590679922 
16 'crystal symmetry operation' 16_555 -y,x,z   0.0241388322  -0.9997014932 0.0037737667  -59.4092622885 0.9537207962  0.0218965076  -0.2998952915 -35.1941485693 0.2997231384  0.0108382419  0.9539646602  4.1182922283   
17 'crystal symmetry operation' 17_555 x,z,-y   0.8567423515  0.2483227591  -0.4520269356 12.4875877592  0.4315200450  0.1348673371  0.8919648267  -41.1172109345 0.2824588359  -0.9592427267 0.0083903114  -38.6626339990 
18 'crystal symmetry operation' 18_555 -x,z,y   -0.9639876613 -0.1461799948 -0.2221693004 -28.2064316610 -0.1461799948 -0.4066314033 0.9018216625  -73.8869956929 -0.2221693004 0.9018216625  0.3706190646  44.0430836416  
19 'crystal symmetry operation' 19_555 -x,-z,-y -0.7494970417 -0.5336628092 0.3917374000  -47.3722560852 -0.5336628092 0.1368967290  -0.8345437626 -43.9415996818 0.3917374000  -0.8345437626 -0.3873996874 -29.5685508567 
20 'crystal symmetry operation' 20_555 x,-z,y   0.8567423515  0.4315200450  0.2824588359  17.9648580041  0.2483227591  0.1348673371  -0.9592427267 -34.6424339548 -0.4520269356 0.8919648267  0.0083903114  42.6442234938  
21 'crystal symmetry operation' 21_555 z,y,-x   0.1191188163  -0.5109543214 0.8513145066  -38.5943925029 -0.1229077857 0.8432361552  0.5233034137  -11.3880387809 -0.9852433120 -0.1669684642 0.0376450285  -14.7555295598 
22 'crystal symmetry operation' 22_555 z,-y,x   0.1684973157  0.2370224653  0.9567805420  -2.3240720168  0.2370224653  -0.9519214565 0.1940770250  -92.6887540197 0.9567805420  0.1940770250  -0.2165758592 25.8000532078  
23 'crystal symmetry operation' 23_555 -z,y,x   0.1191188163  -0.1229077857 -0.9852433120 -11.3401470916 -0.5109543214 0.8432361552  -0.1669684642 -12.5808737017 0.8513145066  0.5233034137  0.0376450285  39.3708381086  
24 'crystal symmetry operation' 24_555 -z,-y,-x -0.4067349484 0.3968396419  -0.8228517366 7.1323696284   0.3968396419  -0.7345508539 -0.5504119745 -76.9305737617 -0.8228517366 -0.5504119745 0.1412858023  -31.9592394768 
# 
_struct_biol.id        1 
_struct_biol.details   ? 
# 
loop_
_struct_conf.conf_type_id 
_struct_conf.id 
_struct_conf.pdbx_PDB_helix_id 
_struct_conf.beg_label_comp_id 
_struct_conf.beg_label_asym_id 
_struct_conf.beg_label_seq_id 
_struct_conf.pdbx_beg_PDB_ins_code 
_struct_conf.end_label_comp_id 
_struct_conf.end_label_asym_id 
_struct_conf.end_label_seq_id 
_struct_conf.pdbx_end_PDB_ins_code 
_struct_conf.beg_auth_comp_id 
_struct_conf.beg_auth_asym_id 
_struct_conf.beg_auth_seq_id 
_struct_conf.end_auth_comp_id 
_struct_conf.end_auth_asym_id 
_struct_conf.end_auth_seq_id 
_struct_conf.pdbx_PDB_helix_class 
_struct_conf.details 
_struct_conf.pdbx_PDB_helix_length 
HELX_P HELX_P1 1 HIS A 9   ? PHE A 37  ? HIS A 13  PHE A 41  1 ? 29 
HELX_P HELX_P2 2 LEU A 44  ? GLY A 73  ? LEU A 48  GLY A 77  1 ? 30 
HELX_P HELX_P3 3 SER A 91  ? LYS A 120 ? SER A 95  LYS A 124 1 ? 30 
HELX_P HELX_P4 4 ASP A 122 ? TYR A 133 ? ASP A 126 TYR A 137 1 ? 12 
HELX_P HELX_P5 5 TYR A 133 ? GLY A 155 ? TYR A 137 GLY A 159 1 ? 23 
HELX_P HELX_P6 6 SER A 159 ? THR A 170 ? SER A 163 THR A 174 1 ? 12 
# 
_struct_conf_type.id          HELX_P 
_struct_conf_type.criteria    ? 
_struct_conf_type.reference   ? 
# 
loop_
_struct_conn.id 
_struct_conn.conn_type_id 
_struct_conn.pdbx_leaving_atom_flag 
_struct_conn.pdbx_PDB_id 
_struct_conn.ptnr1_label_asym_id 
_struct_conn.ptnr1_label_comp_id 
_struct_conn.ptnr1_label_seq_id 
_struct_conn.ptnr1_label_atom_id 
_struct_conn.pdbx_ptnr1_label_alt_id 
_struct_conn.pdbx_ptnr1_PDB_ins_code 
_struct_conn.pdbx_ptnr1_standard_comp_id 
_struct_conn.ptnr1_symmetry 
_struct_conn.ptnr2_label_asym_id 
_struct_conn.ptnr2_label_comp_id 
_struct_conn.ptnr2_label_seq_id 
_struct_conn.ptnr2_label_atom_id 
_struct_conn.pdbx_ptnr2_label_alt_id 
_struct_conn.pdbx_ptnr2_PDB_ins_code 
_struct_conn.ptnr1_auth_asym_id 
_struct_conn.ptnr1_auth_comp_id 
_struct_conn.ptnr1_auth_seq_id 
_struct_conn.ptnr2_auth_asym_id 
_struct_conn.ptnr2_auth_comp_id 
_struct_conn.ptnr2_auth_seq_id 
_struct_conn.ptnr2_symmetry 
_struct_conn.pdbx_ptnr3_label_atom_id 
_struct_conn.pdbx_ptnr3_label_seq_id 
_struct_conn.pdbx_ptnr3_label_comp_id 
_struct_conn.pdbx_ptnr3_label_asym_id 
_struct_conn.pdbx_ptnr3_label_alt_id 
_struct_conn.pdbx_ptnr3_PDB_ins_code 
_struct_conn.details 
_struct_conn.pdbx_dist_value 
_struct_conn.pdbx_value_order 
_struct_conn.pdbx_role 
metalc1  metalc ? ? A GLU 23  OE1 ? ? ? 1_555 D CU  . CU ? ? A GLU 27  A CU  203 1_555 ? ? ? ? ? ? ? 2.114 ? ? 
metalc2  metalc ? ? A HIS 52  NE2 ? ? ? 1_555 C CU  . CU ? ? A HIS 56  A CU  202 1_555 ? ? ? ? ? ? ? 2.530 ? ? 
metalc3  metalc ? ? A GLN 54  OE1 ? ? ? 1_555 H CA  . CA ? ? A GLN 58  A CA  207 1_555 ? ? ? ? ? ? ? 2.730 ? ? 
metalc4  metalc ? ? A HIS 56  NE2 ? ? ? 1_555 C CU  . CU ? ? A HIS 60  A CU  202 1_555 ? ? ? ? ? ? ? 2.062 ? ? 
metalc5  metalc ? ? A GLU 57  OE1 ? ? ? 1_555 H CA  . CA ? ? A GLU 61  A CA  207 1_555 ? ? ? ? ? ? ? 2.772 ? ? 
metalc6  metalc ? ? A GLU 58  OE1 ? ? ? 1_555 D CU  . CU ? ? A GLU 62  A CU  203 1_555 ? ? ? ? ? ? ? 1.964 ? ? 
metalc7  metalc ? ? A GLU 58  OE2 ? ? ? 1_555 H CA  . CA ? ? A GLU 62  A CA  207 1_555 ? ? ? ? ? ? ? 2.911 ? ? 
metalc8  metalc ? ? A HIS 61  ND1 ? ? ? 1_555 D CU  . CU ? ? A HIS 65  A CU  203 1_555 ? ? ? ? ? ? ? 2.213 ? ? 
metalc9  metalc ? ? A ASP 80  OD2 ? ? ? 1_555 G CA  . CA ? ? A ASP 84  A CA  206 1_555 ? ? ? ? ? ? ? 2.403 ? ? 
metalc10 metalc ? ? A ASP 80  OD1 ? ? ? 1_555 G CA  . CA ? ? A ASP 84  A CA  206 1_555 ? ? ? ? ? ? ? 3.154 ? ? 
metalc11 metalc ? ? A ASP 127 OD1 ? ? ? 1_555 F CA  . CA ? ? A ASP 131 A CA  205 1_555 ? ? ? ? ? ? ? 2.510 ? ? 
metalc12 metalc ? ? A GLU 130 OE1 ? ? ? 1_555 F CA  . CA ? ? A GLU 134 A CA  205 1_555 ? ? ? ? ? ? ? 2.648 ? ? 
metalc13 metalc ? ? A HIS 169 NE2 ? ? ? 1_555 E CU  . CU ? ? A HIS 173 A CU  204 1_555 ? ? ? ? ? ? ? 2.420 ? ? 
metalc14 metalc ? ? F CA  .   CA  ? ? ? 1_555 I HOH . O  ? ? A CA  205 A HOH 301 1_555 ? ? ? ? ? ? ? 3.137 ? ? 
metalc15 metalc ? ? F CA  .   CA  ? ? ? 1_555 I HOH . O  ? ? A CA  205 A HOH 339 1_555 ? ? ? ? ? ? ? 2.774 ? ? 
metalc16 metalc ? ? H CA  .   CA  ? ? ? 1_555 I HOH . O  ? ? A CA  207 A HOH 305 1_555 ? ? ? ? ? ? ? 2.916 ? ? 
metalc17 metalc ? ? H CA  .   CA  ? ? ? 1_555 I HOH . O  ? ? A CA  207 A HOH 319 1_555 ? ? ? ? ? ? ? 2.789 ? ? 
# 
_struct_conn_type.id          metalc 
_struct_conn_type.criteria    ? 
_struct_conn_type.reference   ? 
# 
loop_
_pdbx_struct_conn_angle.id 
_pdbx_struct_conn_angle.ptnr1_label_atom_id 
_pdbx_struct_conn_angle.ptnr1_label_alt_id 
_pdbx_struct_conn_angle.ptnr1_label_asym_id 
_pdbx_struct_conn_angle.ptnr1_label_comp_id 
_pdbx_struct_conn_angle.ptnr1_label_seq_id 
_pdbx_struct_conn_angle.ptnr1_auth_atom_id 
_pdbx_struct_conn_angle.ptnr1_auth_asym_id 
_pdbx_struct_conn_angle.ptnr1_auth_comp_id 
_pdbx_struct_conn_angle.ptnr1_auth_seq_id 
_pdbx_struct_conn_angle.ptnr1_PDB_ins_code 
_pdbx_struct_conn_angle.ptnr1_symmetry 
_pdbx_struct_conn_angle.ptnr2_label_atom_id 
_pdbx_struct_conn_angle.ptnr2_label_alt_id 
_pdbx_struct_conn_angle.ptnr2_label_asym_id 
_pdbx_struct_conn_angle.ptnr2_label_comp_id 
_pdbx_struct_conn_angle.ptnr2_label_seq_id 
_pdbx_struct_conn_angle.ptnr2_auth_atom_id 
_pdbx_struct_conn_angle.ptnr2_auth_asym_id 
_pdbx_struct_conn_angle.ptnr2_auth_comp_id 
_pdbx_struct_conn_angle.ptnr2_auth_seq_id 
_pdbx_struct_conn_angle.ptnr2_PDB_ins_code 
_pdbx_struct_conn_angle.ptnr2_symmetry 
_pdbx_struct_conn_angle.ptnr3_label_atom_id 
_pdbx_struct_conn_angle.ptnr3_label_alt_id 
_pdbx_struct_conn_angle.ptnr3_label_asym_id 
_pdbx_struct_conn_angle.ptnr3_label_comp_id 
_pdbx_struct_conn_angle.ptnr3_label_seq_id 
_pdbx_struct_conn_angle.ptnr3_auth_atom_id 
_pdbx_struct_conn_angle.ptnr3_auth_asym_id 
_pdbx_struct_conn_angle.ptnr3_auth_comp_id 
_pdbx_struct_conn_angle.ptnr3_auth_seq_id 
_pdbx_struct_conn_angle.ptnr3_PDB_ins_code 
_pdbx_struct_conn_angle.ptnr3_symmetry 
_pdbx_struct_conn_angle.value 
_pdbx_struct_conn_angle.value_esd 
1  OE1 ? A GLU 23  ? A GLU 27  ? 1_555 CU ? D CU . ? A CU 203 ? 1_555 OE1 ? A GLU 58  ? A GLU 62  ? 1_555 91.4  ? 
2  OE1 ? A GLU 23  ? A GLU 27  ? 1_555 CU ? D CU . ? A CU 203 ? 1_555 ND1 ? A HIS 61  ? A HIS 65  ? 1_555 133.6 ? 
3  OE1 ? A GLU 58  ? A GLU 62  ? 1_555 CU ? D CU . ? A CU 203 ? 1_555 ND1 ? A HIS 61  ? A HIS 65  ? 1_555 107.9 ? 
4  NE2 ? A HIS 52  ? A HIS 56  ? 1_555 CU ? C CU . ? A CU 202 ? 1_555 NE2 ? A HIS 56  ? A HIS 60  ? 1_555 85.1  ? 
5  OE1 ? A GLN 54  ? A GLN 58  ? 1_555 CA ? H CA . ? A CA 207 ? 1_555 OE1 ? A GLU 57  ? A GLU 61  ? 1_555 61.7  ? 
6  OE1 ? A GLN 54  ? A GLN 58  ? 1_555 CA ? H CA . ? A CA 207 ? 1_555 OE2 ? A GLU 58  ? A GLU 62  ? 1_555 130.5 ? 
7  OE1 ? A GLU 57  ? A GLU 61  ? 1_555 CA ? H CA . ? A CA 207 ? 1_555 OE2 ? A GLU 58  ? A GLU 62  ? 1_555 114.6 ? 
8  OE1 ? A GLN 54  ? A GLN 58  ? 1_555 CA ? H CA . ? A CA 207 ? 1_555 O   ? I HOH .   ? A HOH 305 ? 1_555 61.4  ? 
9  OE1 ? A GLU 57  ? A GLU 61  ? 1_555 CA ? H CA . ? A CA 207 ? 1_555 O   ? I HOH .   ? A HOH 305 ? 1_555 64.9  ? 
10 OE2 ? A GLU 58  ? A GLU 62  ? 1_555 CA ? H CA . ? A CA 207 ? 1_555 O   ? I HOH .   ? A HOH 305 ? 1_555 167.3 ? 
11 OE1 ? A GLN 54  ? A GLN 58  ? 1_555 CA ? H CA . ? A CA 207 ? 1_555 O   ? I HOH .   ? A HOH 319 ? 1_555 159.2 ? 
12 OE1 ? A GLU 57  ? A GLU 61  ? 1_555 CA ? H CA . ? A CA 207 ? 1_555 O   ? I HOH .   ? A HOH 319 ? 1_555 103.5 ? 
13 OE2 ? A GLU 58  ? A GLU 62  ? 1_555 CA ? H CA . ? A CA 207 ? 1_555 O   ? I HOH .   ? A HOH 319 ? 1_555 67.7  ? 
14 O   ? I HOH .   ? A HOH 305 ? 1_555 CA ? H CA . ? A CA 207 ? 1_555 O   ? I HOH .   ? A HOH 319 ? 1_555 99.8  ? 
15 OD2 ? A ASP 80  ? A ASP 84  ? 1_555 CA ? G CA . ? A CA 206 ? 1_555 OD1 ? A ASP 80  ? A ASP 84  ? 1_555 44.0  ? 
16 OD1 ? A ASP 127 ? A ASP 131 ? 1_555 CA ? F CA . ? A CA 205 ? 1_555 OE1 ? A GLU 130 ? A GLU 134 ? 1_555 81.0  ? 
17 OD1 ? A ASP 127 ? A ASP 131 ? 1_555 CA ? F CA . ? A CA 205 ? 1_555 O   ? I HOH .   ? A HOH 301 ? 1_555 70.6  ? 
18 OE1 ? A GLU 130 ? A GLU 134 ? 1_555 CA ? F CA . ? A CA 205 ? 1_555 O   ? I HOH .   ? A HOH 301 ? 1_555 121.1 ? 
19 OD1 ? A ASP 127 ? A ASP 131 ? 1_555 CA ? F CA . ? A CA 205 ? 1_555 O   ? I HOH .   ? A HOH 339 ? 1_555 109.4 ? 
20 OE1 ? A GLU 130 ? A GLU 134 ? 1_555 CA ? F CA . ? A CA 205 ? 1_555 O   ? I HOH .   ? A HOH 339 ? 1_555 58.9  ? 
21 O   ? I HOH .   ? A HOH 301 ? 1_555 CA ? F CA . ? A CA 205 ? 1_555 O   ? I HOH .   ? A HOH 339 ? 1_555 180.0 ? 
# 
_struct_mon_prot_cis.pdbx_id                1 
_struct_mon_prot_cis.label_comp_id          ALA 
_struct_mon_prot_cis.label_seq_id           156 
_struct_mon_prot_cis.label_asym_id          A 
_struct_mon_prot_cis.label_alt_id           . 
_struct_mon_prot_cis.pdbx_PDB_ins_code      ? 
_struct_mon_prot_cis.auth_comp_id           ALA 
_struct_mon_prot_cis.auth_seq_id            160 
_struct_mon_prot_cis.auth_asym_id           A 
_struct_mon_prot_cis.pdbx_label_comp_id_2   PRO 
_struct_mon_prot_cis.pdbx_label_seq_id_2    157 
_struct_mon_prot_cis.pdbx_label_asym_id_2   A 
_struct_mon_prot_cis.pdbx_PDB_ins_code_2    ? 
_struct_mon_prot_cis.pdbx_auth_comp_id_2    PRO 
_struct_mon_prot_cis.pdbx_auth_seq_id_2     161 
_struct_mon_prot_cis.pdbx_auth_asym_id_2    A 
_struct_mon_prot_cis.pdbx_PDB_model_num     1 
_struct_mon_prot_cis.pdbx_omega_angle       3.63 
# 
loop_
_struct_site.id 
_struct_site.pdbx_evidence_code 
_struct_site.pdbx_auth_asym_id 
_struct_site.pdbx_auth_comp_id 
_struct_site.pdbx_auth_seq_id 
_struct_site.pdbx_auth_ins_code 
_struct_site.pdbx_num_residues 
_struct_site.details 
AC1 Software A AEN 201 ? 4 'BINDING SITE FOR RESIDUE AEN A 201' 
AC2 Software A CU  202 ? 4 'BINDING SITE FOR RESIDUE CU A 202'  
AC3 Software A CU  203 ? 3 'BINDING SITE FOR RESIDUE CU A 203'  
AC4 Software A CU  204 ? 4 'BINDING SITE FOR RESIDUE CU A 204'  
AC5 Software A CA  205 ? 9 'BINDING SITE FOR RESIDUE CA A 205'  
AC6 Software A CA  206 ? 4 'BINDING SITE FOR RESIDUE CA A 206'  
AC7 Software A CA  207 ? 6 'BINDING SITE FOR RESIDUE CA A 207'  
# 
loop_
_struct_site_gen.id 
_struct_site_gen.site_id 
_struct_site_gen.pdbx_num_res 
_struct_site_gen.label_comp_id 
_struct_site_gen.label_asym_id 
_struct_site_gen.label_seq_id 
_struct_site_gen.pdbx_auth_ins_code 
_struct_site_gen.auth_comp_id 
_struct_site_gen.auth_asym_id 
_struct_site_gen.auth_seq_id 
_struct_site_gen.label_atom_id 
_struct_site_gen.label_alt_id 
_struct_site_gen.symmetry 
_struct_site_gen.details 
1  AC1 4 CYS A 49  ? CYS A 53  . ? 1_555  ? 
2  AC1 4 HIS A 52  ? HIS A 56  . ? 1_555  ? 
3  AC1 4 HIS A 53  ? HIS A 57  . ? 1_555  ? 
4  AC1 4 HIS A 56  ? HIS A 60  . ? 1_555  ? 
5  AC2 4 HIS A 52  ? HIS A 56  . ? 1_555  ? 
6  AC2 4 HIS A 56  ? HIS A 60  . ? 1_555  ? 
7  AC2 4 HIS A 59  ? HIS A 63  . ? 13_555 ? 
8  AC2 4 HIS A 63  ? HIS A 67  . ? 13_555 ? 
9  AC3 3 GLU A 23  ? GLU A 27  . ? 1_555  ? 
10 AC3 3 GLU A 58  ? GLU A 62  . ? 1_555  ? 
11 AC3 3 HIS A 61  ? HIS A 65  . ? 1_555  ? 
12 AC4 4 HIS A 169 ? HIS A 173 . ? 21_555 ? 
13 AC4 4 HIS A 169 ? HIS A 173 . ? 1_555  ? 
14 AC4 4 HIS A 169 ? HIS A 173 . ? 3_555  ? 
15 AC4 4 HIS A 169 ? HIS A 173 . ? 23_555 ? 
16 AC5 9 ASP A 127 ? ASP A 131 . ? 8_555  ? 
17 AC5 9 ASP A 127 ? ASP A 131 . ? 11_555 ? 
18 AC5 9 ASP A 127 ? ASP A 131 . ? 1_555  ? 
19 AC5 9 GLU A 130 ? GLU A 134 . ? 8_555  ? 
20 AC5 9 GLU A 130 ? GLU A 134 . ? 1_555  ? 
21 AC5 9 GLU A 130 ? GLU A 134 . ? 11_555 ? 
22 AC5 9 HOH I .   ? HOH A 339 . ? 8_555  ? 
23 AC5 9 HOH I .   ? HOH A 339 . ? 11_555 ? 
24 AC5 9 HOH I .   ? HOH A 339 . ? 1_555  ? 
25 AC6 4 ASP A 80  ? ASP A 84  . ? 1_555  ? 
26 AC6 4 ASP A 80  ? ASP A 84  . ? 86_555 ? 
27 AC6 4 GLN A 82  ? GLN A 86  . ? 74_555 ? 
28 AC6 4 GLN A 82  ? GLN A 86  . ? 13_555 ? 
29 AC7 6 GLN A 54  ? GLN A 58  . ? 1_555  ? 
30 AC7 6 GLU A 57  ? GLU A 61  . ? 1_555  ? 
31 AC7 6 GLU A 58  ? GLU A 62  . ? 1_555  ? 
32 AC7 6 GLU A 103 ? GLU A 107 . ? 1_555  ? 
33 AC7 6 HOH I .   ? HOH A 305 . ? 1_555  ? 
34 AC7 6 HOH I .   ? HOH A 319 . ? 1_555  ? 
# 
_pdbx_validate_close_contact.id               1 
_pdbx_validate_close_contact.PDB_model_num    1 
_pdbx_validate_close_contact.auth_atom_id_1   SG 
_pdbx_validate_close_contact.auth_asym_id_1   A 
_pdbx_validate_close_contact.auth_comp_id_1   CYS 
_pdbx_validate_close_contact.auth_seq_id_1    53 
_pdbx_validate_close_contact.PDB_ins_code_1   ? 
_pdbx_validate_close_contact.label_alt_id_1   ? 
_pdbx_validate_close_contact.auth_atom_id_2   "C1'" 
_pdbx_validate_close_contact.auth_asym_id_2   A 
_pdbx_validate_close_contact.auth_comp_id_2   AEN 
_pdbx_validate_close_contact.auth_seq_id_2    201 
_pdbx_validate_close_contact.PDB_ins_code_2   ? 
_pdbx_validate_close_contact.label_alt_id_2   ? 
_pdbx_validate_close_contact.dist             1.75 
# 
loop_
_pdbx_validate_torsion.id 
_pdbx_validate_torsion.PDB_model_num 
_pdbx_validate_torsion.auth_comp_id 
_pdbx_validate_torsion.auth_asym_id 
_pdbx_validate_torsion.auth_seq_id 
_pdbx_validate_torsion.PDB_ins_code 
_pdbx_validate_torsion.label_alt_id 
_pdbx_validate_torsion.phi 
_pdbx_validate_torsion.psi 
1 1 VAL A 46 ? ? -127.08 -62.38 
2 1 GLU A 94 ? ? 78.45   -50.78 
# 
loop_
_pdbx_struct_special_symmetry.id 
_pdbx_struct_special_symmetry.PDB_model_num 
_pdbx_struct_special_symmetry.auth_asym_id 
_pdbx_struct_special_symmetry.auth_comp_id 
_pdbx_struct_special_symmetry.auth_seq_id 
_pdbx_struct_special_symmetry.PDB_ins_code 
_pdbx_struct_special_symmetry.label_asym_id 
_pdbx_struct_special_symmetry.label_comp_id 
_pdbx_struct_special_symmetry.label_seq_id 
1 1 A CU  204 ? E CU  . 
2 1 A CA  205 ? F CA  . 
3 1 A CA  206 ? G CA  . 
4 1 A HOH 301 ? I HOH . 
5 1 A HOH 310 ? I HOH . 
6 1 A HOH 339 ? I HOH . 
# 
_phasing.method   MR 
# 
loop_
_chem_comp_atom.comp_id 
_chem_comp_atom.atom_id 
_chem_comp_atom.type_symbol 
_chem_comp_atom.pdbx_aromatic_flag 
_chem_comp_atom.pdbx_stereo_config 
_chem_comp_atom.pdbx_ordinal 
AEN C1     C  Y N 1   
AEN C2     C  Y N 2   
AEN C3     C  Y N 3   
AEN C4     C  Y N 4   
AEN C5     C  Y N 5   
AEN C6     C  Y N 6   
AEN C7     C  Y N 7   
AEN C8     C  Y N 8   
AEN C9     C  Y N 9   
AEN C10    C  Y N 10  
AEN "C1'"  C  N N 11  
AEN "C2'"  C  N N 12  
AEN "O2'"  O  N N 13  
AEN "N3'"  N  N N 14  
AEN "C4'"  C  N N 15  
AEN "C5'"  C  N N 16  
AEN "N6'"  N  N N 17  
AEN S      S  N N 18  
AEN O1S    O  N N 19  
AEN O2S    O  N N 20  
AEN O3S    O  N N 21  
AEN H2     H  N N 22  
AEN H3     H  N N 23  
AEN H4     H  N N 24  
AEN H6     H  N N 25  
AEN H7     H  N N 26  
AEN H8     H  N N 27  
AEN "H1'1" H  N N 28  
AEN "H1'2" H  N N 29  
AEN "H1'3" H  N N 30  
AEN "HN'3" H  N N 31  
AEN "H4'1" H  N N 32  
AEN "H4'2" H  N N 33  
AEN "H5'1" H  N N 34  
AEN "H5'2" H  N N 35  
AEN "HN'6" H  N N 36  
AEN HOS3   H  N N 37  
ALA N      N  N N 38  
ALA CA     C  N S 39  
ALA C      C  N N 40  
ALA O      O  N N 41  
ALA CB     C  N N 42  
ALA OXT    O  N N 43  
ALA H      H  N N 44  
ALA H2     H  N N 45  
ALA HA     H  N N 46  
ALA HB1    H  N N 47  
ALA HB2    H  N N 48  
ALA HB3    H  N N 49  
ALA HXT    H  N N 50  
ARG N      N  N N 51  
ARG CA     C  N S 52  
ARG C      C  N N 53  
ARG O      O  N N 54  
ARG CB     C  N N 55  
ARG CG     C  N N 56  
ARG CD     C  N N 57  
ARG NE     N  N N 58  
ARG CZ     C  N N 59  
ARG NH1    N  N N 60  
ARG NH2    N  N N 61  
ARG OXT    O  N N 62  
ARG H      H  N N 63  
ARG H2     H  N N 64  
ARG HA     H  N N 65  
ARG HB2    H  N N 66  
ARG HB3    H  N N 67  
ARG HG2    H  N N 68  
ARG HG3    H  N N 69  
ARG HD2    H  N N 70  
ARG HD3    H  N N 71  
ARG HE     H  N N 72  
ARG HH11   H  N N 73  
ARG HH12   H  N N 74  
ARG HH21   H  N N 75  
ARG HH22   H  N N 76  
ARG HXT    H  N N 77  
ASN N      N  N N 78  
ASN CA     C  N S 79  
ASN C      C  N N 80  
ASN O      O  N N 81  
ASN CB     C  N N 82  
ASN CG     C  N N 83  
ASN OD1    O  N N 84  
ASN ND2    N  N N 85  
ASN OXT    O  N N 86  
ASN H      H  N N 87  
ASN H2     H  N N 88  
ASN HA     H  N N 89  
ASN HB2    H  N N 90  
ASN HB3    H  N N 91  
ASN HD21   H  N N 92  
ASN HD22   H  N N 93  
ASN HXT    H  N N 94  
ASP N      N  N N 95  
ASP CA     C  N S 96  
ASP C      C  N N 97  
ASP O      O  N N 98  
ASP CB     C  N N 99  
ASP CG     C  N N 100 
ASP OD1    O  N N 101 
ASP OD2    O  N N 102 
ASP OXT    O  N N 103 
ASP H      H  N N 104 
ASP H2     H  N N 105 
ASP HA     H  N N 106 
ASP HB2    H  N N 107 
ASP HB3    H  N N 108 
ASP HD2    H  N N 109 
ASP HXT    H  N N 110 
CA  CA     CA N N 111 
CU  CU     CU N N 112 
CYS N      N  N N 113 
CYS CA     C  N R 114 
CYS C      C  N N 115 
CYS O      O  N N 116 
CYS CB     C  N N 117 
CYS SG     S  N N 118 
CYS OXT    O  N N 119 
CYS H      H  N N 120 
CYS H2     H  N N 121 
CYS HA     H  N N 122 
CYS HB2    H  N N 123 
CYS HB3    H  N N 124 
CYS HG     H  N N 125 
CYS HXT    H  N N 126 
GLN N      N  N N 127 
GLN CA     C  N S 128 
GLN C      C  N N 129 
GLN O      O  N N 130 
GLN CB     C  N N 131 
GLN CG     C  N N 132 
GLN CD     C  N N 133 
GLN OE1    O  N N 134 
GLN NE2    N  N N 135 
GLN OXT    O  N N 136 
GLN H      H  N N 137 
GLN H2     H  N N 138 
GLN HA     H  N N 139 
GLN HB2    H  N N 140 
GLN HB3    H  N N 141 
GLN HG2    H  N N 142 
GLN HG3    H  N N 143 
GLN HE21   H  N N 144 
GLN HE22   H  N N 145 
GLN HXT    H  N N 146 
GLU N      N  N N 147 
GLU CA     C  N S 148 
GLU C      C  N N 149 
GLU O      O  N N 150 
GLU CB     C  N N 151 
GLU CG     C  N N 152 
GLU CD     C  N N 153 
GLU OE1    O  N N 154 
GLU OE2    O  N N 155 
GLU OXT    O  N N 156 
GLU H      H  N N 157 
GLU H2     H  N N 158 
GLU HA     H  N N 159 
GLU HB2    H  N N 160 
GLU HB3    H  N N 161 
GLU HG2    H  N N 162 
GLU HG3    H  N N 163 
GLU HE2    H  N N 164 
GLU HXT    H  N N 165 
GLY N      N  N N 166 
GLY CA     C  N N 167 
GLY C      C  N N 168 
GLY O      O  N N 169 
GLY OXT    O  N N 170 
GLY H      H  N N 171 
GLY H2     H  N N 172 
GLY HA2    H  N N 173 
GLY HA3    H  N N 174 
GLY HXT    H  N N 175 
HIS N      N  N N 176 
HIS CA     C  N S 177 
HIS C      C  N N 178 
HIS O      O  N N 179 
HIS CB     C  N N 180 
HIS CG     C  Y N 181 
HIS ND1    N  Y N 182 
HIS CD2    C  Y N 183 
HIS CE1    C  Y N 184 
HIS NE2    N  Y N 185 
HIS OXT    O  N N 186 
HIS H      H  N N 187 
HIS H2     H  N N 188 
HIS HA     H  N N 189 
HIS HB2    H  N N 190 
HIS HB3    H  N N 191 
HIS HD1    H  N N 192 
HIS HD2    H  N N 193 
HIS HE1    H  N N 194 
HIS HE2    H  N N 195 
HIS HXT    H  N N 196 
HOH O      O  N N 197 
HOH H1     H  N N 198 
HOH H2     H  N N 199 
ILE N      N  N N 200 
ILE CA     C  N S 201 
ILE C      C  N N 202 
ILE O      O  N N 203 
ILE CB     C  N S 204 
ILE CG1    C  N N 205 
ILE CG2    C  N N 206 
ILE CD1    C  N N 207 
ILE OXT    O  N N 208 
ILE H      H  N N 209 
ILE H2     H  N N 210 
ILE HA     H  N N 211 
ILE HB     H  N N 212 
ILE HG12   H  N N 213 
ILE HG13   H  N N 214 
ILE HG21   H  N N 215 
ILE HG22   H  N N 216 
ILE HG23   H  N N 217 
ILE HD11   H  N N 218 
ILE HD12   H  N N 219 
ILE HD13   H  N N 220 
ILE HXT    H  N N 221 
LEU N      N  N N 222 
LEU CA     C  N S 223 
LEU C      C  N N 224 
LEU O      O  N N 225 
LEU CB     C  N N 226 
LEU CG     C  N N 227 
LEU CD1    C  N N 228 
LEU CD2    C  N N 229 
LEU OXT    O  N N 230 
LEU H      H  N N 231 
LEU H2     H  N N 232 
LEU HA     H  N N 233 
LEU HB2    H  N N 234 
LEU HB3    H  N N 235 
LEU HG     H  N N 236 
LEU HD11   H  N N 237 
LEU HD12   H  N N 238 
LEU HD13   H  N N 239 
LEU HD21   H  N N 240 
LEU HD22   H  N N 241 
LEU HD23   H  N N 242 
LEU HXT    H  N N 243 
LYS N      N  N N 244 
LYS CA     C  N S 245 
LYS C      C  N N 246 
LYS O      O  N N 247 
LYS CB     C  N N 248 
LYS CG     C  N N 249 
LYS CD     C  N N 250 
LYS CE     C  N N 251 
LYS NZ     N  N N 252 
LYS OXT    O  N N 253 
LYS H      H  N N 254 
LYS H2     H  N N 255 
LYS HA     H  N N 256 
LYS HB2    H  N N 257 
LYS HB3    H  N N 258 
LYS HG2    H  N N 259 
LYS HG3    H  N N 260 
LYS HD2    H  N N 261 
LYS HD3    H  N N 262 
LYS HE2    H  N N 263 
LYS HE3    H  N N 264 
LYS HZ1    H  N N 265 
LYS HZ2    H  N N 266 
LYS HZ3    H  N N 267 
LYS HXT    H  N N 268 
MET N      N  N N 269 
MET CA     C  N S 270 
MET C      C  N N 271 
MET O      O  N N 272 
MET CB     C  N N 273 
MET CG     C  N N 274 
MET SD     S  N N 275 
MET CE     C  N N 276 
MET OXT    O  N N 277 
MET H      H  N N 278 
MET H2     H  N N 279 
MET HA     H  N N 280 
MET HB2    H  N N 281 
MET HB3    H  N N 282 
MET HG2    H  N N 283 
MET HG3    H  N N 284 
MET HE1    H  N N 285 
MET HE2    H  N N 286 
MET HE3    H  N N 287 
MET HXT    H  N N 288 
PHE N      N  N N 289 
PHE CA     C  N S 290 
PHE C      C  N N 291 
PHE O      O  N N 292 
PHE CB     C  N N 293 
PHE CG     C  Y N 294 
PHE CD1    C  Y N 295 
PHE CD2    C  Y N 296 
PHE CE1    C  Y N 297 
PHE CE2    C  Y N 298 
PHE CZ     C  Y N 299 
PHE OXT    O  N N 300 
PHE H      H  N N 301 
PHE H2     H  N N 302 
PHE HA     H  N N 303 
PHE HB2    H  N N 304 
PHE HB3    H  N N 305 
PHE HD1    H  N N 306 
PHE HD2    H  N N 307 
PHE HE1    H  N N 308 
PHE HE2    H  N N 309 
PHE HZ     H  N N 310 
PHE HXT    H  N N 311 
PRO N      N  N N 312 
PRO CA     C  N S 313 
PRO C      C  N N 314 
PRO O      O  N N 315 
PRO CB     C  N N 316 
PRO CG     C  N N 317 
PRO CD     C  N N 318 
PRO OXT    O  N N 319 
PRO H      H  N N 320 
PRO HA     H  N N 321 
PRO HB2    H  N N 322 
PRO HB3    H  N N 323 
PRO HG2    H  N N 324 
PRO HG3    H  N N 325 
PRO HD2    H  N N 326 
PRO HD3    H  N N 327 
PRO HXT    H  N N 328 
SER N      N  N N 329 
SER CA     C  N S 330 
SER C      C  N N 331 
SER O      O  N N 332 
SER CB     C  N N 333 
SER OG     O  N N 334 
SER OXT    O  N N 335 
SER H      H  N N 336 
SER H2     H  N N 337 
SER HA     H  N N 338 
SER HB2    H  N N 339 
SER HB3    H  N N 340 
SER HG     H  N N 341 
SER HXT    H  N N 342 
THR N      N  N N 343 
THR CA     C  N S 344 
THR C      C  N N 345 
THR O      O  N N 346 
THR CB     C  N R 347 
THR OG1    O  N N 348 
THR CG2    C  N N 349 
THR OXT    O  N N 350 
THR H      H  N N 351 
THR H2     H  N N 352 
THR HA     H  N N 353 
THR HB     H  N N 354 
THR HG1    H  N N 355 
THR HG21   H  N N 356 
THR HG22   H  N N 357 
THR HG23   H  N N 358 
THR HXT    H  N N 359 
TRP N      N  N N 360 
TRP CA     C  N S 361 
TRP C      C  N N 362 
TRP O      O  N N 363 
TRP CB     C  N N 364 
TRP CG     C  Y N 365 
TRP CD1    C  Y N 366 
TRP CD2    C  Y N 367 
TRP NE1    N  Y N 368 
TRP CE2    C  Y N 369 
TRP CE3    C  Y N 370 
TRP CZ2    C  Y N 371 
TRP CZ3    C  Y N 372 
TRP CH2    C  Y N 373 
TRP OXT    O  N N 374 
TRP H      H  N N 375 
TRP H2     H  N N 376 
TRP HA     H  N N 377 
TRP HB2    H  N N 378 
TRP HB3    H  N N 379 
TRP HD1    H  N N 380 
TRP HE1    H  N N 381 
TRP HE3    H  N N 382 
TRP HZ2    H  N N 383 
TRP HZ3    H  N N 384 
TRP HH2    H  N N 385 
TRP HXT    H  N N 386 
TYR N      N  N N 387 
TYR CA     C  N S 388 
TYR C      C  N N 389 
TYR O      O  N N 390 
TYR CB     C  N N 391 
TYR CG     C  Y N 392 
TYR CD1    C  Y N 393 
TYR CD2    C  Y N 394 
TYR CE1    C  Y N 395 
TYR CE2    C  Y N 396 
TYR CZ     C  Y N 397 
TYR OH     O  N N 398 
TYR OXT    O  N N 399 
TYR H      H  N N 400 
TYR H2     H  N N 401 
TYR HA     H  N N 402 
TYR HB2    H  N N 403 
TYR HB3    H  N N 404 
TYR HD1    H  N N 405 
TYR HD2    H  N N 406 
TYR HE1    H  N N 407 
TYR HE2    H  N N 408 
TYR HH     H  N N 409 
TYR HXT    H  N N 410 
VAL N      N  N N 411 
VAL CA     C  N S 412 
VAL C      C  N N 413 
VAL O      O  N N 414 
VAL CB     C  N N 415 
VAL CG1    C  N N 416 
VAL CG2    C  N N 417 
VAL OXT    O  N N 418 
VAL H      H  N N 419 
VAL H2     H  N N 420 
VAL HA     H  N N 421 
VAL HB     H  N N 422 
VAL HG11   H  N N 423 
VAL HG12   H  N N 424 
VAL HG13   H  N N 425 
VAL HG21   H  N N 426 
VAL HG22   H  N N 427 
VAL HG23   H  N N 428 
VAL HXT    H  N N 429 
# 
loop_
_chem_comp_bond.comp_id 
_chem_comp_bond.atom_id_1 
_chem_comp_bond.atom_id_2 
_chem_comp_bond.value_order 
_chem_comp_bond.pdbx_aromatic_flag 
_chem_comp_bond.pdbx_stereo_config 
_chem_comp_bond.pdbx_ordinal 
AEN C1    C2     doub Y N 1   
AEN C1    C9     sing Y N 2   
AEN C1    S      sing N N 3   
AEN C2    C3     sing Y N 4   
AEN C2    H2     sing N N 5   
AEN C3    C4     doub Y N 6   
AEN C3    H3     sing N N 7   
AEN C4    C10    sing Y N 8   
AEN C4    H4     sing N N 9   
AEN C5    C6     doub Y N 10  
AEN C5    C10    sing Y N 11  
AEN C5    "N6'"  sing N N 12  
AEN C6    C7     sing Y N 13  
AEN C6    H6     sing N N 14  
AEN C7    C8     doub Y N 15  
AEN C7    H7     sing N N 16  
AEN C8    C9     sing Y N 17  
AEN C8    H8     sing N N 18  
AEN C9    C10    doub Y N 19  
AEN "C1'" "C2'"  sing N N 20  
AEN "C1'" "H1'1" sing N N 21  
AEN "C1'" "H1'2" sing N N 22  
AEN "C1'" "H1'3" sing N N 23  
AEN "C2'" "O2'"  doub N N 24  
AEN "C2'" "N3'"  sing N N 25  
AEN "N3'" "C4'"  sing N N 26  
AEN "N3'" "HN'3" sing N N 27  
AEN "C4'" "C5'"  sing N N 28  
AEN "C4'" "H4'1" sing N N 29  
AEN "C4'" "H4'2" sing N N 30  
AEN "C5'" "N6'"  sing N N 31  
AEN "C5'" "H5'1" sing N N 32  
AEN "C5'" "H5'2" sing N N 33  
AEN "N6'" "HN'6" sing N N 34  
AEN S     O1S    doub N N 35  
AEN S     O2S    doub N N 36  
AEN S     O3S    sing N N 37  
AEN O3S   HOS3   sing N N 38  
ALA N     CA     sing N N 39  
ALA N     H      sing N N 40  
ALA N     H2     sing N N 41  
ALA CA    C      sing N N 42  
ALA CA    CB     sing N N 43  
ALA CA    HA     sing N N 44  
ALA C     O      doub N N 45  
ALA C     OXT    sing N N 46  
ALA CB    HB1    sing N N 47  
ALA CB    HB2    sing N N 48  
ALA CB    HB3    sing N N 49  
ALA OXT   HXT    sing N N 50  
ARG N     CA     sing N N 51  
ARG N     H      sing N N 52  
ARG N     H2     sing N N 53  
ARG CA    C      sing N N 54  
ARG CA    CB     sing N N 55  
ARG CA    HA     sing N N 56  
ARG C     O      doub N N 57  
ARG C     OXT    sing N N 58  
ARG CB    CG     sing N N 59  
ARG CB    HB2    sing N N 60  
ARG CB    HB3    sing N N 61  
ARG CG    CD     sing N N 62  
ARG CG    HG2    sing N N 63  
ARG CG    HG3    sing N N 64  
ARG CD    NE     sing N N 65  
ARG CD    HD2    sing N N 66  
ARG CD    HD3    sing N N 67  
ARG NE    CZ     sing N N 68  
ARG NE    HE     sing N N 69  
ARG CZ    NH1    sing N N 70  
ARG CZ    NH2    doub N N 71  
ARG NH1   HH11   sing N N 72  
ARG NH1   HH12   sing N N 73  
ARG NH2   HH21   sing N N 74  
ARG NH2   HH22   sing N N 75  
ARG OXT   HXT    sing N N 76  
ASN N     CA     sing N N 77  
ASN N     H      sing N N 78  
ASN N     H2     sing N N 79  
ASN CA    C      sing N N 80  
ASN CA    CB     sing N N 81  
ASN CA    HA     sing N N 82  
ASN C     O      doub N N 83  
ASN C     OXT    sing N N 84  
ASN CB    CG     sing N N 85  
ASN CB    HB2    sing N N 86  
ASN CB    HB3    sing N N 87  
ASN CG    OD1    doub N N 88  
ASN CG    ND2    sing N N 89  
ASN ND2   HD21   sing N N 90  
ASN ND2   HD22   sing N N 91  
ASN OXT   HXT    sing N N 92  
ASP N     CA     sing N N 93  
ASP N     H      sing N N 94  
ASP N     H2     sing N N 95  
ASP CA    C      sing N N 96  
ASP CA    CB     sing N N 97  
ASP CA    HA     sing N N 98  
ASP C     O      doub N N 99  
ASP C     OXT    sing N N 100 
ASP CB    CG     sing N N 101 
ASP CB    HB2    sing N N 102 
ASP CB    HB3    sing N N 103 
ASP CG    OD1    doub N N 104 
ASP CG    OD2    sing N N 105 
ASP OD2   HD2    sing N N 106 
ASP OXT   HXT    sing N N 107 
CYS N     CA     sing N N 108 
CYS N     H      sing N N 109 
CYS N     H2     sing N N 110 
CYS CA    C      sing N N 111 
CYS CA    CB     sing N N 112 
CYS CA    HA     sing N N 113 
CYS C     O      doub N N 114 
CYS C     OXT    sing N N 115 
CYS CB    SG     sing N N 116 
CYS CB    HB2    sing N N 117 
CYS CB    HB3    sing N N 118 
CYS SG    HG     sing N N 119 
CYS OXT   HXT    sing N N 120 
GLN N     CA     sing N N 121 
GLN N     H      sing N N 122 
GLN N     H2     sing N N 123 
GLN CA    C      sing N N 124 
GLN CA    CB     sing N N 125 
GLN CA    HA     sing N N 126 
GLN C     O      doub N N 127 
GLN C     OXT    sing N N 128 
GLN CB    CG     sing N N 129 
GLN CB    HB2    sing N N 130 
GLN CB    HB3    sing N N 131 
GLN CG    CD     sing N N 132 
GLN CG    HG2    sing N N 133 
GLN CG    HG3    sing N N 134 
GLN CD    OE1    doub N N 135 
GLN CD    NE2    sing N N 136 
GLN NE2   HE21   sing N N 137 
GLN NE2   HE22   sing N N 138 
GLN OXT   HXT    sing N N 139 
GLU N     CA     sing N N 140 
GLU N     H      sing N N 141 
GLU N     H2     sing N N 142 
GLU CA    C      sing N N 143 
GLU CA    CB     sing N N 144 
GLU CA    HA     sing N N 145 
GLU C     O      doub N N 146 
GLU C     OXT    sing N N 147 
GLU CB    CG     sing N N 148 
GLU CB    HB2    sing N N 149 
GLU CB    HB3    sing N N 150 
GLU CG    CD     sing N N 151 
GLU CG    HG2    sing N N 152 
GLU CG    HG3    sing N N 153 
GLU CD    OE1    doub N N 154 
GLU CD    OE2    sing N N 155 
GLU OE2   HE2    sing N N 156 
GLU OXT   HXT    sing N N 157 
GLY N     CA     sing N N 158 
GLY N     H      sing N N 159 
GLY N     H2     sing N N 160 
GLY CA    C      sing N N 161 
GLY CA    HA2    sing N N 162 
GLY CA    HA3    sing N N 163 
GLY C     O      doub N N 164 
GLY C     OXT    sing N N 165 
GLY OXT   HXT    sing N N 166 
HIS N     CA     sing N N 167 
HIS N     H      sing N N 168 
HIS N     H2     sing N N 169 
HIS CA    C      sing N N 170 
HIS CA    CB     sing N N 171 
HIS CA    HA     sing N N 172 
HIS C     O      doub N N 173 
HIS C     OXT    sing N N 174 
HIS CB    CG     sing N N 175 
HIS CB    HB2    sing N N 176 
HIS CB    HB3    sing N N 177 
HIS CG    ND1    sing Y N 178 
HIS CG    CD2    doub Y N 179 
HIS ND1   CE1    doub Y N 180 
HIS ND1   HD1    sing N N 181 
HIS CD2   NE2    sing Y N 182 
HIS CD2   HD2    sing N N 183 
HIS CE1   NE2    sing Y N 184 
HIS CE1   HE1    sing N N 185 
HIS NE2   HE2    sing N N 186 
HIS OXT   HXT    sing N N 187 
HOH O     H1     sing N N 188 
HOH O     H2     sing N N 189 
ILE N     CA     sing N N 190 
ILE N     H      sing N N 191 
ILE N     H2     sing N N 192 
ILE CA    C      sing N N 193 
ILE CA    CB     sing N N 194 
ILE CA    HA     sing N N 195 
ILE C     O      doub N N 196 
ILE C     OXT    sing N N 197 
ILE CB    CG1    sing N N 198 
ILE CB    CG2    sing N N 199 
ILE CB    HB     sing N N 200 
ILE CG1   CD1    sing N N 201 
ILE CG1   HG12   sing N N 202 
ILE CG1   HG13   sing N N 203 
ILE CG2   HG21   sing N N 204 
ILE CG2   HG22   sing N N 205 
ILE CG2   HG23   sing N N 206 
ILE CD1   HD11   sing N N 207 
ILE CD1   HD12   sing N N 208 
ILE CD1   HD13   sing N N 209 
ILE OXT   HXT    sing N N 210 
LEU N     CA     sing N N 211 
LEU N     H      sing N N 212 
LEU N     H2     sing N N 213 
LEU CA    C      sing N N 214 
LEU CA    CB     sing N N 215 
LEU CA    HA     sing N N 216 
LEU C     O      doub N N 217 
LEU C     OXT    sing N N 218 
LEU CB    CG     sing N N 219 
LEU CB    HB2    sing N N 220 
LEU CB    HB3    sing N N 221 
LEU CG    CD1    sing N N 222 
LEU CG    CD2    sing N N 223 
LEU CG    HG     sing N N 224 
LEU CD1   HD11   sing N N 225 
LEU CD1   HD12   sing N N 226 
LEU CD1   HD13   sing N N 227 
LEU CD2   HD21   sing N N 228 
LEU CD2   HD22   sing N N 229 
LEU CD2   HD23   sing N N 230 
LEU OXT   HXT    sing N N 231 
LYS N     CA     sing N N 232 
LYS N     H      sing N N 233 
LYS N     H2     sing N N 234 
LYS CA    C      sing N N 235 
LYS CA    CB     sing N N 236 
LYS CA    HA     sing N N 237 
LYS C     O      doub N N 238 
LYS C     OXT    sing N N 239 
LYS CB    CG     sing N N 240 
LYS CB    HB2    sing N N 241 
LYS CB    HB3    sing N N 242 
LYS CG    CD     sing N N 243 
LYS CG    HG2    sing N N 244 
LYS CG    HG3    sing N N 245 
LYS CD    CE     sing N N 246 
LYS CD    HD2    sing N N 247 
LYS CD    HD3    sing N N 248 
LYS CE    NZ     sing N N 249 
LYS CE    HE2    sing N N 250 
LYS CE    HE3    sing N N 251 
LYS NZ    HZ1    sing N N 252 
LYS NZ    HZ2    sing N N 253 
LYS NZ    HZ3    sing N N 254 
LYS OXT   HXT    sing N N 255 
MET N     CA     sing N N 256 
MET N     H      sing N N 257 
MET N     H2     sing N N 258 
MET CA    C      sing N N 259 
MET CA    CB     sing N N 260 
MET CA    HA     sing N N 261 
MET C     O      doub N N 262 
MET C     OXT    sing N N 263 
MET CB    CG     sing N N 264 
MET CB    HB2    sing N N 265 
MET CB    HB3    sing N N 266 
MET CG    SD     sing N N 267 
MET CG    HG2    sing N N 268 
MET CG    HG3    sing N N 269 
MET SD    CE     sing N N 270 
MET CE    HE1    sing N N 271 
MET CE    HE2    sing N N 272 
MET CE    HE3    sing N N 273 
MET OXT   HXT    sing N N 274 
PHE N     CA     sing N N 275 
PHE N     H      sing N N 276 
PHE N     H2     sing N N 277 
PHE CA    C      sing N N 278 
PHE CA    CB     sing N N 279 
PHE CA    HA     sing N N 280 
PHE C     O      doub N N 281 
PHE C     OXT    sing N N 282 
PHE CB    CG     sing N N 283 
PHE CB    HB2    sing N N 284 
PHE CB    HB3    sing N N 285 
PHE CG    CD1    doub Y N 286 
PHE CG    CD2    sing Y N 287 
PHE CD1   CE1    sing Y N 288 
PHE CD1   HD1    sing N N 289 
PHE CD2   CE2    doub Y N 290 
PHE CD2   HD2    sing N N 291 
PHE CE1   CZ     doub Y N 292 
PHE CE1   HE1    sing N N 293 
PHE CE2   CZ     sing Y N 294 
PHE CE2   HE2    sing N N 295 
PHE CZ    HZ     sing N N 296 
PHE OXT   HXT    sing N N 297 
PRO N     CA     sing N N 298 
PRO N     CD     sing N N 299 
PRO N     H      sing N N 300 
PRO CA    C      sing N N 301 
PRO CA    CB     sing N N 302 
PRO CA    HA     sing N N 303 
PRO C     O      doub N N 304 
PRO C     OXT    sing N N 305 
PRO CB    CG     sing N N 306 
PRO CB    HB2    sing N N 307 
PRO CB    HB3    sing N N 308 
PRO CG    CD     sing N N 309 
PRO CG    HG2    sing N N 310 
PRO CG    HG3    sing N N 311 
PRO CD    HD2    sing N N 312 
PRO CD    HD3    sing N N 313 
PRO OXT   HXT    sing N N 314 
SER N     CA     sing N N 315 
SER N     H      sing N N 316 
SER N     H2     sing N N 317 
SER CA    C      sing N N 318 
SER CA    CB     sing N N 319 
SER CA    HA     sing N N 320 
SER C     O      doub N N 321 
SER C     OXT    sing N N 322 
SER CB    OG     sing N N 323 
SER CB    HB2    sing N N 324 
SER CB    HB3    sing N N 325 
SER OG    HG     sing N N 326 
SER OXT   HXT    sing N N 327 
THR N     CA     sing N N 328 
THR N     H      sing N N 329 
THR N     H2     sing N N 330 
THR CA    C      sing N N 331 
THR CA    CB     sing N N 332 
THR CA    HA     sing N N 333 
THR C     O      doub N N 334 
THR C     OXT    sing N N 335 
THR CB    OG1    sing N N 336 
THR CB    CG2    sing N N 337 
THR CB    HB     sing N N 338 
THR OG1   HG1    sing N N 339 
THR CG2   HG21   sing N N 340 
THR CG2   HG22   sing N N 341 
THR CG2   HG23   sing N N 342 
THR OXT   HXT    sing N N 343 
TRP N     CA     sing N N 344 
TRP N     H      sing N N 345 
TRP N     H2     sing N N 346 
TRP CA    C      sing N N 347 
TRP CA    CB     sing N N 348 
TRP CA    HA     sing N N 349 
TRP C     O      doub N N 350 
TRP C     OXT    sing N N 351 
TRP CB    CG     sing N N 352 
TRP CB    HB2    sing N N 353 
TRP CB    HB3    sing N N 354 
TRP CG    CD1    doub Y N 355 
TRP CG    CD2    sing Y N 356 
TRP CD1   NE1    sing Y N 357 
TRP CD1   HD1    sing N N 358 
TRP CD2   CE2    doub Y N 359 
TRP CD2   CE3    sing Y N 360 
TRP NE1   CE2    sing Y N 361 
TRP NE1   HE1    sing N N 362 
TRP CE2   CZ2    sing Y N 363 
TRP CE3   CZ3    doub Y N 364 
TRP CE3   HE3    sing N N 365 
TRP CZ2   CH2    doub Y N 366 
TRP CZ2   HZ2    sing N N 367 
TRP CZ3   CH2    sing Y N 368 
TRP CZ3   HZ3    sing N N 369 
TRP CH2   HH2    sing N N 370 
TRP OXT   HXT    sing N N 371 
TYR N     CA     sing N N 372 
TYR N     H      sing N N 373 
TYR N     H2     sing N N 374 
TYR CA    C      sing N N 375 
TYR CA    CB     sing N N 376 
TYR CA    HA     sing N N 377 
TYR C     O      doub N N 378 
TYR C     OXT    sing N N 379 
TYR CB    CG     sing N N 380 
TYR CB    HB2    sing N N 381 
TYR CB    HB3    sing N N 382 
TYR CG    CD1    doub Y N 383 
TYR CG    CD2    sing Y N 384 
TYR CD1   CE1    sing Y N 385 
TYR CD1   HD1    sing N N 386 
TYR CD2   CE2    doub Y N 387 
TYR CD2   HD2    sing N N 388 
TYR CE1   CZ     doub Y N 389 
TYR CE1   HE1    sing N N 390 
TYR CE2   CZ     sing Y N 391 
TYR CE2   HE2    sing N N 392 
TYR CZ    OH     sing N N 393 
TYR OH    HH     sing N N 394 
TYR OXT   HXT    sing N N 395 
VAL N     CA     sing N N 396 
VAL N     H      sing N N 397 
VAL N     H2     sing N N 398 
VAL CA    C      sing N N 399 
VAL CA    CB     sing N N 400 
VAL CA    HA     sing N N 401 
VAL C     O      doub N N 402 
VAL C     OXT    sing N N 403 
VAL CB    CG1    sing N N 404 
VAL CB    CG2    sing N N 405 
VAL CB    HB     sing N N 406 
VAL CG1   HG11   sing N N 407 
VAL CG1   HG12   sing N N 408 
VAL CG1   HG13   sing N N 409 
VAL CG2   HG21   sing N N 410 
VAL CG2   HG22   sing N N 411 
VAL CG2   HG23   sing N N 412 
VAL OXT   HXT    sing N N 413 
# 
_atom_sites.entry_id                    4DZ0 
_atom_sites.fract_transf_matrix[1][1]   0.00512970 
_atom_sites.fract_transf_matrix[1][2]   0.00203526 
_atom_sites.fract_transf_matrix[1][3]   -0.00050764 
_atom_sites.fract_transf_matrix[2][1]   -0.00191274 
_atom_sites.fract_transf_matrix[2][2]   0.00508910 
_atom_sites.fract_transf_matrix[2][3]   0.00107528 
_atom_sites.fract_transf_matrix[3][1]   0.00086104 
_atom_sites.fract_transf_matrix[3][2]   -0.00082008 
_atom_sites.fract_transf_matrix[3][3]   0.00541293 
_atom_sites.fract_transf_vector[1]      0.158714 
_atom_sites.fract_transf_vector[2]      0.219757 
_atom_sites.fract_transf_vector[3]      -0.054951 
# 
loop_
_atom_type.symbol 
C  
CA 
CU 
N  
O  
S  
# 
loop_
_atom_site.group_PDB 
_atom_site.id 
_atom_site.type_symbol 
_atom_site.label_atom_id 
_atom_site.label_alt_id 
_atom_site.label_comp_id 
_atom_site.label_asym_id 
_atom_site.label_entity_id 
_atom_site.label_seq_id 
_atom_site.pdbx_PDB_ins_code 
_atom_site.Cartn_x 
_atom_site.Cartn_y 
_atom_site.Cartn_z 
_atom_site.occupancy 
_atom_site.B_iso_or_equiv 
_atom_site.pdbx_formal_charge 
_atom_site.auth_seq_id 
_atom_site.auth_comp_id 
_atom_site.auth_asym_id 
_atom_site.auth_atom_id 
_atom_site.pdbx_PDB_model_num 
ATOM   1    N  N     . THR A 1 1   ? 29.579  -3.240  -13.483 1.00 49.22 ? 5   THR A N     1 
ATOM   2    C  CA    . THR A 1 1   ? 28.302  -3.543  -14.209 1.00 49.04 ? 5   THR A CA    1 
ATOM   3    C  C     . THR A 1 1   ? 28.017  -5.056  -14.287 1.00 48.39 ? 5   THR A C     1 
ATOM   4    O  O     . THR A 1 1   ? 28.849  -5.839  -14.765 1.00 48.53 ? 5   THR A O     1 
ATOM   5    C  CB    . THR A 1 1   ? 28.247  -2.870  -15.617 1.00 49.35 ? 5   THR A CB    1 
ATOM   6    O  OG1   . THR A 1 1   ? 27.012  -3.211  -16.271 1.00 50.10 ? 5   THR A OG1   1 
ATOM   7    C  CG2   . THR A 1 1   ? 29.444  -3.286  -16.496 1.00 49.61 ? 5   THR A CG2   1 
ATOM   8    N  N     . SER A 1 2   ? 26.835  -5.446  -13.805 1.00 47.49 ? 6   SER A N     1 
ATOM   9    C  CA    . SER A 1 2   ? 26.468  -6.858  -13.605 1.00 46.30 ? 6   SER A CA    1 
ATOM   10   C  C     . SER A 1 2   ? 26.527  -7.726  -14.869 1.00 45.30 ? 6   SER A C     1 
ATOM   11   O  O     . SER A 1 2   ? 26.269  -7.252  -15.976 1.00 45.17 ? 6   SER A O     1 
ATOM   12   C  CB    . SER A 1 2   ? 25.078  -6.951  -12.960 1.00 46.51 ? 6   SER A CB    1 
ATOM   13   O  OG    . SER A 1 2   ? 24.671  -8.300  -12.790 1.00 45.91 ? 6   SER A OG    1 
ATOM   14   N  N     . GLN A 1 3   ? 26.866  -9.001  -14.683 1.00 44.04 ? 7   GLN A N     1 
ATOM   15   C  CA    . GLN A 1 3   ? 26.909  -9.973  -15.780 1.00 42.86 ? 7   GLN A CA    1 
ATOM   16   C  C     . GLN A 1 3   ? 25.522  -10.224 -16.391 1.00 42.14 ? 7   GLN A C     1 
ATOM   17   O  O     . GLN A 1 3   ? 25.414  -10.658 -17.539 1.00 42.03 ? 7   GLN A O     1 
ATOM   18   C  CB    . GLN A 1 3   ? 27.531  -11.293 -15.303 1.00 42.84 ? 7   GLN A CB    1 
ATOM   19   C  CG    . GLN A 1 3   ? 26.620  -12.129 -14.398 1.00 42.76 ? 7   GLN A CG    1 
ATOM   20   C  CD    . GLN A 1 3   ? 27.361  -13.168 -13.579 1.00 42.56 ? 7   GLN A CD    1 
ATOM   21   O  OE1   . GLN A 1 3   ? 28.265  -13.845 -14.073 1.00 42.62 ? 7   GLN A OE1   1 
ATOM   22   N  NE2   . GLN A 1 3   ? 26.974  -13.305 -12.316 1.00 41.65 ? 7   GLN A NE2   1 
ATOM   23   N  N     . VAL A 1 4   ? 24.476  -9.932  -15.623 1.00 41.22 ? 8   VAL A N     1 
ATOM   24   C  CA    . VAL A 1 4   ? 23.110  -10.244 -16.019 1.00 40.61 ? 8   VAL A CA    1 
ATOM   25   C  C     . VAL A 1 4   ? 22.365  -9.041  -16.580 1.00 40.24 ? 8   VAL A C     1 
ATOM   26   O  O     . VAL A 1 4   ? 21.293  -9.193  -17.169 1.00 40.05 ? 8   VAL A O     1 
ATOM   27   C  CB    . VAL A 1 4   ? 22.279  -10.902 -14.855 1.00 40.69 ? 8   VAL A CB    1 
ATOM   28   C  CG1   . VAL A 1 4   ? 22.986  -12.154 -14.301 1.00 40.67 ? 8   VAL A CG1   1 
ATOM   29   C  CG2   . VAL A 1 4   ? 21.968  -9.911  -13.742 1.00 40.15 ? 8   VAL A CG2   1 
ATOM   30   N  N     . ARG A 1 5   ? 22.938  -7.852  -16.400 1.00 40.09 ? 9   ARG A N     1 
ATOM   31   C  CA    . ARG A 1 5   ? 22.282  -6.607  -16.802 1.00 39.84 ? 9   ARG A CA    1 
ATOM   32   C  C     . ARG A 1 5   ? 22.075  -6.515  -18.313 1.00 39.87 ? 9   ARG A C     1 
ATOM   33   O  O     . ARG A 1 5   ? 22.997  -6.752  -19.099 1.00 39.81 ? 9   ARG A O     1 
ATOM   34   C  CB    . ARG A 1 5   ? 23.047  -5.383  -16.288 1.00 40.05 ? 9   ARG A CB    1 
ATOM   35   C  CG    . ARG A 1 5   ? 22.147  -4.169  -16.070 1.00 39.74 ? 9   ARG A CG    1 
ATOM   36   C  CD    . ARG A 1 5   ? 22.918  -2.889  -15.760 1.00 39.30 ? 9   ARG A CD    1 
ATOM   37   N  NE    . ARG A 1 5   ? 21.997  -1.772  -15.540 1.00 38.20 ? 9   ARG A NE    1 
ATOM   38   C  CZ    . ARG A 1 5   ? 21.817  -1.142  -14.379 1.00 37.93 ? 9   ARG A CZ    1 
ATOM   39   N  NH1   . ARG A 1 5   ? 22.510  -1.484  -13.300 1.00 37.11 ? 9   ARG A NH1   1 
ATOM   40   N  NH2   . ARG A 1 5   ? 20.943  -0.146  -14.302 1.00 37.87 ? 9   ARG A NH2   1 
ATOM   41   N  N     . GLN A 1 6   ? 20.849  -6.187  -18.701 1.00 39.84 ? 10  GLN A N     1 
ATOM   42   C  CA    . GLN A 1 6   ? 20.486  -6.048  -20.097 1.00 40.12 ? 10  GLN A CA    1 
ATOM   43   C  C     . GLN A 1 6   ? 19.234  -5.188  -20.224 1.00 40.14 ? 10  GLN A C     1 
ATOM   44   O  O     . GLN A 1 6   ? 18.176  -5.525  -19.681 1.00 39.95 ? 10  GLN A O     1 
ATOM   45   C  CB    . GLN A 1 6   ? 20.274  -7.425  -20.736 1.00 40.17 ? 10  GLN A CB    1 
ATOM   46   C  CG    . GLN A 1 6   ? 20.042  -7.398  -22.242 1.00 40.39 ? 10  GLN A CG    1 
ATOM   47   C  CD    . GLN A 1 6   ? 20.111  -8.773  -22.866 1.00 41.00 ? 10  GLN A CD    1 
ATOM   48   O  OE1   . GLN A 1 6   ? 19.852  -9.783  -22.209 1.00 43.50 ? 10  GLN A OE1   1 
ATOM   49   N  NE2   . GLN A 1 6   ? 20.461  -8.825  -24.147 1.00 42.51 ? 10  GLN A NE2   1 
ATOM   50   N  N     . ASN A 1 7   ? 19.375  -4.068  -20.933 1.00 40.32 ? 11  ASN A N     1 
ATOM   51   C  CA    . ASN A 1 7   ? 18.274  -3.130  -21.187 1.00 40.39 ? 11  ASN A CA    1 
ATOM   52   C  C     . ASN A 1 7   ? 17.712  -2.468  -19.921 1.00 40.28 ? 11  ASN A C     1 
ATOM   53   O  O     . ASN A 1 7   ? 16.569  -2.006  -19.912 1.00 40.21 ? 11  ASN A O     1 
ATOM   54   C  CB    . ASN A 1 7   ? 17.160  -3.817  -21.994 1.00 40.43 ? 11  ASN A CB    1 
ATOM   55   C  CG    . ASN A 1 7   ? 16.267  -2.833  -22.716 1.00 41.09 ? 11  ASN A CG    1 
ATOM   56   O  OD1   . ASN A 1 7   ? 16.724  -1.789  -23.187 1.00 41.69 ? 11  ASN A OD1   1 
ATOM   57   N  ND2   . ASN A 1 7   ? 14.984  -3.163  -22.818 1.00 41.51 ? 11  ASN A ND2   1 
ATOM   58   N  N     . TYR A 1 8   ? 18.526  -2.407  -18.867 1.00 40.31 ? 12  TYR A N     1 
ATOM   59   C  CA    . TYR A 1 8   ? 18.083  -1.895  -17.566 1.00 40.58 ? 12  TYR A CA    1 
ATOM   60   C  C     . TYR A 1 8   ? 18.719  -0.540  -17.221 1.00 41.14 ? 12  TYR A C     1 
ATOM   61   O  O     . TYR A 1 8   ? 19.821  -0.467  -16.666 1.00 40.73 ? 12  TYR A O     1 
ATOM   62   C  CB    . TYR A 1 8   ? 18.335  -2.939  -16.463 1.00 40.00 ? 12  TYR A CB    1 
ATOM   63   C  CG    . TYR A 1 8   ? 17.557  -2.716  -15.177 1.00 39.46 ? 12  TYR A CG    1 
ATOM   64   C  CD1   . TYR A 1 8   ? 16.159  -2.659  -15.175 1.00 39.48 ? 12  TYR A CD1   1 
ATOM   65   C  CD2   . TYR A 1 8   ? 18.219  -2.583  -13.956 1.00 39.70 ? 12  TYR A CD2   1 
ATOM   66   C  CE1   . TYR A 1 8   ? 15.443  -2.459  -13.989 1.00 39.40 ? 12  TYR A CE1   1 
ATOM   67   C  CE2   . TYR A 1 8   ? 17.514  -2.382  -12.762 1.00 39.02 ? 12  TYR A CE2   1 
ATOM   68   C  CZ    . TYR A 1 8   ? 16.131  -2.323  -12.785 1.00 39.27 ? 12  TYR A CZ    1 
ATOM   69   O  OH    . TYR A 1 8   ? 15.440  -2.130  -11.610 1.00 38.65 ? 12  TYR A OH    1 
ATOM   70   N  N     . HIS A 1 9   ? 17.994  0.523   -17.556 1.00 42.18 ? 13  HIS A N     1 
ATOM   71   C  CA    . HIS A 1 9   ? 18.458  1.906   -17.395 1.00 43.27 ? 13  HIS A CA    1 
ATOM   72   C  C     . HIS A 1 9   ? 18.612  2.299   -15.922 1.00 43.31 ? 13  HIS A C     1 
ATOM   73   O  O     . HIS A 1 9   ? 17.798  1.898   -15.082 1.00 43.41 ? 13  HIS A O     1 
ATOM   74   C  CB    . HIS A 1 9   ? 17.486  2.858   -18.100 1.00 43.44 ? 13  HIS A CB    1 
ATOM   75   C  CG    . HIS A 1 9   ? 18.070  4.203   -18.411 1.00 45.49 ? 13  HIS A CG    1 
ATOM   76   N  ND1   . HIS A 1 9   ? 18.177  5.204   -17.470 1.00 47.00 ? 13  HIS A ND1   1 
ATOM   77   C  CD2   . HIS A 1 9   ? 18.567  4.714   -19.562 1.00 46.40 ? 13  HIS A CD2   1 
ATOM   78   C  CE1   . HIS A 1 9   ? 18.722  6.272   -18.025 1.00 47.28 ? 13  HIS A CE1   1 
ATOM   79   N  NE2   . HIS A 1 9   ? 18.968  6.000   -19.294 1.00 47.26 ? 13  HIS A NE2   1 
ATOM   80   N  N     . GLN A 1 10  ? 19.644  3.087   -15.618 1.00 43.39 ? 14  GLN A N     1 
ATOM   81   C  CA    . GLN A 1 10  ? 19.924  3.495   -14.235 1.00 43.75 ? 14  GLN A CA    1 
ATOM   82   C  C     . GLN A 1 10  ? 18.792  4.308   -13.590 1.00 43.54 ? 14  GLN A C     1 
ATOM   83   O  O     . GLN A 1 10  ? 18.680  4.352   -12.360 1.00 43.68 ? 14  GLN A O     1 
ATOM   84   C  CB    . GLN A 1 10  ? 21.289  4.204   -14.116 1.00 43.66 ? 14  GLN A CB    1 
ATOM   85   C  CG    . GLN A 1 10  ? 21.387  5.614   -14.730 1.00 44.59 ? 14  GLN A CG    1 
ATOM   86   C  CD    . GLN A 1 10  ? 22.797  6.228   -14.617 1.00 45.15 ? 14  GLN A CD    1 
ATOM   87   O  OE1   . GLN A 1 10  ? 23.003  7.229   -13.924 1.00 46.47 ? 14  GLN A OE1   1 
ATOM   88   N  NE2   . GLN A 1 10  ? 23.765  5.623   -15.301 1.00 46.55 ? 14  GLN A NE2   1 
ATOM   89   N  N     . ASP A 1 11  ? 17.966  4.948   -14.425 1.00 43.46 ? 15  ASP A N     1 
ATOM   90   C  CA    . ASP A 1 11  ? 16.774  5.681   -13.985 1.00 43.24 ? 15  ASP A CA    1 
ATOM   91   C  C     . ASP A 1 11  ? 15.691  4.734   -13.453 1.00 43.12 ? 15  ASP A C     1 
ATOM   92   O  O     . ASP A 1 11  ? 15.026  5.032   -12.454 1.00 43.08 ? 15  ASP A O     1 
ATOM   93   C  CB    . ASP A 1 11  ? 16.193  6.510   -15.140 1.00 43.48 ? 15  ASP A CB    1 
ATOM   94   C  CG    . ASP A 1 11  ? 16.925  7.836   -15.361 1.00 44.17 ? 15  ASP A CG    1 
ATOM   95   O  OD1   . ASP A 1 11  ? 18.011  8.054   -14.777 1.00 44.27 ? 15  ASP A OD1   1 
ATOM   96   O  OD2   . ASP A 1 11  ? 16.399  8.670   -16.135 1.00 44.68 ? 15  ASP A OD2   1 
ATOM   97   N  N     . SER A 1 12  ? 15.505  3.608   -14.146 1.00 42.72 ? 16  SER A N     1 
ATOM   98   C  CA    . SER A 1 12  ? 14.580  2.556   -13.716 1.00 42.43 ? 16  SER A CA    1 
ATOM   99   C  C     . SER A 1 12  ? 15.036  1.930   -12.399 1.00 42.06 ? 16  SER A C     1 
ATOM   100  O  O     . SER A 1 12  ? 14.257  1.819   -11.448 1.00 41.80 ? 16  SER A O     1 
ATOM   101  C  CB    . SER A 1 12  ? 14.465  1.484   -14.792 1.00 42.39 ? 16  SER A CB    1 
ATOM   102  O  OG    . SER A 1 12  ? 13.953  2.037   -15.991 1.00 43.43 ? 16  SER A OG    1 
ATOM   103  N  N     . GLU A 1 13  ? 16.309  1.544   -12.355 1.00 41.67 ? 17  GLU A N     1 
ATOM   104  C  CA    . GLU A 1 13  ? 16.930  1.019   -11.150 1.00 41.63 ? 17  GLU A CA    1 
ATOM   105  C  C     . GLU A 1 13  ? 16.648  1.896   -9.924  1.00 41.61 ? 17  GLU A C     1 
ATOM   106  O  O     . GLU A 1 13  ? 16.137  1.413   -8.910  1.00 41.94 ? 17  GLU A O     1 
ATOM   107  C  CB    . GLU A 1 13  ? 18.429  0.871   -11.373 1.00 41.51 ? 17  GLU A CB    1 
ATOM   108  C  CG    . GLU A 1 13  ? 19.171  0.336   -10.189 1.00 41.85 ? 17  GLU A CG    1 
ATOM   109  C  CD    . GLU A 1 13  ? 20.645  0.153   -10.457 1.00 42.75 ? 17  GLU A CD    1 
ATOM   110  O  OE1   . GLU A 1 13  ? 21.062  0.235   -11.631 1.00 44.14 ? 17  GLU A OE1   1 
ATOM   111  O  OE2   . GLU A 1 13  ? 21.391  -0.080  -9.487  1.00 43.02 ? 17  GLU A OE2   1 
ATOM   112  N  N     . ALA A 1 14  ? 16.955  3.186   -10.031 1.00 41.29 ? 18  ALA A N     1 
ATOM   113  C  CA    . ALA A 1 14  ? 16.724  4.135   -8.938  1.00 40.91 ? 18  ALA A CA    1 
ATOM   114  C  C     . ALA A 1 14  ? 15.240  4.289   -8.583  1.00 40.38 ? 18  ALA A C     1 
ATOM   115  O  O     . ALA A 1 14  ? 14.890  4.440   -7.407  1.00 40.37 ? 18  ALA A O     1 
ATOM   116  C  CB    . ALA A 1 14  ? 17.350  5.496   -9.265  1.00 41.10 ? 18  ALA A CB    1 
ATOM   117  N  N     . ALA A 1 15  ? 14.377  4.249   -9.598  1.00 39.86 ? 19  ALA A N     1 
ATOM   118  C  CA    . ALA A 1 15  ? 12.926  4.330   -9.388  1.00 39.40 ? 19  ALA A CA    1 
ATOM   119  C  C     . ALA A 1 15  ? 12.366  3.086   -8.679  1.00 39.20 ? 19  ALA A C     1 
ATOM   120  O  O     . ALA A 1 15  ? 11.423  3.185   -7.888  1.00 39.18 ? 19  ALA A O     1 
ATOM   121  C  CB    . ALA A 1 15  ? 12.210  4.560   -10.697 1.00 39.28 ? 19  ALA A CB    1 
ATOM   122  N  N     . ILE A 1 16  ? 12.955  1.925   -8.958  1.00 38.76 ? 20  ILE A N     1 
ATOM   123  C  CA    . ILE A 1 16  ? 12.574  0.694   -8.270  1.00 38.53 ? 20  ILE A CA    1 
ATOM   124  C  C     . ILE A 1 16  ? 12.902  0.824   -6.786  1.00 38.52 ? 20  ILE A C     1 
ATOM   125  O  O     . ILE A 1 16  ? 12.083  0.489   -5.926  1.00 38.53 ? 20  ILE A O     1 
ATOM   126  C  CB    . ILE A 1 16  ? 13.240  -0.566  -8.904  1.00 38.33 ? 20  ILE A CB    1 
ATOM   127  C  CG1   . ILE A 1 16  ? 12.705  -0.810  -10.325 1.00 37.69 ? 20  ILE A CG1   1 
ATOM   128  C  CG2   . ILE A 1 16  ? 13.039  -1.806  -8.029  1.00 37.83 ? 20  ILE A CG2   1 
ATOM   129  C  CD1   . ILE A 1 16  ? 11.190  -1.049  -10.420 1.00 37.22 ? 20  ILE A CD1   1 
ATOM   130  N  N     . ASN A 1 17  ? 14.091  1.341   -6.496  1.00 38.53 ? 21  ASN A N     1 
ATOM   131  C  CA    . ASN A 1 17  ? 14.483  1.627   -5.117  1.00 38.55 ? 21  ASN A CA    1 
ATOM   132  C  C     . ASN A 1 17  ? 13.527  2.579   -4.411  1.00 38.42 ? 21  ASN A C     1 
ATOM   133  O  O     . ASN A 1 17  ? 13.157  2.354   -3.257  1.00 38.29 ? 21  ASN A O     1 
ATOM   134  C  CB    . ASN A 1 17  ? 15.907  2.154   -5.068  1.00 38.39 ? 21  ASN A CB    1 
ATOM   135  C  CG    . ASN A 1 17  ? 16.918  1.074   -5.323  1.00 39.20 ? 21  ASN A CG    1 
ATOM   136  O  OD1   . ASN A 1 17  ? 16.708  -0.087  -4.951  1.00 40.20 ? 21  ASN A OD1   1 
ATOM   137  N  ND2   . ASN A 1 17  ? 18.027  1.435   -5.965  1.00 38.90 ? 21  ASN A ND2   1 
ATOM   138  N  N     . ARG A 1 18  ? 13.106  3.623   -5.117  1.00 38.26 ? 22  ARG A N     1 
ATOM   139  C  CA    . ARG A 1 18  ? 12.156  4.572   -4.555  1.00 38.31 ? 22  ARG A CA    1 
ATOM   140  C  C     . ARG A 1 18  ? 10.811  3.903   -4.313  1.00 37.87 ? 22  ARG A C     1 
ATOM   141  O  O     . ARG A 1 18  ? 10.147  4.183   -3.313  1.00 38.03 ? 22  ARG A O     1 
ATOM   142  C  CB    . ARG A 1 18  ? 12.019  5.815   -5.441  1.00 38.28 ? 22  ARG A CB    1 
ATOM   143  C  CG    . ARG A 1 18  ? 13.230  6.752   -5.357  1.00 38.60 ? 22  ARG A CG    1 
ATOM   144  C  CD    . ARG A 1 18  ? 12.930  8.159   -5.909  1.00 38.84 ? 22  ARG A CD    1 
ATOM   145  N  NE    . ARG A 1 18  ? 12.420  8.128   -7.282  1.00 39.08 ? 22  ARG A NE    1 
ATOM   146  C  CZ    . ARG A 1 18  ? 13.176  7.981   -8.370  1.00 39.08 ? 22  ARG A CZ    1 
ATOM   147  N  NH1   . ARG A 1 18  ? 14.498  7.852   -8.264  1.00 37.73 ? 22  ARG A NH1   1 
ATOM   148  N  NH2   . ARG A 1 18  ? 12.607  7.959   -9.572  1.00 38.25 ? 22  ARG A NH2   1 
ATOM   149  N  N     . GLN A 1 19  ? 10.431  3.000   -5.217  1.00 37.48 ? 23  GLN A N     1 
ATOM   150  C  CA    . GLN A 1 19  ? 9.182   2.253   -5.082  1.00 37.10 ? 23  GLN A CA    1 
ATOM   151  C  C     . GLN A 1 19  ? 9.231   1.227   -3.943  1.00 36.46 ? 23  GLN A C     1 
ATOM   152  O  O     . GLN A 1 19  ? 8.262   1.094   -3.191  1.00 36.49 ? 23  GLN A O     1 
ATOM   153  C  CB    . GLN A 1 19  ? 8.800   1.582   -6.400  1.00 37.40 ? 23  GLN A CB    1 
ATOM   154  C  CG    . GLN A 1 19  ? 7.364   1.074   -6.442  1.00 38.04 ? 23  GLN A CG    1 
ATOM   155  C  CD    . GLN A 1 19  ? 6.344   2.187   -6.469  1.00 38.85 ? 23  GLN A CD    1 
ATOM   156  O  OE1   . GLN A 1 19  ? 6.541   3.215   -7.120  1.00 39.95 ? 23  GLN A OE1   1 
ATOM   157  N  NE2   . GLN A 1 19  ? 5.233   1.983   -5.774  1.00 38.52 ? 23  GLN A NE2   1 
ATOM   158  N  N     . ILE A 1 20  ? 10.354  0.520   -3.811  1.00 35.54 ? 24  ILE A N     1 
ATOM   159  C  CA    . ILE A 1 20  ? 10.560  -0.395  -2.681  1.00 34.88 ? 24  ILE A CA    1 
ATOM   160  C  C     . ILE A 1 20  ? 10.278  0.307   -1.348  1.00 34.64 ? 24  ILE A C     1 
ATOM   161  O  O     . ILE A 1 20  ? 9.532   -0.215  -0.511  1.00 34.76 ? 24  ILE A O     1 
ATOM   162  C  CB    . ILE A 1 20  ? 11.990  -0.985  -2.669  1.00 34.88 ? 24  ILE A CB    1 
ATOM   163  C  CG1   . ILE A 1 20  ? 12.157  -2.013  -3.796  1.00 34.76 ? 24  ILE A CG1   1 
ATOM   164  C  CG2   . ILE A 1 20  ? 12.305  -1.613  -1.313  1.00 34.63 ? 24  ILE A CG2   1 
ATOM   165  C  CD1   . ILE A 1 20  ? 13.601  -2.232  -4.248  1.00 33.23 ? 24  ILE A CD1   1 
ATOM   166  N  N     . ASN A 1 21  ? 10.865  1.493   -1.170  1.00 34.01 ? 25  ASN A N     1 
ATOM   167  C  CA    . ASN A 1 21  ? 10.733  2.278   0.059   1.00 33.33 ? 25  ASN A CA    1 
ATOM   168  C  C     . ASN A 1 21  ? 9.292   2.682   0.341   1.00 33.08 ? 25  ASN A C     1 
ATOM   169  O  O     . ASN A 1 21  ? 8.865   2.727   1.492   1.00 33.31 ? 25  ASN A O     1 
ATOM   170  C  CB    . ASN A 1 21  ? 11.617  3.535   -0.013  1.00 33.36 ? 25  ASN A CB    1 
ATOM   171  C  CG    . ASN A 1 21  ? 11.771  4.217   1.332   1.00 32.90 ? 25  ASN A CG    1 
ATOM   172  O  OD1   . ASN A 1 21  ? 11.063  5.171   1.641   1.00 32.07 ? 25  ASN A OD1   1 
ATOM   173  N  ND2   . ASN A 1 21  ? 12.688  3.713   2.151   1.00 33.12 ? 25  ASN A ND2   1 
ATOM   174  N  N     . LEU A 1 22  ? 8.552   2.986   -0.718  1.00 32.78 ? 26  LEU A N     1 
ATOM   175  C  CA    . LEU A 1 22  ? 7.151   3.379   -0.606  1.00 32.39 ? 26  LEU A CA    1 
ATOM   176  C  C     . LEU A 1 22  ? 6.258   2.195   -0.179  1.00 32.37 ? 26  LEU A C     1 
ATOM   177  O  O     . LEU A 1 22  ? 5.365   2.360   0.668   1.00 32.06 ? 26  LEU A O     1 
ATOM   178  C  CB    . LEU A 1 22  ? 6.684   3.988   -1.931  1.00 32.19 ? 26  LEU A CB    1 
ATOM   179  C  CG    . LEU A 1 22  ? 5.313   4.646   -2.054  1.00 32.39 ? 26  LEU A CG    1 
ATOM   180  C  CD1   . LEU A 1 22  ? 5.170   5.852   -1.144  1.00 32.77 ? 26  LEU A CD1   1 
ATOM   181  C  CD2   . LEU A 1 22  ? 5.090   5.050   -3.497  1.00 32.46 ? 26  LEU A CD2   1 
ATOM   182  N  N     . GLU A 1 23  ? 6.499   1.006   -0.749  1.00 31.91 ? 27  GLU A N     1 
ATOM   183  C  CA    . GLU A 1 23  ? 5.763   -0.191  -0.320  1.00 31.72 ? 27  GLU A CA    1 
ATOM   184  C  C     . GLU A 1 23  ? 5.989   -0.442  1.173   1.00 31.60 ? 27  GLU A C     1 
ATOM   185  O  O     . GLU A 1 23  ? 5.040   -0.733  1.908   1.00 31.45 ? 27  GLU A O     1 
ATOM   186  C  CB    . GLU A 1 23  ? 6.134   -1.434  -1.139  1.00 31.66 ? 27  GLU A CB    1 
ATOM   187  C  CG    . GLU A 1 23  ? 5.951   -1.313  -2.649  1.00 32.25 ? 27  GLU A CG    1 
ATOM   188  C  CD    . GLU A 1 23  ? 4.520   -1.024  -3.064  1.00 33.76 ? 27  GLU A CD    1 
ATOM   189  O  OE1   . GLU A 1 23  ? 3.611   -1.169  -2.217  1.00 35.69 ? 27  GLU A OE1   1 
ATOM   190  O  OE2   . GLU A 1 23  ? 4.297   -0.654  -4.239  1.00 32.72 ? 27  GLU A OE2   1 
ATOM   191  N  N     . LEU A 1 24  ? 7.237   -0.293  1.619   1.00 31.26 ? 28  LEU A N     1 
ATOM   192  C  CA    . LEU A 1 24  ? 7.574   -0.448  3.038   1.00 31.20 ? 28  LEU A CA    1 
ATOM   193  C  C     . LEU A 1 24  ? 6.918   0.620   3.904   1.00 31.24 ? 28  LEU A C     1 
ATOM   194  O  O     . LEU A 1 24  ? 6.443   0.338   5.010   1.00 31.63 ? 28  LEU A O     1 
ATOM   195  C  CB    . LEU A 1 24  ? 9.086   -0.477  3.242   1.00 31.09 ? 28  LEU A CB    1 
ATOM   196  C  CG    . LEU A 1 24  ? 9.792   -1.661  2.568   1.00 31.53 ? 28  LEU A CG    1 
ATOM   197  C  CD1   . LEU A 1 24  ? 11.294  -1.439  2.503   1.00 32.42 ? 28  LEU A CD1   1 
ATOM   198  C  CD2   . LEU A 1 24  ? 9.470   -2.977  3.269   1.00 31.19 ? 28  LEU A CD2   1 
ATOM   199  N  N     . TYR A 1 25  ? 6.874   1.843   3.389   1.00 31.05 ? 29  TYR A N     1 
ATOM   200  C  CA    . TYR A 1 25  ? 6.138   2.921   4.040   1.00 30.66 ? 29  TYR A CA    1 
ATOM   201  C  C     . TYR A 1 25  ? 4.644   2.582   4.143   1.00 30.50 ? 29  TYR A C     1 
ATOM   202  O  O     . TYR A 1 25  ? 4.055   2.712   5.215   1.00 30.71 ? 29  TYR A O     1 
ATOM   203  C  CB    . TYR A 1 25  ? 6.353   4.252   3.295   1.00 30.40 ? 29  TYR A CB    1 
ATOM   204  C  CG    . TYR A 1 25  ? 5.509   5.378   3.829   1.00 29.68 ? 29  TYR A CG    1 
ATOM   205  C  CD1   . TYR A 1 25  ? 5.849   6.017   5.021   1.00 29.36 ? 29  TYR A CD1   1 
ATOM   206  C  CD2   . TYR A 1 25  ? 4.365   5.800   3.154   1.00 29.52 ? 29  TYR A CD2   1 
ATOM   207  C  CE1   . TYR A 1 25  ? 5.074   7.055   5.530   1.00 29.04 ? 29  TYR A CE1   1 
ATOM   208  C  CE2   . TYR A 1 25  ? 3.575   6.843   3.653   1.00 29.33 ? 29  TYR A CE2   1 
ATOM   209  C  CZ    . TYR A 1 25  ? 3.943   7.464   4.840   1.00 29.47 ? 29  TYR A CZ    1 
ATOM   210  O  OH    . TYR A 1 25  ? 3.179   8.481   5.358   1.00 30.26 ? 29  TYR A OH    1 
ATOM   211  N  N     . ALA A 1 26  ? 4.040   2.158   3.035   1.00 30.31 ? 30  ALA A N     1 
ATOM   212  C  CA    . ALA A 1 26  ? 2.633   1.719   3.031   1.00 30.61 ? 30  ALA A CA    1 
ATOM   213  C  C     . ALA A 1 26  ? 2.411   0.618   4.068   1.00 30.68 ? 30  ALA A C     1 
ATOM   214  O  O     . ALA A 1 26  ? 1.482   0.682   4.872   1.00 30.68 ? 30  ALA A O     1 
ATOM   215  C  CB    . ALA A 1 26  ? 2.213   1.232   1.636   1.00 30.53 ? 30  ALA A CB    1 
ATOM   216  N  N     . SER A 1 27  ? 3.289   -0.377  4.049   1.00 30.97 ? 31  SER A N     1 
ATOM   217  C  CA    . SER A 1 27  ? 3.280   -1.442  5.033   1.00 31.53 ? 31  SER A CA    1 
ATOM   218  C  C     . SER A 1 27  ? 3.304   -0.889  6.453   1.00 31.90 ? 31  SER A C     1 
ATOM   219  O  O     . SER A 1 27  ? 2.547   -1.346  7.319   1.00 32.10 ? 31  SER A O     1 
ATOM   220  C  CB    . SER A 1 27  ? 4.475   -2.361  4.811   1.00 31.30 ? 31  SER A CB    1 
ATOM   221  O  OG    . SER A 1 27  ? 4.493   -3.388  5.773   1.00 32.25 ? 31  SER A OG    1 
ATOM   222  N  N     . TYR A 1 28  ? 4.167   0.099   6.679   1.00 32.19 ? 32  TYR A N     1 
ATOM   223  C  CA    . TYR A 1 28  ? 4.344   0.703   8.006   1.00 32.54 ? 32  TYR A CA    1 
ATOM   224  C  C     . TYR A 1 28  ? 3.120   1.489   8.473   1.00 32.34 ? 32  TYR A C     1 
ATOM   225  O  O     . TYR A 1 28  ? 2.703   1.357   9.629   1.00 32.33 ? 32  TYR A O     1 
ATOM   226  C  CB    . TYR A 1 28  ? 5.589   1.587   8.015   1.00 33.06 ? 32  TYR A CB    1 
ATOM   227  C  CG    . TYR A 1 28  ? 6.172   1.843   9.380   1.00 34.25 ? 32  TYR A CG    1 
ATOM   228  C  CD1   . TYR A 1 28  ? 5.935   0.965   10.441  1.00 35.02 ? 32  TYR A CD1   1 
ATOM   229  C  CD2   . TYR A 1 28  ? 7.005   2.945   9.604   1.00 34.09 ? 32  TYR A CD2   1 
ATOM   230  C  CE1   . TYR A 1 28  ? 6.489   1.193   11.699  1.00 35.25 ? 32  TYR A CE1   1 
ATOM   231  C  CE2   . TYR A 1 28  ? 7.567   3.174   10.854  1.00 34.48 ? 32  TYR A CE2   1 
ATOM   232  C  CZ    . TYR A 1 28  ? 7.306   2.295   11.895  1.00 34.69 ? 32  TYR A CZ    1 
ATOM   233  O  OH    . TYR A 1 28  ? 7.855   2.517   13.139  1.00 34.99 ? 32  TYR A OH    1 
ATOM   234  N  N     . VAL A 1 29  ? 2.544   2.293   7.576   1.00 32.09 ? 33  VAL A N     1 
ATOM   235  C  CA    . VAL A 1 29  ? 1.295   3.011   7.858   1.00 32.04 ? 33  VAL A CA    1 
ATOM   236  C  C     . VAL A 1 29  ? 0.204   2.036   8.311   1.00 32.21 ? 33  VAL A C     1 
ATOM   237  O  O     . VAL A 1 29  ? -0.489  2.285   9.301   1.00 32.46 ? 33  VAL A O     1 
ATOM   238  C  CB    . VAL A 1 29  ? 0.800   3.811   6.623   1.00 31.90 ? 33  VAL A CB    1 
ATOM   239  C  CG1   . VAL A 1 29  ? -0.629  4.301   6.823   1.00 31.67 ? 33  VAL A CG1   1 
ATOM   240  C  CG2   . VAL A 1 29  ? 1.725   4.977   6.342   1.00 31.89 ? 33  VAL A CG2   1 
ATOM   241  N  N     . TYR A 1 30  ? 0.063   0.927   7.590   1.00 32.26 ? 34  TYR A N     1 
ATOM   242  C  CA    . TYR A 1 30  ? -0.950  -0.072  7.917   1.00 32.56 ? 34  TYR A CA    1 
ATOM   243  C  C     . TYR A 1 30  ? -0.687  -0.749  9.256   1.00 32.56 ? 34  TYR A C     1 
ATOM   244  O  O     . TYR A 1 30  ? -1.622  -1.091  9.971   1.00 32.18 ? 34  TYR A O     1 
ATOM   245  C  CB    . TYR A 1 30  ? -1.049  -1.124  6.821   1.00 32.62 ? 34  TYR A CB    1 
ATOM   246  C  CG    . TYR A 1 30  ? -1.854  -0.706  5.624   1.00 32.65 ? 34  TYR A CG    1 
ATOM   247  C  CD1   . TYR A 1 30  ? -3.172  -0.285  5.764   1.00 32.92 ? 34  TYR A CD1   1 
ATOM   248  C  CD2   . TYR A 1 30  ? -1.313  -0.765  4.343   1.00 32.71 ? 34  TYR A CD2   1 
ATOM   249  C  CE1   . TYR A 1 30  ? -3.927  0.083   4.666   1.00 33.18 ? 34  TYR A CE1   1 
ATOM   250  C  CE2   . TYR A 1 30  ? -2.064  -0.398  3.229   1.00 33.28 ? 34  TYR A CE2   1 
ATOM   251  C  CZ    . TYR A 1 30  ? -3.371  0.026   3.402   1.00 33.26 ? 34  TYR A CZ    1 
ATOM   252  O  OH    . TYR A 1 30  ? -4.134  0.395   2.316   1.00 33.59 ? 34  TYR A OH    1 
ATOM   253  N  N     . LEU A 1 31  ? 0.587   -0.931  9.590   1.00 32.98 ? 35  LEU A N     1 
ATOM   254  C  CA    . LEU A 1 31  ? 0.948   -1.519  10.875  1.00 33.70 ? 35  LEU A CA    1 
ATOM   255  C  C     . LEU A 1 31  ? 0.484   -0.614  12.013  1.00 34.23 ? 35  LEU A C     1 
ATOM   256  O  O     . LEU A 1 31  ? -0.057  -1.092  13.013  1.00 34.38 ? 35  LEU A O     1 
ATOM   257  C  CB    . LEU A 1 31  ? 2.455   -1.786  10.955  1.00 33.61 ? 35  LEU A CB    1 
ATOM   258  C  CG    . LEU A 1 31  ? 2.981   -2.533  12.189  1.00 34.22 ? 35  LEU A CG    1 
ATOM   259  C  CD1   . LEU A 1 31  ? 2.198   -3.836  12.447  1.00 34.20 ? 35  LEU A CD1   1 
ATOM   260  C  CD2   . LEU A 1 31  ? 4.477   -2.809  12.069  1.00 33.62 ? 35  LEU A CD2   1 
ATOM   261  N  N     . SER A 1 32  ? 0.684   0.694   11.828  1.00 34.92 ? 36  SER A N     1 
ATOM   262  C  CA    . SER A 1 32  ? 0.248   1.725   12.773  1.00 35.15 ? 36  SER A CA    1 
ATOM   263  C  C     . SER A 1 32  ? -1.260  1.743   12.962  1.00 35.31 ? 36  SER A C     1 
ATOM   264  O  O     . SER A 1 32  ? -1.745  1.892   14.086  1.00 35.36 ? 36  SER A O     1 
ATOM   265  C  CB    . SER A 1 32  ? 0.721   3.108   12.306  1.00 35.22 ? 36  SER A CB    1 
ATOM   266  O  OG    . SER A 1 32  ? 0.134   4.136   13.088  1.00 35.19 ? 36  SER A OG    1 
ATOM   267  N  N     . MET A 1 33  ? -1.992  1.618   11.855  1.00 35.58 ? 37  MET A N     1 
ATOM   268  C  CA    . MET A 1 33  ? -3.458  1.584   11.891  1.00 35.86 ? 37  MET A CA    1 
ATOM   269  C  C     . MET A 1 33  ? -3.912  0.347   12.644  1.00 35.96 ? 37  MET A C     1 
ATOM   270  O  O     . MET A 1 33  ? -4.804  0.412   13.494  1.00 35.93 ? 37  MET A O     1 
ATOM   271  C  CB    . MET A 1 33  ? -4.048  1.566   10.476  1.00 35.88 ? 37  MET A CB    1 
ATOM   272  C  CG    . MET A 1 33  ? -4.005  2.895   9.741   1.00 35.44 ? 37  MET A CG    1 
ATOM   273  S  SD    . MET A 1 33  ? -4.754  2.767   8.098   1.00 35.88 ? 37  MET A SD    1 
ATOM   274  C  CE    . MET A 1 33  ? -4.395  4.389   7.428   1.00 35.99 ? 37  MET A CE    1 
ATOM   275  N  N     . SER A 1 34  ? -3.258  -0.771  12.337  1.00 36.32 ? 38  SER A N     1 
ATOM   276  C  CA    . SER A 1 34  ? -3.570  -2.073  12.925  1.00 36.44 ? 38  SER A CA    1 
ATOM   277  C  C     . SER A 1 34  ? -3.517  -2.036  14.444  1.00 36.49 ? 38  SER A C     1 
ATOM   278  O  O     . SER A 1 34  ? -4.486  -2.403  15.110  1.00 36.46 ? 38  SER A O     1 
ATOM   279  C  CB    . SER A 1 34  ? -2.613  -3.138  12.393  1.00 36.34 ? 38  SER A CB    1 
ATOM   280  O  OG    . SER A 1 34  ? -2.825  -4.363  13.057  1.00 36.98 ? 38  SER A OG    1 
ATOM   281  N  N     . GLU A 1 35  ? -2.395  -1.580  14.992  1.00 36.61 ? 39  GLU A N     1 
ATOM   282  C  CA    . GLU A 1 35  ? -2.266  -1.496  16.443  1.00 36.87 ? 39  GLU A CA    1 
ATOM   283  C  C     . GLU A 1 35  ? -3.230  -0.480  17.056  1.00 36.48 ? 39  GLU A C     1 
ATOM   284  O  O     . GLU A 1 35  ? -3.726  -0.688  18.160  1.00 36.33 ? 39  GLU A O     1 
ATOM   285  C  CB    . GLU A 1 35  ? -0.816  -1.252  16.870  1.00 37.20 ? 39  GLU A CB    1 
ATOM   286  C  CG    . GLU A 1 35  ? 0.157   -2.419  16.539  1.00 38.99 ? 39  GLU A CG    1 
ATOM   287  C  CD    . GLU A 1 35  ? -0.205  -3.757  17.214  1.00 41.39 ? 39  GLU A CD    1 
ATOM   288  O  OE1   . GLU A 1 35  ? -0.705  -3.737  18.366  1.00 43.36 ? 39  GLU A OE1   1 
ATOM   289  O  OE2   . GLU A 1 35  ? 0.026   -4.828  16.594  1.00 40.59 ? 39  GLU A OE2   1 
ATOM   290  N  N     . TYR A 1 36  ? -3.535  0.589   16.325  1.00 36.23 ? 40  TYR A N     1 
ATOM   291  C  CA    . TYR A 1 36  ? -4.469  1.601   16.825  1.00 36.09 ? 40  TYR A CA    1 
ATOM   292  C  C     . TYR A 1 36  ? -5.815  0.995   17.235  1.00 36.04 ? 40  TYR A C     1 
ATOM   293  O  O     . TYR A 1 36  ? -6.344  1.297   18.301  1.00 36.03 ? 40  TYR A O     1 
ATOM   294  C  CB    . TYR A 1 36  ? -4.663  2.730   15.803  1.00 36.02 ? 40  TYR A CB    1 
ATOM   295  C  CG    . TYR A 1 36  ? -5.789  3.679   16.151  1.00 35.59 ? 40  TYR A CG    1 
ATOM   296  C  CD1   . TYR A 1 36  ? -5.605  4.702   17.080  1.00 35.26 ? 40  TYR A CD1   1 
ATOM   297  C  CD2   . TYR A 1 36  ? -7.040  3.549   15.557  1.00 35.47 ? 40  TYR A CD2   1 
ATOM   298  C  CE1   . TYR A 1 36  ? -6.637  5.566   17.405  1.00 35.34 ? 40  TYR A CE1   1 
ATOM   299  C  CE2   . TYR A 1 36  ? -8.083  4.407   15.878  1.00 35.06 ? 40  TYR A CE2   1 
ATOM   300  C  CZ    . TYR A 1 36  ? -7.876  5.411   16.800  1.00 35.59 ? 40  TYR A CZ    1 
ATOM   301  O  OH    . TYR A 1 36  ? -8.912  6.261   17.118  1.00 35.89 ? 40  TYR A OH    1 
ATOM   302  N  N     . PHE A 1 37  ? -6.353  0.124   16.391  1.00 36.12 ? 41  PHE A N     1 
ATOM   303  C  CA    . PHE A 1 37  ? -7.661  -0.476  16.645  1.00 36.04 ? 41  PHE A CA    1 
ATOM   304  C  C     . PHE A 1 37  ? -7.661  -1.550  17.730  1.00 36.22 ? 41  PHE A C     1 
ATOM   305  O  O     . PHE A 1 37  ? -8.719  -2.029  18.125  1.00 35.85 ? 41  PHE A O     1 
ATOM   306  C  CB    . PHE A 1 37  ? -8.297  -0.961  15.337  1.00 35.86 ? 41  PHE A CB    1 
ATOM   307  C  CG    . PHE A 1 37  ? -8.695  0.157   14.432  1.00 35.07 ? 41  PHE A CG    1 
ATOM   308  C  CD1   . PHE A 1 37  ? -9.882  0.838   14.632  1.00 35.82 ? 41  PHE A CD1   1 
ATOM   309  C  CD2   . PHE A 1 37  ? -7.866  0.557   13.396  1.00 35.47 ? 41  PHE A CD2   1 
ATOM   310  C  CE1   . PHE A 1 37  ? -10.247 1.900   13.799  1.00 35.30 ? 41  PHE A CE1   1 
ATOM   311  C  CE2   . PHE A 1 37  ? -8.221  1.612   12.559  1.00 34.84 ? 41  PHE A CE2   1 
ATOM   312  C  CZ    . PHE A 1 37  ? -9.412  2.282   12.762  1.00 35.19 ? 41  PHE A CZ    1 
ATOM   313  N  N     . ASP A 1 38  ? -6.473  -1.893  18.219  1.00 36.93 ? 42  ASP A N     1 
ATOM   314  C  CA    . ASP A 1 38  ? -6.315  -2.769  19.381  1.00 38.04 ? 42  ASP A CA    1 
ATOM   315  C  C     . ASP A 1 38  ? -6.241  -2.019  20.719  1.00 38.09 ? 42  ASP A C     1 
ATOM   316  O  O     . ASP A 1 38  ? -6.200  -2.643  21.780  1.00 38.07 ? 42  ASP A O     1 
ATOM   317  C  CB    . ASP A 1 38  ? -5.071  -3.653  19.218  1.00 38.55 ? 42  ASP A CB    1 
ATOM   318  C  CG    . ASP A 1 38  ? -5.400  -5.036  18.678  1.00 40.90 ? 42  ASP A CG    1 
ATOM   319  O  OD1   . ASP A 1 38  ? -4.736  -5.469  17.705  1.00 42.66 ? 42  ASP A OD1   1 
ATOM   320  O  OD2   . ASP A 1 38  ? -6.318  -5.695  19.228  1.00 43.63 ? 42  ASP A OD2   1 
ATOM   321  N  N     . ARG A 1 39  ? -6.206  -0.688  20.665  1.00 38.21 ? 43  ARG A N     1 
ATOM   322  C  CA    . ARG A 1 39  ? -6.214  0.136   21.869  1.00 38.07 ? 43  ARG A CA    1 
ATOM   323  C  C     . ARG A 1 39  ? -7.496  -0.127  22.642  1.00 37.97 ? 43  ARG A C     1 
ATOM   324  O  O     . ARG A 1 39  ? -8.567  -0.266  22.041  1.00 37.81 ? 43  ARG A O     1 
ATOM   325  C  CB    . ARG A 1 39  ? -6.129  1.614   21.498  1.00 38.37 ? 43  ARG A CB    1 
ATOM   326  C  CG    . ARG A 1 39  ? -4.740  2.091   21.077  1.00 39.11 ? 43  ARG A CG    1 
ATOM   327  C  CD    . ARG A 1 39  ? -4.794  3.520   20.567  1.00 40.78 ? 43  ARG A CD    1 
ATOM   328  N  NE    . ARG A 1 39  ? -5.521  4.385   21.499  1.00 43.48 ? 43  ARG A NE    1 
ATOM   329  C  CZ    . ARG A 1 39  ? -5.481  5.719   21.502  1.00 43.59 ? 43  ARG A CZ    1 
ATOM   330  N  NH1   . ARG A 1 39  ? -4.745  6.386   20.619  1.00 42.57 ? 43  ARG A NH1   1 
ATOM   331  N  NH2   . ARG A 1 39  ? -6.187  6.387   22.402  1.00 43.91 ? 43  ARG A NH2   1 
ATOM   332  N  N     . ASP A 1 40  ? -7.393  -0.195  23.967  1.00 37.88 ? 44  ASP A N     1 
ATOM   333  C  CA    . ASP A 1 40  ? -8.557  -0.514  24.802  1.00 38.13 ? 44  ASP A CA    1 
ATOM   334  C  C     . ASP A 1 40  ? -9.685  0.510   24.682  1.00 38.37 ? 44  ASP A C     1 
ATOM   335  O  O     . ASP A 1 40  ? -10.838 0.186   24.962  1.00 38.46 ? 44  ASP A O     1 
ATOM   336  C  CB    . ASP A 1 40  ? -8.170  -0.671  26.270  1.00 38.13 ? 44  ASP A CB    1 
ATOM   337  C  CG    . ASP A 1 40  ? -7.849  0.650   26.923  1.00 38.03 ? 44  ASP A CG    1 
ATOM   338  O  OD1   . ASP A 1 40  ? -6.718  1.138   26.744  1.00 38.50 ? 44  ASP A OD1   1 
ATOM   339  O  OD2   . ASP A 1 40  ? -8.733  1.209   27.602  1.00 38.42 ? 44  ASP A OD2   1 
ATOM   340  N  N     . ASP A 1 41  ? -9.349  1.739   24.285  1.00 38.52 ? 45  ASP A N     1 
ATOM   341  C  CA    . ASP A 1 41  ? -10.362 2.786   24.075  1.00 38.61 ? 45  ASP A CA    1 
ATOM   342  C  C     . ASP A 1 41  ? -10.820 2.894   22.614  1.00 38.02 ? 45  ASP A C     1 
ATOM   343  O  O     . ASP A 1 41  ? -11.490 3.862   22.235  1.00 38.39 ? 45  ASP A O     1 
ATOM   344  C  CB    . ASP A 1 41  ? -9.886  4.145   24.609  1.00 38.74 ? 45  ASP A CB    1 
ATOM   345  C  CG    . ASP A 1 41  ? -8.574  4.599   23.994  1.00 40.32 ? 45  ASP A CG    1 
ATOM   346  O  OD1   . ASP A 1 41  ? -7.964  3.833   23.204  1.00 41.99 ? 45  ASP A OD1   1 
ATOM   347  O  OD2   . ASP A 1 41  ? -8.142  5.733   24.315  1.00 41.34 ? 45  ASP A OD2   1 
ATOM   348  N  N     . VAL A 1 42  ? -10.454 1.899   21.808  1.00 37.03 ? 46  VAL A N     1 
ATOM   349  C  CA    . VAL A 1 42  ? -10.924 1.786   20.428  1.00 36.15 ? 46  VAL A CA    1 
ATOM   350  C  C     . VAL A 1 42  ? -11.525 0.381   20.226  1.00 35.82 ? 46  VAL A C     1 
ATOM   351  O  O     . VAL A 1 42  ? -12.716 0.242   19.945  1.00 35.51 ? 46  VAL A O     1 
ATOM   352  C  CB    . VAL A 1 42  ? -9.790  2.071   19.410  1.00 36.09 ? 46  VAL A CB    1 
ATOM   353  C  CG1   . VAL A 1 42  ? -10.297 1.933   17.987  1.00 35.62 ? 46  VAL A CG1   1 
ATOM   354  C  CG2   . VAL A 1 42  ? -9.209  3.453   19.630  1.00 35.49 ? 46  VAL A CG2   1 
ATOM   355  N  N     . ALA A 1 43  ? -10.689 -0.646  20.383  1.00 35.31 ? 47  ALA A N     1 
ATOM   356  C  CA    . ALA A 1 43  ? -11.143 -2.035  20.514  1.00 35.11 ? 47  ALA A CA    1 
ATOM   357  C  C     . ALA A 1 43  ? -12.035 -2.511  19.370  1.00 34.96 ? 47  ALA A C     1 
ATOM   358  O  O     . ALA A 1 43  ? -13.126 -3.032  19.594  1.00 35.10 ? 47  ALA A O     1 
ATOM   359  C  CB    . ALA A 1 43  ? -11.832 -2.242  21.864  1.00 34.89 ? 47  ALA A CB    1 
ATOM   360  N  N     . LEU A 1 44  ? -11.567 -2.306  18.144  1.00 34.70 ? 48  LEU A N     1 
ATOM   361  C  CA    . LEU A 1 44  ? -12.207 -2.859  16.960  1.00 34.41 ? 48  LEU A CA    1 
ATOM   362  C  C     . LEU A 1 44  ? -11.255 -3.902  16.347  1.00 34.36 ? 48  LEU A C     1 
ATOM   363  O  O     . LEU A 1 44  ? -10.368 -3.586  15.538  1.00 33.89 ? 48  LEU A O     1 
ATOM   364  C  CB    . LEU A 1 44  ? -12.598 -1.743  15.976  1.00 34.33 ? 48  LEU A CB    1 
ATOM   365  C  CG    . LEU A 1 44  ? -13.646 -0.736  16.483  1.00 34.28 ? 48  LEU A CG    1 
ATOM   366  C  CD1   . LEU A 1 44  ? -13.492 0.602   15.797  1.00 33.77 ? 48  LEU A CD1   1 
ATOM   367  C  CD2   . LEU A 1 44  ? -15.091 -1.255  16.346  1.00 33.95 ? 48  LEU A CD2   1 
ATOM   368  N  N     . LYS A 1 45  ? -11.463 -5.151  16.769  1.00 34.42 ? 49  LYS A N     1 
ATOM   369  C  CA    . LYS A 1 45  ? -10.549 -6.271  16.526  1.00 34.65 ? 49  LYS A CA    1 
ATOM   370  C  C     . LYS A 1 45  ? -10.407 -6.628  15.050  1.00 33.48 ? 49  LYS A C     1 
ATOM   371  O  O     . LYS A 1 45  ? -9.305  -6.952  14.587  1.00 33.29 ? 49  LYS A O     1 
ATOM   372  C  CB    . LYS A 1 45  ? -11.029 -7.494  17.313  1.00 34.65 ? 49  LYS A CB    1 
ATOM   373  C  CG    . LYS A 1 45  ? -9.933  -8.461  17.765  1.00 37.38 ? 49  LYS A CG    1 
ATOM   374  C  CD    . LYS A 1 45  ? -10.550 -9.686  18.486  1.00 37.33 ? 49  LYS A CD    1 
ATOM   375  C  CE    . LYS A 1 45  ? -9.853  -9.975  19.833  1.00 40.87 ? 49  LYS A CE    1 
ATOM   376  N  NZ    . LYS A 1 45  ? -10.480 -11.145 20.547  1.00 40.96 ? 49  LYS A NZ    1 
ATOM   377  N  N     . ASN A 1 46  ? -11.516 -6.569  14.314  1.00 32.50 ? 50  ASN A N     1 
ATOM   378  C  CA    . ASN A 1 46  ? -11.495 -6.892  12.893  1.00 31.74 ? 50  ASN A CA    1 
ATOM   379  C  C     . ASN A 1 46  ? -10.888 -5.803  12.014  1.00 31.57 ? 50  ASN A C     1 
ATOM   380  O  O     . ASN A 1 46  ? -10.203 -6.107  11.038  1.00 31.62 ? 50  ASN A O     1 
ATOM   381  C  CB    . ASN A 1 46  ? -12.882 -7.309  12.409  1.00 31.70 ? 50  ASN A CB    1 
ATOM   382  C  CG    . ASN A 1 46  ? -13.355 -8.589  13.063  1.00 30.94 ? 50  ASN A CG    1 
ATOM   383  O  OD1   . ASN A 1 46  ? -12.557 -9.480  13.346  1.00 28.94 ? 50  ASN A OD1   1 
ATOM   384  N  ND2   . ASN A 1 46  ? -14.655 -8.683  13.315  1.00 29.85 ? 50  ASN A ND2   1 
ATOM   385  N  N     . PHE A 1 47  ? -11.132 -4.540  12.361  1.00 31.34 ? 51  PHE A N     1 
ATOM   386  C  CA    . PHE A 1 47  ? -10.423 -3.421  11.731  1.00 31.18 ? 51  PHE A CA    1 
ATOM   387  C  C     . PHE A 1 47  ? -8.923  -3.611  11.892  1.00 30.95 ? 51  PHE A C     1 
ATOM   388  O  O     . PHE A 1 47  ? -8.153  -3.408  10.952  1.00 30.75 ? 51  PHE A O     1 
ATOM   389  C  CB    . PHE A 1 47  ? -10.827 -2.083  12.366  1.00 31.44 ? 51  PHE A CB    1 
ATOM   390  C  CG    . PHE A 1 47  ? -11.999 -1.415  11.708  1.00 30.25 ? 51  PHE A CG    1 
ATOM   391  C  CD1   . PHE A 1 47  ? -13.287 -1.636  12.171  1.00 29.66 ? 51  PHE A CD1   1 
ATOM   392  C  CD2   . PHE A 1 47  ? -11.806 -0.547  10.636  1.00 30.27 ? 51  PHE A CD2   1 
ATOM   393  C  CE1   . PHE A 1 47  ? -14.375 -1.003  11.580  1.00 30.11 ? 51  PHE A CE1   1 
ATOM   394  C  CE2   . PHE A 1 47  ? -12.886 0.094   10.030  1.00 29.48 ? 51  PHE A CE2   1 
ATOM   395  C  CZ    . PHE A 1 47  ? -14.172 -0.134  10.504  1.00 30.72 ? 51  PHE A CZ    1 
ATOM   396  N  N     . ALA A 1 48  ? -8.524  -4.024  13.091  1.00 31.08 ? 52  ALA A N     1 
ATOM   397  C  CA    . ALA A 1 48  ? -7.125  -4.317  13.395  1.00 31.46 ? 52  ALA A CA    1 
ATOM   398  C  C     . ALA A 1 48  ? -6.579  -5.453  12.517  1.00 32.04 ? 52  ALA A C     1 
ATOM   399  O  O     . ALA A 1 48  ? -5.492  -5.327  11.948  1.00 32.51 ? 52  ALA A O     1 
ATOM   400  C  CB    . ALA A 1 48  ? -6.965  -4.633  14.865  1.00 30.94 ? 52  ALA A CB    1 
ATOM   401  N  N     . CYS A 1 49  ? -7.340  -6.543  12.388  1.00 32.30 ? 53  CYS A N     1 
ATOM   402  C  CA    . CYS A 1 49  ? -6.920  -7.687  11.577  1.00 32.99 ? 53  CYS A CA    1 
ATOM   403  C  C     . CYS A 1 49  ? -6.836  -7.339  10.095  1.00 32.15 ? 53  CYS A C     1 
ATOM   404  O  O     . CYS A 1 49  ? -5.890  -7.740  9.411   1.00 31.90 ? 53  CYS A O     1 
ATOM   405  C  CB    . CYS A 1 49  ? -7.844  -8.895  11.794  1.00 33.33 ? 53  CYS A CB    1 
ATOM   406  S  SG    . CYS A 1 49  ? -7.627  -9.679  13.415  1.00 39.32 ? 53  CYS A SG    1 
ATOM   407  N  N     . TYR A 1 50  ? -7.825  -6.592  9.613   1.00 31.47 ? 54  TYR A N     1 
ATOM   408  C  CA    . TYR A 1 50  ? -7.842  -6.114  8.240   1.00 31.08 ? 54  TYR A CA    1 
ATOM   409  C  C     . TYR A 1 50  ? -6.584  -5.312  7.919   1.00 31.01 ? 54  TYR A C     1 
ATOM   410  O  O     . TYR A 1 50  ? -5.915  -5.598  6.929   1.00 30.99 ? 54  TYR A O     1 
ATOM   411  C  CB    . TYR A 1 50  ? -9.099  -5.277  7.989   1.00 31.07 ? 54  TYR A CB    1 
ATOM   412  C  CG    . TYR A 1 50  ? -9.242  -4.716  6.583   1.00 30.80 ? 54  TYR A CG    1 
ATOM   413  C  CD1   . TYR A 1 50  ? -9.859  -5.458  5.566   1.00 31.18 ? 54  TYR A CD1   1 
ATOM   414  C  CD2   . TYR A 1 50  ? -8.782  -3.439  6.275   1.00 31.10 ? 54  TYR A CD2   1 
ATOM   415  C  CE1   . TYR A 1 50  ? -10.005 -4.940  4.275   1.00 30.37 ? 54  TYR A CE1   1 
ATOM   416  C  CE2   . TYR A 1 50  ? -8.917  -2.909  4.994   1.00 31.21 ? 54  TYR A CE2   1 
ATOM   417  C  CZ    . TYR A 1 50  ? -9.534  -3.661  4.002   1.00 31.53 ? 54  TYR A CZ    1 
ATOM   418  O  OH    . TYR A 1 50  ? -9.668  -3.125  2.744   1.00 31.48 ? 54  TYR A OH    1 
ATOM   419  N  N     . PHE A 1 51  ? -6.257  -4.321  8.755   1.00 31.03 ? 55  PHE A N     1 
ATOM   420  C  CA    . PHE A 1 51  ? -5.095  -3.465  8.500   1.00 30.98 ? 55  PHE A CA    1 
ATOM   421  C  C     . PHE A 1 51  ? -3.782  -4.195  8.735   1.00 31.41 ? 55  PHE A C     1 
ATOM   422  O  O     . PHE A 1 51  ? -2.772  -3.879  8.103   1.00 31.35 ? 55  PHE A O     1 
ATOM   423  C  CB    . PHE A 1 51  ? -5.163  -2.158  9.296   1.00 30.92 ? 55  PHE A CB    1 
ATOM   424  C  CG    . PHE A 1 51  ? -6.239  -1.219  8.817   1.00 30.66 ? 55  PHE A CG    1 
ATOM   425  C  CD1   . PHE A 1 51  ? -6.293  -0.824  7.482   1.00 30.74 ? 55  PHE A CD1   1 
ATOM   426  C  CD2   . PHE A 1 51  ? -7.194  -0.732  9.692   1.00 30.13 ? 55  PHE A CD2   1 
ATOM   427  C  CE1   . PHE A 1 51  ? -7.293  0.024   7.027   1.00 30.94 ? 55  PHE A CE1   1 
ATOM   428  C  CE2   . PHE A 1 51  ? -8.192  0.122   9.253   1.00 31.04 ? 55  PHE A CE2   1 
ATOM   429  C  CZ    . PHE A 1 51  ? -8.245  0.503   7.911   1.00 30.96 ? 55  PHE A CZ    1 
ATOM   430  N  N     . HIS A 1 52  ? -3.800  -5.189  9.620   1.00 31.88 ? 56  HIS A N     1 
ATOM   431  C  CA    . HIS A 1 52  ? -2.616  -6.013  9.835   1.00 32.75 ? 56  HIS A CA    1 
ATOM   432  C  C     . HIS A 1 52  ? -2.342  -6.861  8.592   1.00 32.98 ? 56  HIS A C     1 
ATOM   433  O  O     . HIS A 1 52  ? -1.190  -7.018  8.175   1.00 33.05 ? 56  HIS A O     1 
ATOM   434  C  CB    . HIS A 1 52  ? -2.768  -6.871  11.087  1.00 32.82 ? 56  HIS A CB    1 
ATOM   435  C  CG    . HIS A 1 52  ? -1.606  -7.776  11.349  1.00 34.41 ? 56  HIS A CG    1 
ATOM   436  N  ND1   . HIS A 1 52  ? -1.760  -9.113  11.647  1.00 35.27 ? 56  HIS A ND1   1 
ATOM   437  C  CD2   . HIS A 1 52  ? -0.272  -7.539  11.355  1.00 35.99 ? 56  HIS A CD2   1 
ATOM   438  C  CE1   . HIS A 1 52  ? -0.571  -9.662  11.828  1.00 35.88 ? 56  HIS A CE1   1 
ATOM   439  N  NE2   . HIS A 1 52  ? 0.348   -8.729  11.658  1.00 36.45 ? 56  HIS A NE2   1 
ATOM   440  N  N     . HIS A 1 53  ? -3.412  -7.366  7.983   1.00 33.28 ? 57  HIS A N     1 
ATOM   441  C  CA    . HIS A 1 53  ? -3.307  -8.087  6.724   1.00 33.97 ? 57  HIS A CA    1 
ATOM   442  C  C     . HIS A 1 53  ? -2.798  -7.171  5.597   1.00 33.68 ? 57  HIS A C     1 
ATOM   443  O  O     . HIS A 1 53  ? -1.912  -7.573  4.836   1.00 33.60 ? 57  HIS A O     1 
ATOM   444  C  CB    . HIS A 1 53  ? -4.646  -8.753  6.363   1.00 34.27 ? 57  HIS A CB    1 
ATOM   445  C  CG    . HIS A 1 53  ? -4.669  -9.378  5.000   1.00 37.06 ? 57  HIS A CG    1 
ATOM   446  N  ND1   . HIS A 1 53  ? -3.939  -10.507 4.682   1.00 39.49 ? 57  HIS A ND1   1 
ATOM   447  C  CD2   . HIS A 1 53  ? -5.340  -9.034  3.873   1.00 38.88 ? 57  HIS A CD2   1 
ATOM   448  C  CE1   . HIS A 1 53  ? -4.163  -10.833 3.420   1.00 40.04 ? 57  HIS A CE1   1 
ATOM   449  N  NE2   . HIS A 1 53  ? -5.006  -9.953  2.906   1.00 40.32 ? 57  HIS A NE2   1 
ATOM   450  N  N     . GLN A 1 54  ? -3.336  -5.949  5.505   1.00 33.02 ? 58  GLN A N     1 
ATOM   451  C  CA    . GLN A 1 54  ? -2.857  -4.981  4.503   1.00 32.88 ? 58  GLN A CA    1 
ATOM   452  C  C     . GLN A 1 54  ? -1.354  -4.709  4.639   1.00 32.52 ? 58  GLN A C     1 
ATOM   453  O  O     . GLN A 1 54  ? -0.630  -4.634  3.638   1.00 31.99 ? 58  GLN A O     1 
ATOM   454  C  CB    . GLN A 1 54  ? -3.646  -3.662  4.548   1.00 32.93 ? 58  GLN A CB    1 
ATOM   455  C  CG    . GLN A 1 54  ? -5.135  -3.779  4.247   1.00 33.32 ? 58  GLN A CG    1 
ATOM   456  C  CD    . GLN A 1 54  ? -5.422  -4.702  3.084   1.00 35.47 ? 58  GLN A CD    1 
ATOM   457  O  OE1   . GLN A 1 54  ? -4.844  -4.554  2.002   1.00 36.72 ? 58  GLN A OE1   1 
ATOM   458  N  NE2   . GLN A 1 54  ? -6.313  -5.679  3.304   1.00 35.58 ? 58  GLN A NE2   1 
ATOM   459  N  N     . SER A 1 55  ? -0.899  -4.586  5.883   1.00 32.25 ? 59  SER A N     1 
ATOM   460  C  CA    . SER A 1 55  ? 0.515   -4.390  6.188   1.00 32.42 ? 59  SER A CA    1 
ATOM   461  C  C     . SER A 1 55  ? 1.415   -5.470  5.575   1.00 32.22 ? 59  SER A C     1 
ATOM   462  O  O     . SER A 1 55  ? 2.403   -5.158  4.915   1.00 32.34 ? 59  SER A O     1 
ATOM   463  C  CB    . SER A 1 55  ? 0.719   -4.310  7.705   1.00 32.28 ? 59  SER A CB    1 
ATOM   464  O  OG    . SER A 1 55  ? 2.090   -4.192  8.014   1.00 32.59 ? 59  SER A OG    1 
ATOM   465  N  N     . HIS A 1 56  ? 1.070   -6.736  5.786   1.00 32.28 ? 60  HIS A N     1 
ATOM   466  C  CA    . HIS A 1 56  ? 1.852   -7.846  5.237   1.00 32.31 ? 60  HIS A CA    1 
ATOM   467  C  C     . HIS A 1 56  ? 1.747   -7.955  3.710   1.00 32.35 ? 60  HIS A C     1 
ATOM   468  O  O     . HIS A 1 56  ? 2.690   -8.388  3.047   1.00 32.13 ? 60  HIS A O     1 
ATOM   469  C  CB    . HIS A 1 56  ? 1.492   -9.159  5.938   1.00 32.08 ? 60  HIS A CB    1 
ATOM   470  C  CG    . HIS A 1 56  ? 2.054   -9.261  7.322   1.00 32.88 ? 60  HIS A CG    1 
ATOM   471  N  ND1   . HIS A 1 56  ? 3.218   -9.946  7.606   1.00 32.97 ? 60  HIS A ND1   1 
ATOM   472  C  CD2   . HIS A 1 56  ? 1.632   -8.738  8.500   1.00 32.42 ? 60  HIS A CD2   1 
ATOM   473  C  CE1   . HIS A 1 56  ? 3.480   -9.851  8.898   1.00 32.49 ? 60  HIS A CE1   1 
ATOM   474  N  NE2   . HIS A 1 56  ? 2.536   -9.121  9.462   1.00 32.54 ? 60  HIS A NE2   1 
ATOM   475  N  N     . GLU A 1 57  ? 0.608   -7.546  3.161   1.00 32.75 ? 61  GLU A N     1 
ATOM   476  C  CA    . GLU A 1 57  ? 0.427   -7.474  1.714   1.00 33.61 ? 61  GLU A CA    1 
ATOM   477  C  C     . GLU A 1 57  ? 1.419   -6.487  1.077   1.00 33.51 ? 61  GLU A C     1 
ATOM   478  O  O     . GLU A 1 57  ? 2.057   -6.802  0.070   1.00 33.49 ? 61  GLU A O     1 
ATOM   479  C  CB    . GLU A 1 57  ? -1.008  -7.068  1.383   1.00 33.76 ? 61  GLU A CB    1 
ATOM   480  C  CG    . GLU A 1 57  ? -1.578  -7.757  0.157   1.00 36.63 ? 61  GLU A CG    1 
ATOM   481  C  CD    . GLU A 1 57  ? -2.743  -7.005  -0.483  1.00 40.22 ? 61  GLU A CD    1 
ATOM   482  O  OE1   . GLU A 1 57  ? -3.432  -6.214  0.211   1.00 41.58 ? 61  GLU A OE1   1 
ATOM   483  O  OE2   . GLU A 1 57  ? -2.975  -7.215  -1.695  1.00 41.99 ? 61  GLU A OE2   1 
ATOM   484  N  N     . GLU A 1 58  ? 1.555   -5.308  1.683   1.00 33.64 ? 62  GLU A N     1 
ATOM   485  C  CA    . GLU A 1 58  ? 2.466   -4.265  1.197   1.00 33.77 ? 62  GLU A CA    1 
ATOM   486  C  C     . GLU A 1 58  ? 3.915   -4.709  1.309   1.00 33.86 ? 62  GLU A C     1 
ATOM   487  O  O     . GLU A 1 58  ? 4.750   -4.354  0.478   1.00 33.94 ? 62  GLU A O     1 
ATOM   488  C  CB    . GLU A 1 58  ? 2.255   -2.952  1.960   1.00 33.98 ? 62  GLU A CB    1 
ATOM   489  C  CG    . GLU A 1 58  ? 0.862   -2.314  1.810   1.00 34.12 ? 62  GLU A CG    1 
ATOM   490  C  CD    . GLU A 1 58  ? 0.479   -2.078  0.362   1.00 35.57 ? 62  GLU A CD    1 
ATOM   491  O  OE1   . GLU A 1 58  ? 1.359   -1.678  -0.429  1.00 36.25 ? 62  GLU A OE1   1 
ATOM   492  O  OE2   . GLU A 1 58  ? -0.702  -2.292  0.006   1.00 36.95 ? 62  GLU A OE2   1 
ATOM   493  N  N     . HIS A 1 59  ? 4.204   -5.501  2.337   1.00 33.90 ? 63  HIS A N     1 
ATOM   494  C  CA    . HIS A 1 59  ? 5.493   -6.154  2.466   1.00 33.72 ? 63  HIS A CA    1 
ATOM   495  C  C     . HIS A 1 59  ? 5.786   -7.087  1.280   1.00 33.81 ? 63  HIS A C     1 
ATOM   496  O  O     . HIS A 1 59  ? 6.889   -7.045  0.722   1.00 33.73 ? 63  HIS A O     1 
ATOM   497  C  CB    . HIS A 1 59  ? 5.567   -6.917  3.785   1.00 33.87 ? 63  HIS A CB    1 
ATOM   498  C  CG    . HIS A 1 59  ? 6.926   -7.463  4.087   1.00 34.83 ? 63  HIS A CG    1 
ATOM   499  N  ND1   . HIS A 1 59  ? 7.915   -6.709  4.686   1.00 34.67 ? 63  HIS A ND1   1 
ATOM   500  C  CD2   . HIS A 1 59  ? 7.465   -8.685  3.864   1.00 35.75 ? 63  HIS A CD2   1 
ATOM   501  C  CE1   . HIS A 1 59  ? 9.001   -7.447  4.824   1.00 36.59 ? 63  HIS A CE1   1 
ATOM   502  N  NE2   . HIS A 1 59  ? 8.759   -8.648  4.327   1.00 36.67 ? 63  HIS A NE2   1 
ATOM   503  N  N     . GLU A 1 60  ? 4.815   -7.923  0.891   1.00 33.75 ? 64  GLU A N     1 
ATOM   504  C  CA    . GLU A 1 60  ? 5.004   -8.794  -0.280  1.00 33.72 ? 64  GLU A CA    1 
ATOM   505  C  C     . GLU A 1 60  ? 5.273   -7.971  -1.541  1.00 33.65 ? 64  GLU A C     1 
ATOM   506  O  O     . GLU A 1 60  ? 6.182   -8.294  -2.307  1.00 33.51 ? 64  GLU A O     1 
ATOM   507  C  CB    . GLU A 1 60  ? 3.835   -9.776  -0.492  1.00 33.75 ? 64  GLU A CB    1 
ATOM   508  C  CG    . GLU A 1 60  ? 3.959   -10.684 -1.755  1.00 34.18 ? 64  GLU A CG    1 
ATOM   509  C  CD    . GLU A 1 60  ? 5.297   -11.477 -1.860  1.00 36.79 ? 64  GLU A CD    1 
ATOM   510  O  OE1   . GLU A 1 60  ? 5.659   -11.894 -2.983  1.00 37.23 ? 64  GLU A OE1   1 
ATOM   511  O  OE2   . GLU A 1 60  ? 5.991   -11.694 -0.837  1.00 37.99 ? 64  GLU A OE2   1 
ATOM   512  N  N     . HIS A 1 61  ? 4.490   -6.908  -1.734  1.00 33.64 ? 65  HIS A N     1 
ATOM   513  C  CA    . HIS A 1 61  ? 4.718   -5.941  -2.810  1.00 33.89 ? 65  HIS A CA    1 
ATOM   514  C  C     . HIS A 1 61  ? 6.147   -5.383  -2.810  1.00 33.70 ? 65  HIS A C     1 
ATOM   515  O  O     . HIS A 1 61  ? 6.712   -5.129  -3.863  1.00 33.52 ? 65  HIS A O     1 
ATOM   516  C  CB    . HIS A 1 61  ? 3.724   -4.773  -2.728  1.00 34.13 ? 65  HIS A CB    1 
ATOM   517  C  CG    . HIS A 1 61  ? 2.289   -5.174  -2.876  1.00 34.85 ? 65  HIS A CG    1 
ATOM   518  N  ND1   . HIS A 1 61  ? 1.248   -4.357  -2.486  1.00 35.77 ? 65  HIS A ND1   1 
ATOM   519  C  CD2   . HIS A 1 61  ? 1.718   -6.300  -3.364  1.00 35.73 ? 65  HIS A CD2   1 
ATOM   520  C  CE1   . HIS A 1 61  ? 0.100   -4.961  -2.731  1.00 35.48 ? 65  HIS A CE1   1 
ATOM   521  N  NE2   . HIS A 1 61  ? 0.357   -6.141  -3.265  1.00 36.32 ? 65  HIS A NE2   1 
ATOM   522  N  N     . ALA A 1 62  ? 6.716   -5.177  -1.626  1.00 33.68 ? 66  ALA A N     1 
ATOM   523  C  CA    . ALA A 1 62  ? 8.111   -4.760  -1.522  1.00 33.83 ? 66  ALA A CA    1 
ATOM   524  C  C     . ALA A 1 62  ? 9.077   -5.883  -1.916  1.00 34.07 ? 66  ALA A C     1 
ATOM   525  O  O     . ALA A 1 62  ? 10.038  -5.639  -2.662  1.00 33.74 ? 66  ALA A O     1 
ATOM   526  C  CB    . ALA A 1 62  ? 8.419   -4.241  -0.123  1.00 33.58 ? 66  ALA A CB    1 
ATOM   527  N  N     . HIS A 1 63  ? 8.825   -7.100  -1.417  1.00 34.43 ? 67  HIS A N     1 
ATOM   528  C  CA    . HIS A 1 63  ? 9.657   -8.273  -1.754  1.00 34.91 ? 67  HIS A CA    1 
ATOM   529  C  C     . HIS A 1 63  ? 9.766   -8.508  -3.238  1.00 34.90 ? 67  HIS A C     1 
ATOM   530  O  O     . HIS A 1 63  ? 10.848  -8.776  -3.750  1.00 35.38 ? 67  HIS A O     1 
ATOM   531  C  CB    . HIS A 1 63  ? 9.142   -9.558  -1.096  1.00 34.90 ? 67  HIS A CB    1 
ATOM   532  C  CG    . HIS A 1 63  ? 9.875   -9.925  0.153   1.00 35.82 ? 67  HIS A CG    1 
ATOM   533  N  ND1   . HIS A 1 63  ? 11.171  -10.397 0.145   1.00 36.58 ? 67  HIS A ND1   1 
ATOM   534  C  CD2   . HIS A 1 63  ? 9.501   -9.872  1.452   1.00 36.03 ? 67  HIS A CD2   1 
ATOM   535  C  CE1   . HIS A 1 63  ? 11.561  -10.621 1.387   1.00 36.42 ? 67  HIS A CE1   1 
ATOM   536  N  NE2   . HIS A 1 63  ? 10.566  -10.314 2.199   1.00 36.67 ? 67  HIS A NE2   1 
ATOM   537  N  N     . LYS A 1 64  ? 8.636   -8.416  -3.923  1.00 35.01 ? 68  LYS A N     1 
ATOM   538  C  CA    . LYS A 1 64  ? 8.573   -8.670  -5.347  1.00 35.33 ? 68  LYS A CA    1 
ATOM   539  C  C     . LYS A 1 64  ? 9.464   -7.679  -6.101  1.00 35.40 ? 68  LYS A C     1 
ATOM   540  O  O     . LYS A 1 64  ? 10.193  -8.061  -7.027  1.00 35.33 ? 68  LYS A O     1 
ATOM   541  C  CB    . LYS A 1 64  ? 7.120   -8.576  -5.801  1.00 35.46 ? 68  LYS A CB    1 
ATOM   542  C  CG    . LYS A 1 64  ? 6.772   -9.438  -6.982  1.00 36.58 ? 68  LYS A CG    1 
ATOM   543  C  CD    . LYS A 1 64  ? 5.295   -9.806  -6.968  1.00 38.37 ? 68  LYS A CD    1 
ATOM   544  C  CE    . LYS A 1 64  ? 5.036   -11.062 -6.138  1.00 39.08 ? 68  LYS A CE    1 
ATOM   545  N  NZ    . LYS A 1 64  ? 3.593   -11.172 -5.773  1.00 40.17 ? 68  LYS A NZ    1 
ATOM   546  N  N     . LEU A 1 65  ? 9.417   -6.413  -5.679  1.00 35.24 ? 69  LEU A N     1 
ATOM   547  C  CA    . LEU A 1 65  ? 10.251  -5.354  -6.253  1.00 35.01 ? 69  LEU A CA    1 
ATOM   548  C  C     . LEU A 1 65  ? 11.744  -5.558  -5.986  1.00 35.09 ? 69  LEU A C     1 
ATOM   549  O  O     . LEU A 1 65  ? 12.572  -5.349  -6.880  1.00 34.91 ? 69  LEU A O     1 
ATOM   550  C  CB    . LEU A 1 65  ? 9.799   -3.979  -5.751  1.00 34.94 ? 69  LEU A CB    1 
ATOM   551  C  CG    . LEU A 1 65  ? 8.542   -3.400  -6.402  1.00 34.50 ? 69  LEU A CG    1 
ATOM   552  C  CD1   . LEU A 1 65  ? 7.967   -2.332  -5.520  1.00 33.85 ? 69  LEU A CD1   1 
ATOM   553  C  CD2   . LEU A 1 65  ? 8.827   -2.863  -7.807  1.00 34.26 ? 69  LEU A CD2   1 
ATOM   554  N  N     . MET A 1 66  ? 12.084  -5.970  -4.769  1.00 35.12 ? 70  MET A N     1 
ATOM   555  C  CA    . MET A 1 66  ? 13.480  -6.246  -4.425  1.00 35.62 ? 70  MET A CA    1 
ATOM   556  C  C     . MET A 1 66  ? 14.013  -7.394  -5.267  1.00 35.71 ? 70  MET A C     1 
ATOM   557  O  O     . MET A 1 66  ? 15.113  -7.311  -5.818  1.00 35.57 ? 70  MET A O     1 
ATOM   558  C  CB    . MET A 1 66  ? 13.645  -6.525  -2.933  1.00 35.27 ? 70  MET A CB    1 
ATOM   559  C  CG    . MET A 1 66  ? 13.368  -5.313  -2.064  1.00 35.54 ? 70  MET A CG    1 
ATOM   560  S  SD    . MET A 1 66  ? 13.285  -5.685  -0.303  1.00 36.48 ? 70  MET A SD    1 
ATOM   561  C  CE    . MET A 1 66  ? 14.949  -5.248  0.182   1.00 37.80 ? 70  MET A CE    1 
ATOM   562  N  N     . LYS A 1 67  ? 13.207  -8.446  -5.382  1.00 36.16 ? 71  LYS A N     1 
ATOM   563  C  CA    . LYS A 1 67  ? 13.503  -9.575  -6.259  1.00 36.77 ? 71  LYS A CA    1 
ATOM   564  C  C     . LYS A 1 67  ? 13.776  -9.078  -7.689  1.00 36.68 ? 71  LYS A C     1 
ATOM   565  O  O     . LYS A 1 67  ? 14.814  -9.407  -8.277  1.00 36.26 ? 71  LYS A O     1 
ATOM   566  C  CB    . LYS A 1 67  ? 12.346  -10.582 -6.217  1.00 36.64 ? 71  LYS A CB    1 
ATOM   567  C  CG    . LYS A 1 67  ? 12.636  -11.975 -6.765  1.00 36.82 ? 71  LYS A CG    1 
ATOM   568  C  CD    . LYS A 1 67  ? 11.328  -12.771 -6.826  1.00 37.67 ? 71  LYS A CD    1 
ATOM   569  C  CE    . LYS A 1 67  ? 11.506  -14.140 -7.452  1.00 40.42 ? 71  LYS A CE    1 
ATOM   570  N  NZ    . LYS A 1 67  ? 12.074  -15.136 -6.478  1.00 43.65 ? 71  LYS A NZ    1 
ATOM   571  N  N     . LEU A 1 68  ? 12.855  -8.270  -8.222  1.00 37.17 ? 72  LEU A N     1 
ATOM   572  C  CA    . LEU A 1 68  ? 12.980  -7.672  -9.559  1.00 37.57 ? 72  LEU A CA    1 
ATOM   573  C  C     . LEU A 1 68  ? 14.305  -6.923  -9.744  1.00 38.10 ? 72  LEU A C     1 
ATOM   574  O  O     . LEU A 1 68  ? 14.979  -7.084  -10.764 1.00 38.11 ? 72  LEU A O     1 
ATOM   575  C  CB    . LEU A 1 68  ? 11.790  -6.748  -9.843  1.00 37.46 ? 72  LEU A CB    1 
ATOM   576  C  CG    . LEU A 1 68  ? 11.668  -5.938  -11.146 1.00 37.55 ? 72  LEU A CG    1 
ATOM   577  C  CD1   . LEU A 1 68  ? 12.599  -4.715  -11.166 1.00 38.35 ? 72  LEU A CD1   1 
ATOM   578  C  CD2   . LEU A 1 68  ? 11.870  -6.793  -12.394 1.00 37.06 ? 72  LEU A CD2   1 
ATOM   579  N  N     . GLN A 1 69  ? 14.670  -6.120  -8.747  1.00 38.72 ? 73  GLN A N     1 
ATOM   580  C  CA    . GLN A 1 69  ? 15.908  -5.353  -8.776  1.00 39.27 ? 73  GLN A CA    1 
ATOM   581  C  C     . GLN A 1 69  ? 17.119  -6.264  -8.978  1.00 39.93 ? 73  GLN A C     1 
ATOM   582  O  O     . GLN A 1 69  ? 17.939  -6.021  -9.872  1.00 40.21 ? 73  GLN A O     1 
ATOM   583  C  CB    . GLN A 1 69  ? 16.042  -4.514  -7.499  1.00 39.29 ? 73  GLN A CB    1 
ATOM   584  C  CG    . GLN A 1 69  ? 17.221  -3.544  -7.469  1.00 39.31 ? 73  GLN A CG    1 
ATOM   585  C  CD    . GLN A 1 69  ? 16.994  -2.305  -8.313  1.00 39.26 ? 73  GLN A CD    1 
ATOM   586  O  OE1   . GLN A 1 69  ? 17.193  -2.324  -9.527  1.00 39.91 ? 73  GLN A OE1   1 
ATOM   587  N  NE2   . GLN A 1 69  ? 16.591  -1.216  -7.669  1.00 38.47 ? 73  GLN A NE2   1 
ATOM   588  N  N     . GLU A 1 70  ? 17.220  -7.318  -8.176  1.00 40.50 ? 74  GLU A N     1 
ATOM   589  C  CA    . GLU A 1 70  ? 18.335  -8.255  -8.310  1.00 41.69 ? 74  GLU A CA    1 
ATOM   590  C  C     . GLU A 1 70  ? 18.261  -9.184  -9.524  1.00 41.95 ? 74  GLU A C     1 
ATOM   591  O  O     . GLU A 1 70  ? 19.294  -9.590  -10.056 1.00 41.95 ? 74  GLU A O     1 
ATOM   592  C  CB    . GLU A 1 70  ? 18.523  -9.046  -7.030  1.00 42.03 ? 74  GLU A CB    1 
ATOM   593  C  CG    . GLU A 1 70  ? 19.393  -8.299  -6.047  1.00 44.47 ? 74  GLU A CG    1 
ATOM   594  C  CD    . GLU A 1 70  ? 19.027  -8.563  -4.613  1.00 46.91 ? 74  GLU A CD    1 
ATOM   595  O  OE1   . GLU A 1 70  ? 18.229  -9.494  -4.350  1.00 48.96 ? 74  GLU A OE1   1 
ATOM   596  O  OE2   . GLU A 1 70  ? 19.546  -7.828  -3.748  1.00 48.53 ? 74  GLU A OE2   1 
ATOM   597  N  N     . GLN A 1 71  ? 17.047  -9.513  -9.960  1.00 42.42 ? 75  GLN A N     1 
ATOM   598  C  CA    . GLN A 1 71  ? 16.859  -10.245 -11.213 1.00 43.01 ? 75  GLN A CA    1 
ATOM   599  C  C     . GLN A 1 71  ? 17.403  -9.458  -12.404 1.00 42.99 ? 75  GLN A C     1 
ATOM   600  O  O     . GLN A 1 71  ? 17.965  -10.040 -13.331 1.00 43.25 ? 75  GLN A O     1 
ATOM   601  C  CB    . GLN A 1 71  ? 15.383  -10.566 -11.446 1.00 42.81 ? 75  GLN A CB    1 
ATOM   602  C  CG    . GLN A 1 71  ? 14.875  -11.797 -10.717 1.00 43.35 ? 75  GLN A CG    1 
ATOM   603  C  CD    . GLN A 1 71  ? 13.413  -12.099 -11.035 1.00 44.02 ? 75  GLN A CD    1 
ATOM   604  O  OE1   . GLN A 1 71  ? 12.587  -11.186 -11.165 1.00 45.89 ? 75  GLN A OE1   1 
ATOM   605  N  NE2   . GLN A 1 71  ? 13.087  -13.387 -11.159 1.00 44.26 ? 75  GLN A NE2   1 
ATOM   606  N  N     . ARG A 1 72  ? 17.241  -8.137  -12.368 1.00 43.08 ? 76  ARG A N     1 
ATOM   607  C  CA    . ARG A 1 72  ? 17.640  -7.282  -13.486 1.00 43.14 ? 76  ARG A CA    1 
ATOM   608  C  C     . ARG A 1 72  ? 19.105  -6.851  -13.449 1.00 43.23 ? 76  ARG A C     1 
ATOM   609  O  O     . ARG A 1 72  ? 19.631  -6.357  -14.447 1.00 43.32 ? 76  ARG A O     1 
ATOM   610  C  CB    . ARG A 1 72  ? 16.713  -6.069  -13.597 1.00 43.00 ? 76  ARG A CB    1 
ATOM   611  C  CG    . ARG A 1 72  ? 15.300  -6.418  -14.051 1.00 42.79 ? 76  ARG A CG    1 
ATOM   612  C  CD    . ARG A 1 72  ? 15.293  -7.169  -15.393 1.00 42.75 ? 76  ARG A CD    1 
ATOM   613  N  NE    . ARG A 1 72  ? 15.912  -6.397  -16.470 1.00 41.44 ? 76  ARG A NE    1 
ATOM   614  C  CZ    . ARG A 1 72  ? 15.282  -5.471  -17.188 1.00 40.64 ? 76  ARG A CZ    1 
ATOM   615  N  NH1   . ARG A 1 72  ? 14.003  -5.192  -16.953 1.00 39.54 ? 76  ARG A NH1   1 
ATOM   616  N  NH2   . ARG A 1 72  ? 15.937  -4.821  -18.143 1.00 39.75 ? 76  ARG A NH2   1 
ATOM   617  N  N     . GLY A 1 73  ? 19.756  -7.039  -12.303 1.00 43.43 ? 77  GLY A N     1 
ATOM   618  C  CA    . GLY A 1 73  ? 21.173  -6.713  -12.155 1.00 43.62 ? 77  GLY A CA    1 
ATOM   619  C  C     . GLY A 1 73  ? 21.414  -5.369  -11.493 1.00 43.81 ? 77  GLY A C     1 
ATOM   620  O  O     . GLY A 1 73  ? 22.555  -4.927  -11.363 1.00 43.84 ? 77  GLY A O     1 
ATOM   621  N  N     . GLY A 1 74  ? 20.333  -4.716  -11.083 1.00 44.02 ? 78  GLY A N     1 
ATOM   622  C  CA    . GLY A 1 74  ? 20.416  -3.488  -10.308 1.00 44.40 ? 78  GLY A CA    1 
ATOM   623  C  C     . GLY A 1 74  ? 20.874  -3.741  -8.883  1.00 44.71 ? 78  GLY A C     1 
ATOM   624  O  O     . GLY A 1 74  ? 20.949  -4.886  -8.429  1.00 44.54 ? 78  GLY A O     1 
ATOM   625  N  N     . ARG A 1 75  ? 21.190  -2.664  -8.175  1.00 45.08 ? 79  ARG A N     1 
ATOM   626  C  CA    . ARG A 1 75  ? 21.619  -2.780  -6.796  1.00 45.50 ? 79  ARG A CA    1 
ATOM   627  C  C     . ARG A 1 75  ? 20.587  -2.145  -5.896  1.00 45.25 ? 79  ARG A C     1 
ATOM   628  O  O     . ARG A 1 75  ? 20.153  -1.023  -6.131  1.00 45.45 ? 79  ARG A O     1 
ATOM   629  C  CB    . ARG A 1 75  ? 23.003  -2.149  -6.597  1.00 45.92 ? 79  ARG A CB    1 
ATOM   630  C  CG    . ARG A 1 75  ? 24.120  -2.831  -7.399  1.00 47.81 ? 79  ARG A CG    1 
ATOM   631  C  CD    . ARG A 1 75  ? 24.432  -4.232  -6.875  1.00 50.34 ? 79  ARG A CD    1 
ATOM   632  N  NE    . ARG A 1 75  ? 24.852  -5.149  -7.939  1.00 52.38 ? 79  ARG A NE    1 
ATOM   633  C  CZ    . ARG A 1 75  ? 24.165  -6.224  -8.337  1.00 53.65 ? 79  ARG A CZ    1 
ATOM   634  N  NH1   . ARG A 1 75  ? 23.005  -6.547  -7.765  1.00 53.01 ? 79  ARG A NH1   1 
ATOM   635  N  NH2   . ARG A 1 75  ? 24.648  -6.988  -9.313  1.00 54.01 ? 79  ARG A NH2   1 
ATOM   636  N  N     . ILE A 1 76  ? 20.177  -2.885  -4.876  1.00 45.28 ? 80  ILE A N     1 
ATOM   637  C  CA    . ILE A 1 76  ? 19.235  -2.373  -3.890  1.00 45.15 ? 80  ILE A CA    1 
ATOM   638  C  C     . ILE A 1 76  ? 19.948  -1.378  -2.981  1.00 44.94 ? 80  ILE A C     1 
ATOM   639  O  O     . ILE A 1 76  ? 21.008  -1.680  -2.422  1.00 44.84 ? 80  ILE A O     1 
ATOM   640  C  CB    . ILE A 1 76  ? 18.610  -3.515  -3.045  1.00 45.11 ? 80  ILE A CB    1 
ATOM   641  C  CG1   . ILE A 1 76  ? 17.755  -4.422  -3.934  1.00 45.18 ? 80  ILE A CG1   1 
ATOM   642  C  CG2   . ILE A 1 76  ? 17.773  -2.949  -1.885  1.00 45.26 ? 80  ILE A CG2   1 
ATOM   643  C  CD1   . ILE A 1 76  ? 17.233  -5.665  -3.250  1.00 45.18 ? 80  ILE A CD1   1 
ATOM   644  N  N     . PHE A 1 77  ? 19.379  -0.183  -2.869  1.00 44.78 ? 81  PHE A N     1 
ATOM   645  C  CA    . PHE A 1 77  ? 19.810  0.777   -1.865  1.00 44.87 ? 81  PHE A CA    1 
ATOM   646  C  C     . PHE A 1 77  ? 18.592  1.141   -1.045  1.00 44.82 ? 81  PHE A C     1 
ATOM   647  O  O     . PHE A 1 77  ? 17.645  1.744   -1.551  1.00 44.86 ? 81  PHE A O     1 
ATOM   648  C  CB    . PHE A 1 77  ? 20.487  2.011   -2.493  1.00 45.08 ? 81  PHE A CB    1 
ATOM   649  C  CG    . PHE A 1 77  ? 21.919  1.769   -2.911  1.00 45.52 ? 81  PHE A CG    1 
ATOM   650  C  CD1   . PHE A 1 77  ? 22.955  1.845   -1.978  1.00 46.45 ? 81  PHE A CD1   1 
ATOM   651  C  CD2   . PHE A 1 77  ? 22.233  1.450   -4.229  1.00 45.80 ? 81  PHE A CD2   1 
ATOM   652  C  CE1   . PHE A 1 77  ? 24.288  1.612   -2.352  1.00 46.66 ? 81  PHE A CE1   1 
ATOM   653  C  CE2   . PHE A 1 77  ? 23.559  1.216   -4.615  1.00 46.77 ? 81  PHE A CE2   1 
ATOM   654  C  CZ    . PHE A 1 77  ? 24.590  1.297   -3.672  1.00 46.21 ? 81  PHE A CZ    1 
ATOM   655  N  N     . LEU A 1 78  ? 18.609  0.726   0.216   1.00 44.85 ? 82  LEU A N     1 
ATOM   656  C  CA    . LEU A 1 78  ? 17.467  0.902   1.099   1.00 45.11 ? 82  LEU A CA    1 
ATOM   657  C  C     . LEU A 1 78  ? 17.551  2.225   1.840   1.00 45.43 ? 82  LEU A C     1 
ATOM   658  O  O     . LEU A 1 78  ? 18.639  2.676   2.199   1.00 45.67 ? 82  LEU A O     1 
ATOM   659  C  CB    . LEU A 1 78  ? 17.371  -0.256  2.096   1.00 44.87 ? 82  LEU A CB    1 
ATOM   660  C  CG    . LEU A 1 78  ? 17.021  -1.641  1.549   1.00 44.51 ? 82  LEU A CG    1 
ATOM   661  C  CD1   . LEU A 1 78  ? 17.239  -2.684  2.625   1.00 44.16 ? 82  LEU A CD1   1 
ATOM   662  C  CD2   . LEU A 1 78  ? 15.589  -1.702  1.009   1.00 43.64 ? 82  LEU A CD2   1 
ATOM   663  N  N     . GLN A 1 79  ? 16.390  2.834   2.063   1.00 45.55 ? 83  GLN A N     1 
ATOM   664  C  CA    . GLN A 1 79  ? 16.289  4.090   2.793   1.00 45.73 ? 83  GLN A CA    1 
ATOM   665  C  C     . GLN A 1 79  ? 15.380  3.903   3.989   1.00 45.90 ? 83  GLN A C     1 
ATOM   666  O  O     . GLN A 1 79  ? 14.589  2.955   4.031   1.00 46.17 ? 83  GLN A O     1 
ATOM   667  C  CB    . GLN A 1 79  ? 15.746  5.206   1.889   1.00 45.73 ? 83  GLN A CB    1 
ATOM   668  C  CG    . GLN A 1 79  ? 16.583  5.475   0.636   1.00 46.44 ? 83  GLN A CG    1 
ATOM   669  C  CD    . GLN A 1 79  ? 18.075  5.675   0.933   1.00 47.39 ? 83  GLN A CD    1 
ATOM   670  O  OE1   . GLN A 1 79  ? 18.453  6.254   1.956   1.00 46.91 ? 83  GLN A OE1   1 
ATOM   671  N  NE2   . GLN A 1 79  ? 18.924  5.195   0.025   1.00 47.76 ? 83  GLN A NE2   1 
ATOM   672  N  N     . ASP A 1 80  ? 15.494  4.811   4.956   1.00 45.84 ? 84  ASP A N     1 
ATOM   673  C  CA    . ASP A 1 80  ? 14.662  4.792   6.148   1.00 45.79 ? 84  ASP A CA    1 
ATOM   674  C  C     . ASP A 1 80  ? 13.198  4.624   5.798   1.00 45.66 ? 84  ASP A C     1 
ATOM   675  O  O     . ASP A 1 80  ? 12.700  5.227   4.842   1.00 45.50 ? 84  ASP A O     1 
ATOM   676  C  CB    . ASP A 1 80  ? 14.825  6.090   6.940   1.00 46.06 ? 84  ASP A CB    1 
ATOM   677  C  CG    . ASP A 1 80  ? 16.265  6.382   7.306   1.00 46.94 ? 84  ASP A CG    1 
ATOM   678  O  OD1   . ASP A 1 80  ? 17.147  5.506   7.129   1.00 47.89 ? 84  ASP A OD1   1 
ATOM   679  O  OD2   . ASP A 1 80  ? 16.524  7.508   7.780   1.00 47.40 ? 84  ASP A OD2   1 
ATOM   680  N  N     . ILE A 1 81  ? 12.513  3.792   6.575   1.00 45.51 ? 85  ILE A N     1 
ATOM   681  C  CA    . ILE A 1 81  ? 11.068  3.685   6.476   1.00 45.52 ? 85  ILE A CA    1 
ATOM   682  C  C     . ILE A 1 81  ? 10.483  4.752   7.399   1.00 45.69 ? 85  ILE A C     1 
ATOM   683  O  O     . ILE A 1 81  ? 10.575  4.652   8.625   1.00 45.48 ? 85  ILE A O     1 
ATOM   684  C  CB    . ILE A 1 81  ? 10.558  2.257   6.829   1.00 45.49 ? 85  ILE A CB    1 
ATOM   685  C  CG1   . ILE A 1 81  ? 11.393  1.190   6.098   1.00 45.61 ? 85  ILE A CG1   1 
ATOM   686  C  CG2   . ILE A 1 81  ? 9.086   2.117   6.473   1.00 44.99 ? 85  ILE A CG2   1 
ATOM   687  C  CD1   . ILE A 1 81  ? 11.332  -0.212  6.714   1.00 45.38 ? 85  ILE A CD1   1 
ATOM   688  N  N     . GLN A 1 82  ? 9.917   5.794   6.798   1.00 46.04 ? 86  GLN A N     1 
ATOM   689  C  CA    . GLN A 1 82  ? 9.380   6.918   7.563   1.00 46.24 ? 86  GLN A CA    1 
ATOM   690  C  C     . GLN A 1 82  ? 8.138   6.486   8.322   1.00 46.45 ? 86  GLN A C     1 
ATOM   691  O  O     . GLN A 1 82  ? 7.324   5.720   7.806   1.00 46.63 ? 86  GLN A O     1 
ATOM   692  C  CB    . GLN A 1 82  ? 9.050   8.108   6.650   1.00 46.08 ? 86  GLN A CB    1 
ATOM   693  C  CG    . GLN A 1 82  ? 10.242  8.694   5.876   1.00 46.60 ? 86  GLN A CG    1 
ATOM   694  C  CD    . GLN A 1 82  ? 11.324  9.306   6.772   1.00 47.25 ? 86  GLN A CD    1 
ATOM   695  O  OE1   . GLN A 1 82  ? 11.035  9.915   7.806   1.00 47.93 ? 86  GLN A OE1   1 
ATOM   696  N  NE2   . GLN A 1 82  ? 12.577  9.149   6.367   1.00 47.50 ? 86  GLN A NE2   1 
ATOM   697  N  N     . LYS A 1 83  ? 8.019   6.967   9.558   1.00 46.75 ? 87  LYS A N     1 
ATOM   698  C  CA    . LYS A 1 83  ? 6.813   6.805   10.363  1.00 46.76 ? 87  LYS A CA    1 
ATOM   699  C  C     . LYS A 1 83  ? 5.625   7.523   9.710   1.00 46.79 ? 87  LYS A C     1 
ATOM   700  O  O     . LYS A 1 83  ? 5.803   8.466   8.939   1.00 46.79 ? 87  LYS A O     1 
ATOM   701  C  CB    . LYS A 1 83  ? 7.053   7.334   11.783  1.00 46.93 ? 87  LYS A CB    1 
ATOM   702  C  CG    . LYS A 1 83  ? 7.020   8.856   11.913  1.00 46.66 ? 87  LYS A CG    1 
ATOM   703  C  CD    . LYS A 1 83  ? 7.085   9.299   13.368  1.00 46.97 ? 87  LYS A CD    1 
ATOM   704  C  CE    . LYS A 1 83  ? 6.112   10.450  13.665  1.00 47.40 ? 87  LYS A CE    1 
ATOM   705  N  NZ    . LYS A 1 83  ? 6.283   11.619  12.759  1.00 46.77 ? 87  LYS A NZ    1 
ATOM   706  N  N     . ALA A 1 84  ? 4.414   7.075   10.024  1.00 47.02 ? 88  ALA A N     1 
ATOM   707  C  CA    . ALA A 1 84  ? 3.202   7.643   9.436   1.00 47.27 ? 88  ALA A CA    1 
ATOM   708  C  C     . ALA A 1 84  ? 2.951   9.083   9.893   1.00 47.67 ? 88  ALA A C     1 
ATOM   709  O  O     . ALA A 1 84  ? 3.572   9.559   10.851  1.00 47.68 ? 88  ALA A O     1 
ATOM   710  C  CB    . ALA A 1 84  ? 2.010   6.763   9.751   1.00 47.28 ? 88  ALA A CB    1 
ATOM   711  N  N     . ASP A 1 85  ? 2.037   9.766   9.201   1.00 48.11 ? 89  ASP A N     1 
ATOM   712  C  CA    . ASP A 1 85  ? 1.698   11.165  9.491   1.00 48.47 ? 89  ASP A CA    1 
ATOM   713  C  C     . ASP A 1 85  ? 0.934   11.352  10.803  1.00 48.54 ? 89  ASP A C     1 
ATOM   714  O  O     . ASP A 1 85  ? 0.889   12.466  11.344  1.00 48.78 ? 89  ASP A O     1 
ATOM   715  C  CB    . ASP A 1 85  ? 0.884   11.777  8.342   1.00 48.66 ? 89  ASP A CB    1 
ATOM   716  C  CG    . ASP A 1 85  ? 1.746   12.204  7.158   1.00 49.29 ? 89  ASP A CG    1 
ATOM   717  O  OD1   . ASP A 1 85  ? 2.983   12.358  7.305   1.00 49.24 ? 89  ASP A OD1   1 
ATOM   718  O  OD2   . ASP A 1 85  ? 1.165   12.397  6.067   1.00 50.10 ? 89  ASP A OD2   1 
ATOM   719  N  N     . GLU A 1 86  ? 0.320   10.275  11.297  1.00 48.34 ? 90  GLU A N     1 
ATOM   720  C  CA    A GLU A 1 86  ? -0.467  10.320  12.532  0.50 48.14 ? 90  GLU A CA    1 
ATOM   721  C  CA    B GLU A 1 86  ? -0.426  10.337  12.545  0.50 48.21 ? 90  GLU A CA    1 
ATOM   722  C  C     . GLU A 1 86  ? -0.268  9.063   13.375  1.00 48.04 ? 90  GLU A C     1 
ATOM   723  O  O     . GLU A 1 86  ? -0.116  7.966   12.834  1.00 48.00 ? 90  GLU A O     1 
ATOM   724  C  CB    A GLU A 1 86  ? -1.959  10.514  12.228  0.50 48.20 ? 90  GLU A CB    1 
ATOM   725  C  CB    B GLU A 1 86  ? -1.902  10.661  12.270  0.50 48.30 ? 90  GLU A CB    1 
ATOM   726  C  CG    A GLU A 1 86  ? -2.479  11.939  12.450  0.50 47.98 ? 90  GLU A CG    1 
ATOM   727  C  CG    B GLU A 1 86  ? -2.732  11.057  13.494  0.50 48.45 ? 90  GLU A CG    1 
ATOM   728  C  CD    A GLU A 1 86  ? -2.676  12.727  11.166  0.50 47.83 ? 90  GLU A CD    1 
ATOM   729  C  CD    B GLU A 1 86  ? -2.034  12.034  14.432  0.50 48.37 ? 90  GLU A CD    1 
ATOM   730  O  OE1   A GLU A 1 86  ? -1.838  12.622  10.248  0.50 48.33 ? 90  GLU A OE1   1 
ATOM   731  O  OE1   B GLU A 1 86  ? -1.677  13.151  13.992  0.50 48.69 ? 90  GLU A OE1   1 
ATOM   732  O  OE2   A GLU A 1 86  ? -3.677  13.467  11.078  0.50 47.51 ? 90  GLU A OE2   1 
ATOM   733  O  OE2   B GLU A 1 86  ? -1.859  11.682  15.621  0.50 47.40 ? 90  GLU A OE2   1 
ATOM   734  N  N     . ASP A 1 87  ? -0.270  9.238   14.696  1.00 47.65 ? 91  ASP A N     1 
ATOM   735  C  CA    . ASP A 1 87  ? -0.150  8.147   15.664  1.00 47.03 ? 91  ASP A CA    1 
ATOM   736  C  C     . ASP A 1 87  ? -1.541  7.701   16.114  1.00 46.00 ? 91  ASP A C     1 
ATOM   737  O  O     . ASP A 1 87  ? -1.713  6.605   16.641  1.00 45.82 ? 91  ASP A O     1 
ATOM   738  C  CB    . ASP A 1 87  ? 0.652   8.602   16.894  1.00 47.51 ? 91  ASP A CB    1 
ATOM   739  C  CG    . ASP A 1 87  ? 1.921   9.366   16.531  1.00 48.99 ? 91  ASP A CG    1 
ATOM   740  O  OD1   . ASP A 1 87  ? 3.019   8.758   16.561  1.00 50.81 ? 91  ASP A OD1   1 
ATOM   741  O  OD2   . ASP A 1 87  ? 1.822   10.578  16.221  1.00 50.42 ? 91  ASP A OD2   1 
ATOM   742  N  N     . ASP A 1 88  ? -2.521  8.575   15.892  1.00 44.79 ? 92  ASP A N     1 
ATOM   743  C  CA    . ASP A 1 88  ? -3.891  8.397   16.347  1.00 43.60 ? 92  ASP A CA    1 
ATOM   744  C  C     . ASP A 1 88  ? -4.827  8.532   15.148  1.00 42.56 ? 92  ASP A C     1 
ATOM   745  O  O     . ASP A 1 88  ? -4.935  9.602   14.549  1.00 42.50 ? 92  ASP A O     1 
ATOM   746  C  CB    . ASP A 1 88  ? -4.213  9.453   17.412  1.00 43.78 ? 92  ASP A CB    1 
ATOM   747  C  CG    . ASP A 1 88  ? -5.643  9.380   17.903  1.00 44.13 ? 92  ASP A CG    1 
ATOM   748  O  OD1   . ASP A 1 88  ? -6.576  9.475   17.079  1.00 44.14 ? 92  ASP A OD1   1 
ATOM   749  O  OD2   . ASP A 1 88  ? -5.832  9.245   19.128  1.00 45.65 ? 92  ASP A OD2   1 
ATOM   750  N  N     . TRP A 1 89  ? -5.517  7.450   14.803  1.00 41.17 ? 93  TRP A N     1 
ATOM   751  C  CA    . TRP A 1 89  ? -6.248  7.416   13.542  1.00 39.78 ? 93  TRP A CA    1 
ATOM   752  C  C     . TRP A 1 89  ? -7.721  7.800   13.670  1.00 39.88 ? 93  TRP A C     1 
ATOM   753  O  O     . TRP A 1 89  ? -8.462  7.769   12.683  1.00 39.63 ? 93  TRP A O     1 
ATOM   754  C  CB    . TRP A 1 89  ? -6.027  6.089   12.817  1.00 38.57 ? 93  TRP A CB    1 
ATOM   755  C  CG    . TRP A 1 89  ? -4.596  5.911   12.430  1.00 36.91 ? 93  TRP A CG    1 
ATOM   756  C  CD1   . TRP A 1 89  ? -3.640  5.215   13.113  1.00 36.23 ? 93  TRP A CD1   1 
ATOM   757  C  CD2   . TRP A 1 89  ? -3.940  6.473   11.286  1.00 35.58 ? 93  TRP A CD2   1 
ATOM   758  N  NE1   . TRP A 1 89  ? -2.437  5.294   12.457  1.00 35.49 ? 93  TRP A NE1   1 
ATOM   759  C  CE2   . TRP A 1 89  ? -2.594  6.060   11.333  1.00 35.13 ? 93  TRP A CE2   1 
ATOM   760  C  CE3   . TRP A 1 89  ? -4.363  7.280   10.221  1.00 35.41 ? 93  TRP A CE3   1 
ATOM   761  C  CZ2   . TRP A 1 89  ? -1.666  6.426   10.355  1.00 36.02 ? 93  TRP A CZ2   1 
ATOM   762  C  CZ3   . TRP A 1 89  ? -3.447  7.635   9.252   1.00 35.75 ? 93  TRP A CZ3   1 
ATOM   763  C  CH2   . TRP A 1 89  ? -2.111  7.209   9.326   1.00 36.13 ? 93  TRP A CH2   1 
ATOM   764  N  N     . GLU A 1 90  ? -8.129  8.156   14.891  1.00 40.07 ? 94  GLU A N     1 
ATOM   765  C  CA    . GLU A 1 90  ? -9.375  8.880   15.134  1.00 40.47 ? 94  GLU A CA    1 
ATOM   766  C  C     . GLU A 1 90  ? -10.644 8.019   15.091  1.00 39.99 ? 94  GLU A C     1 
ATOM   767  O  O     . GLU A 1 90  ? -11.458 8.072   16.026  1.00 40.30 ? 94  GLU A O     1 
ATOM   768  C  CB    . GLU A 1 90  ? -9.440  10.075  14.176  1.00 40.72 ? 94  GLU A CB    1 
ATOM   769  C  CG    . GLU A 1 90  ? -10.762 10.796  14.012  1.00 41.97 ? 94  GLU A CG    1 
ATOM   770  C  CD    . GLU A 1 90  ? -10.583 12.061  13.177  1.00 42.21 ? 94  GLU A CD    1 
ATOM   771  O  OE1   . GLU A 1 90  ? -11.302 12.221  12.163  1.00 44.02 ? 94  GLU A OE1   1 
ATOM   772  O  OE2   . GLU A 1 90  ? -9.699  12.884  13.529  1.00 44.28 ? 94  GLU A OE2   1 
ATOM   773  N  N     . SER A 1 91  ? -10.805 7.236   14.021  1.00 39.15 ? 95  SER A N     1 
ATOM   774  C  CA    . SER A 1 91  ? -11.992 6.406   13.807  1.00 38.32 ? 95  SER A CA    1 
ATOM   775  C  C     . SER A 1 91  ? -11.781 5.387   12.686  1.00 37.89 ? 95  SER A C     1 
ATOM   776  O  O     . SER A 1 91  ? -10.848 5.506   11.895  1.00 37.67 ? 95  SER A O     1 
ATOM   777  C  CB    . SER A 1 91  ? -13.200 7.277   13.451  1.00 38.26 ? 95  SER A CB    1 
ATOM   778  O  OG    . SER A 1 91  ? -13.186 7.630   12.072  1.00 38.41 ? 95  SER A OG    1 
ATOM   779  N  N     . GLY A 1 92  ? -12.682 4.407   12.610  1.00 37.56 ? 96  GLY A N     1 
ATOM   780  C  CA    . GLY A 1 92  ? -12.679 3.404   11.540  1.00 37.22 ? 96  GLY A CA    1 
ATOM   781  C  C     . GLY A 1 92  ? -12.773 4.000   10.146  1.00 37.08 ? 96  GLY A C     1 
ATOM   782  O  O     . GLY A 1 92  ? -11.971 3.657   9.264   1.00 36.91 ? 96  GLY A O     1 
ATOM   783  N  N     . LEU A 1 93  ? -13.744 4.896   9.958   1.00 36.61 ? 97  LEU A N     1 
ATOM   784  C  CA    . LEU A 1 93  ? -13.957 5.587   8.684   1.00 36.44 ? 97  LEU A CA    1 
ATOM   785  C  C     . LEU A 1 93  ? -12.747 6.409   8.268   1.00 36.27 ? 97  LEU A C     1 
ATOM   786  O  O     . LEU A 1 93  ? -12.329 6.365   7.101   1.00 36.43 ? 97  LEU A O     1 
ATOM   787  C  CB    . LEU A 1 93  ? -15.215 6.473   8.736   1.00 36.52 ? 97  LEU A CB    1 
ATOM   788  C  CG    . LEU A 1 93  ? -15.499 7.423   7.564   1.00 36.42 ? 97  LEU A CG    1 
ATOM   789  C  CD1   . LEU A 1 93  ? -15.703 6.661   6.271   1.00 36.39 ? 97  LEU A CD1   1 
ATOM   790  C  CD2   . LEU A 1 93  ? -16.705 8.314   7.850   1.00 36.57 ? 97  LEU A CD2   1 
ATOM   791  N  N     . ASN A 1 94  ? -12.188 7.152   9.221   1.00 35.96 ? 98  ASN A N     1 
ATOM   792  C  CA    . ASN A 1 94  ? -11.019 7.972   8.954   1.00 35.51 ? 98  ASN A CA    1 
ATOM   793  C  C     . ASN A 1 94  ? -9.810  7.145   8.513   1.00 35.34 ? 98  ASN A C     1 
ATOM   794  O  O     . ASN A 1 94  ? -9.076  7.557   7.609   1.00 35.54 ? 98  ASN A O     1 
ATOM   795  C  CB    . ASN A 1 94  ? -10.662 8.829   10.165  1.00 35.53 ? 98  ASN A CB    1 
ATOM   796  C  CG    . ASN A 1 94  ? -9.590  9.855   9.850   1.00 35.39 ? 98  ASN A CG    1 
ATOM   797  O  OD1   . ASN A 1 94  ? -9.832  10.823  9.132   1.00 35.60 ? 98  ASN A OD1   1 
ATOM   798  N  ND2   . ASN A 1 94  ? -8.398  9.646   10.383  1.00 35.64 ? 98  ASN A ND2   1 
ATOM   799  N  N     . ALA A 1 95  ? -9.610  5.990   9.148   1.00 34.97 ? 99  ALA A N     1 
ATOM   800  C  CA    . ALA A 1 95  ? -8.535  5.072   8.760   1.00 34.90 ? 99  ALA A CA    1 
ATOM   801  C  C     . ALA A 1 95  ? -8.722  4.556   7.331   1.00 34.97 ? 99  ALA A C     1 
ATOM   802  O  O     . ALA A 1 95  ? -7.767  4.516   6.553   1.00 34.71 ? 99  ALA A O     1 
ATOM   803  C  CB    . ALA A 1 95  ? -8.423  3.921   9.743   1.00 34.71 ? 99  ALA A CB    1 
ATOM   804  N  N     . MET A 1 96  ? -9.959  4.185   6.992   1.00 35.32 ? 100 MET A N     1 
ATOM   805  C  CA    . MET A 1 96  ? -10.303 3.765   5.631   1.00 35.64 ? 100 MET A CA    1 
ATOM   806  C  C     . MET A 1 96  ? -10.018 4.891   4.637   1.00 35.94 ? 100 MET A C     1 
ATOM   807  O  O     . MET A 1 96  ? -9.390  4.660   3.601   1.00 35.83 ? 100 MET A O     1 
ATOM   808  C  CB    . MET A 1 96  ? -11.769 3.316   5.534   1.00 35.65 ? 100 MET A CB    1 
ATOM   809  C  CG    . MET A 1 96  ? -12.103 1.999   6.245   1.00 35.55 ? 100 MET A CG    1 
ATOM   810  S  SD    . MET A 1 96  ? -11.305 0.566   5.484   1.00 36.57 ? 100 MET A SD    1 
ATOM   811  C  CE    . MET A 1 96  ? -11.717 -0.739  6.645   1.00 35.29 ? 100 MET A CE    1 
ATOM   812  N  N     . GLU A 1 97  ? -10.467 6.106   4.966   1.00 36.17 ? 101 GLU A N     1 
ATOM   813  C  CA    . GLU A 1 97  ? -10.212 7.290   4.131   1.00 36.69 ? 101 GLU A CA    1 
ATOM   814  C  C     . GLU A 1 97  ? -8.714  7.562   3.944   1.00 36.15 ? 101 GLU A C     1 
ATOM   815  O  O     . GLU A 1 97  ? -8.265  7.824   2.822   1.00 36.12 ? 101 GLU A O     1 
ATOM   816  C  CB    . GLU A 1 97  ? -10.944 8.524   4.673   1.00 36.59 ? 101 GLU A CB    1 
ATOM   817  C  CG    . GLU A 1 97  ? -12.384 8.668   4.164   1.00 37.65 ? 101 GLU A CG    1 
ATOM   818  C  CD    . GLU A 1 97  ? -13.231 9.614   5.012   1.00 38.59 ? 101 GLU A CD    1 
ATOM   819  O  OE1   . GLU A 1 97  ? -12.821 9.918   6.155   1.00 41.72 ? 101 GLU A OE1   1 
ATOM   820  O  OE2   . GLU A 1 97  ? -14.318 10.051  4.548   1.00 41.35 ? 101 GLU A OE2   1 
ATOM   821  N  N     . ALA A 1 98  ? -7.942  7.467   5.027   1.00 35.67 ? 102 ALA A N     1 
ATOM   822  C  CA    . ALA A 1 98  ? -6.485  7.603   4.935   1.00 35.37 ? 102 ALA A CA    1 
ATOM   823  C  C     . ALA A 1 98  ? -5.859  6.480   4.104   1.00 35.41 ? 102 ALA A C     1 
ATOM   824  O  O     . ALA A 1 98  ? -4.890  6.702   3.368   1.00 35.44 ? 102 ALA A O     1 
ATOM   825  C  CB    . ALA A 1 98  ? -5.860  7.658   6.309   1.00 35.16 ? 102 ALA A CB    1 
ATOM   826  N  N     . ALA A 1 99  ? -6.420  5.277   4.219   1.00 35.37 ? 103 ALA A N     1 
ATOM   827  C  CA    . ALA A 1 99  ? -5.942  4.131   3.461   1.00 35.09 ? 103 ALA A CA    1 
ATOM   828  C  C     . ALA A 1 99  ? -6.211  4.308   1.970   1.00 35.06 ? 103 ALA A C     1 
ATOM   829  O  O     . ALA A 1 99  ? -5.313  4.114   1.159   1.00 35.06 ? 103 ALA A O     1 
ATOM   830  C  CB    . ALA A 1 99  ? -6.556  2.848   3.985   1.00 34.95 ? 103 ALA A CB    1 
ATOM   831  N  N     . LEU A 1 100 ? -7.436  4.692   1.614   1.00 35.30 ? 104 LEU A N     1 
ATOM   832  C  CA    . LEU A 1 100 ? -7.788  4.978   0.218   1.00 35.71 ? 104 LEU A CA    1 
ATOM   833  C  C     . LEU A 1 100 ? -6.846  6.015   -0.375  1.00 36.19 ? 104 LEU A C     1 
ATOM   834  O  O     . LEU A 1 100 ? -6.316  5.821   -1.471  1.00 36.46 ? 104 LEU A O     1 
ATOM   835  C  CB    . LEU A 1 100 ? -9.240  5.458   0.103   1.00 35.51 ? 104 LEU A CB    1 
ATOM   836  C  CG    . LEU A 1 100 ? -9.725  6.102   -1.205  1.00 35.74 ? 104 LEU A CG    1 
ATOM   837  C  CD1   . LEU A 1 100 ? -9.894  5.101   -2.345  1.00 35.37 ? 104 LEU A CD1   1 
ATOM   838  C  CD2   . LEU A 1 100 ? -11.030 6.837   -0.967  1.00 35.86 ? 104 LEU A CD2   1 
ATOM   839  N  N     . HIS A 1 101 ? -6.641  7.105   0.363   1.00 36.59 ? 105 HIS A N     1 
ATOM   840  C  CA    . HIS A 1 101 ? -5.739  8.164   -0.047  1.00 37.24 ? 105 HIS A CA    1 
ATOM   841  C  C     . HIS A 1 101 ? -4.327  7.632   -0.280  1.00 37.29 ? 105 HIS A C     1 
ATOM   842  O  O     . HIS A 1 101 ? -3.723  7.915   -1.318  1.00 37.80 ? 105 HIS A O     1 
ATOM   843  C  CB    . HIS A 1 101 ? -5.733  9.306   0.975   1.00 37.67 ? 105 HIS A CB    1 
ATOM   844  C  CG    . HIS A 1 101 ? -4.932  10.496  0.541   1.00 39.34 ? 105 HIS A CG    1 
ATOM   845  N  ND1   . HIS A 1 101 ? -3.663  10.752  1.017   1.00 40.44 ? 105 HIS A ND1   1 
ATOM   846  C  CD2   . HIS A 1 101 ? -5.209  11.484  -0.345  1.00 40.51 ? 105 HIS A CD2   1 
ATOM   847  C  CE1   . HIS A 1 101 ? -3.198  11.855  0.454   1.00 41.37 ? 105 HIS A CE1   1 
ATOM   848  N  NE2   . HIS A 1 101 ? -4.117  12.319  -0.376  1.00 41.24 ? 105 HIS A NE2   1 
ATOM   849  N  N     . LEU A 1 102 ? -3.808  6.858   0.671   1.00 37.15 ? 106 LEU A N     1 
ATOM   850  C  CA    . LEU A 1 102 ? -2.461  6.282   0.554   1.00 37.08 ? 106 LEU A CA    1 
ATOM   851  C  C     . LEU A 1 102 ? -2.317  5.395   -0.680  1.00 37.27 ? 106 LEU A C     1 
ATOM   852  O  O     . LEU A 1 102 ? -1.314  5.465   -1.394  1.00 37.21 ? 106 LEU A O     1 
ATOM   853  C  CB    . LEU A 1 102 ? -2.108  5.496   1.820   1.00 37.05 ? 106 LEU A CB    1 
ATOM   854  C  CG    . LEU A 1 102 ? -1.034  4.411   1.790   1.00 36.54 ? 106 LEU A CG    1 
ATOM   855  C  CD1   . LEU A 1 102 ? 0.367   5.009   1.877   1.00 36.10 ? 106 LEU A CD1   1 
ATOM   856  C  CD2   . LEU A 1 102 ? -1.283  3.453   2.934   1.00 35.93 ? 106 LEU A CD2   1 
ATOM   857  N  N     . GLU A 1 103 ? -3.329  4.573   -0.936  1.00 37.60 ? 107 GLU A N     1 
ATOM   858  C  CA    . GLU A 1 103 ? -3.281  3.634   -2.048  1.00 38.16 ? 107 GLU A CA    1 
ATOM   859  C  C     . GLU A 1 103 ? -3.283  4.339   -3.398  1.00 38.10 ? 107 GLU A C     1 
ATOM   860  O  O     . GLU A 1 103 ? -2.590  3.913   -4.324  1.00 37.78 ? 107 GLU A O     1 
ATOM   861  C  CB    . GLU A 1 103 ? -4.425  2.626   -1.952  1.00 38.45 ? 107 GLU A CB    1 
ATOM   862  C  CG    . GLU A 1 103 ? -4.323  1.693   -0.736  1.00 40.46 ? 107 GLU A CG    1 
ATOM   863  C  CD    . GLU A 1 103 ? -3.262  0.601   -0.875  1.00 42.77 ? 107 GLU A CD    1 
ATOM   864  O  OE1   . GLU A 1 103 ? -2.526  0.571   -1.894  1.00 43.51 ? 107 GLU A OE1   1 
ATOM   865  O  OE2   . GLU A 1 103 ? -3.176  -0.240  0.048   1.00 43.63 ? 107 GLU A OE2   1 
ATOM   866  N  N     . LYS A 1 104 ? -4.052  5.423   -3.499  1.00 38.23 ? 108 LYS A N     1 
ATOM   867  C  CA    . LYS A 1 104 ? -4.051  6.247   -4.710  1.00 38.40 ? 108 LYS A CA    1 
ATOM   868  C  C     . LYS A 1 104 ? -2.666  6.854   -4.964  1.00 38.04 ? 108 LYS A C     1 
ATOM   869  O  O     . LYS A 1 104 ? -2.190  6.858   -6.102  1.00 37.83 ? 108 LYS A O     1 
ATOM   870  C  CB    . LYS A 1 104 ? -5.161  7.304   -4.663  1.00 38.39 ? 108 LYS A CB    1 
ATOM   871  C  CG    . LYS A 1 104 ? -6.560  6.681   -4.720  1.00 38.76 ? 108 LYS A CG    1 
ATOM   872  C  CD    . LYS A 1 104 ? -7.682  7.699   -4.861  1.00 38.73 ? 108 LYS A CD    1 
ATOM   873  C  CE    . LYS A 1 104 ? -7.932  8.037   -6.332  1.00 41.11 ? 108 LYS A CE    1 
ATOM   874  N  NZ    . LYS A 1 104 ? -9.223  8.760   -6.545  1.00 41.92 ? 108 LYS A NZ    1 
ATOM   875  N  N     . ASN A 1 105 ? -2.014  7.321   -3.898  1.00 37.94 ? 109 ASN A N     1 
ATOM   876  C  CA    . ASN A 1 105 ? -0.634  7.814   -3.976  1.00 38.09 ? 109 ASN A CA    1 
ATOM   877  C  C     . ASN A 1 105 ? 0.373   6.756   -4.436  1.00 37.79 ? 109 ASN A C     1 
ATOM   878  O  O     . ASN A 1 105 ? 1.230   7.048   -5.269  1.00 38.04 ? 109 ASN A O     1 
ATOM   879  C  CB    . ASN A 1 105 ? -0.185  8.445   -2.652  1.00 38.22 ? 109 ASN A CB    1 
ATOM   880  C  CG    . ASN A 1 105 ? -0.860  9.785   -2.373  1.00 39.75 ? 109 ASN A CG    1 
ATOM   881  O  OD1   . ASN A 1 105 ? -1.492  10.386  -3.253  1.00 40.28 ? 109 ASN A OD1   1 
ATOM   882  N  ND2   . ASN A 1 105 ? -0.728  10.262  -1.133  1.00 41.56 ? 109 ASN A ND2   1 
ATOM   883  N  N     . VAL A 1 106 ? 0.268   5.540   -3.899  1.00 37.53 ? 110 VAL A N     1 
ATOM   884  C  CA    . VAL A 1 106 ? 1.101   4.415   -4.345  1.00 37.38 ? 110 VAL A CA    1 
ATOM   885  C  C     . VAL A 1 106 ? 0.819   4.106   -5.817  1.00 37.32 ? 110 VAL A C     1 
ATOM   886  O  O     . VAL A 1 106 ? 1.747   3.878   -6.598  1.00 37.38 ? 110 VAL A O     1 
ATOM   887  C  CB    . VAL A 1 106 ? 0.887   3.135   -3.473  1.00 37.57 ? 110 VAL A CB    1 
ATOM   888  C  CG1   . VAL A 1 106 ? 1.732   1.972   -3.986  1.00 37.44 ? 110 VAL A CG1   1 
ATOM   889  C  CG2   . VAL A 1 106 ? 1.202   3.412   -2.007  1.00 37.10 ? 110 VAL A CG2   1 
ATOM   890  N  N     . ASN A 1 107 ? -0.461  4.124   -6.187  1.00 37.17 ? 111 ASN A N     1 
ATOM   891  C  CA    . ASN A 1 107 ? -0.889  3.932   -7.572  1.00 37.46 ? 111 ASN A CA    1 
ATOM   892  C  C     . ASN A 1 107 ? -0.325  4.991   -8.532  1.00 38.05 ? 111 ASN A C     1 
ATOM   893  O  O     . ASN A 1 107 ? 0.094   4.667   -9.648  1.00 37.82 ? 111 ASN A O     1 
ATOM   894  C  CB    . ASN A 1 107 ? -2.420  3.903   -7.650  1.00 37.22 ? 111 ASN A CB    1 
ATOM   895  C  CG    . ASN A 1 107 ? -2.939  3.310   -8.953  1.00 36.65 ? 111 ASN A CG    1 
ATOM   896  O  OD1   . ASN A 1 107 ? -2.312  2.435   -9.548  1.00 35.87 ? 111 ASN A OD1   1 
ATOM   897  N  ND2   . ASN A 1 107 ? -4.103  3.780   -9.391  1.00 35.31 ? 111 ASN A ND2   1 
ATOM   898  N  N     . GLN A 1 108 ? -0.309  6.250   -8.098  1.00 38.96 ? 112 GLN A N     1 
ATOM   899  C  CA    . GLN A 1 108 ? 0.218   7.337   -8.935  1.00 39.87 ? 112 GLN A CA    1 
ATOM   900  C  C     . GLN A 1 108 ? 1.700   7.112   -9.193  1.00 39.69 ? 112 GLN A C     1 
ATOM   901  O  O     . GLN A 1 108 ? 2.170   7.260   -10.323 1.00 39.75 ? 112 GLN A O     1 
ATOM   902  C  CB    . GLN A 1 108 ? -0.027  8.711   -8.297  1.00 40.31 ? 112 GLN A CB    1 
ATOM   903  C  CG    . GLN A 1 108 ? -0.110  9.875   -9.299  1.00 42.72 ? 112 GLN A CG    1 
ATOM   904  C  CD    . GLN A 1 108 ? -1.437  9.898   -10.085 1.00 45.69 ? 112 GLN A CD    1 
ATOM   905  O  OE1   . GLN A 1 108 ? -2.486  10.299  -9.557  1.00 45.04 ? 112 GLN A OE1   1 
ATOM   906  N  NE2   . GLN A 1 108 ? -1.385  9.475   -11.355 1.00 46.14 ? 112 GLN A NE2   1 
ATOM   907  N  N     . SER A 1 109 ? 2.424   6.720   -8.144  1.00 39.66 ? 113 SER A N     1 
ATOM   908  C  CA    . SER A 1 109 ? 3.851   6.415   -8.251  1.00 39.60 ? 113 SER A CA    1 
ATOM   909  C  C     . SER A 1 109 ? 4.107   5.228   -9.190  1.00 39.64 ? 113 SER A C     1 
ATOM   910  O  O     . SER A 1 109 ? 5.015   5.270   -10.026 1.00 39.53 ? 113 SER A O     1 
ATOM   911  C  CB    . SER A 1 109 ? 4.444   6.170   -6.862  1.00 39.64 ? 113 SER A CB    1 
ATOM   912  O  OG    . SER A 1 109 ? 5.754   5.637   -6.944  1.00 40.15 ? 113 SER A OG    1 
ATOM   913  N  N     . LEU A 1 110 ? 3.290   4.183   -9.061  1.00 39.68 ? 114 LEU A N     1 
ATOM   914  C  CA    . LEU A 1 110 ? 3.367   3.030   -9.954  1.00 39.64 ? 114 LEU A CA    1 
ATOM   915  C  C     . LEU A 1 110 ? 3.082   3.380   -11.419 1.00 39.64 ? 114 LEU A C     1 
ATOM   916  O  O     . LEU A 1 110 ? 3.731   2.839   -12.322 1.00 39.61 ? 114 LEU A O     1 
ATOM   917  C  CB    . LEU A 1 110 ? 2.436   1.907   -9.480  1.00 39.58 ? 114 LEU A CB    1 
ATOM   918  C  CG    . LEU A 1 110 ? 2.887   1.149   -8.227  1.00 39.44 ? 114 LEU A CG    1 
ATOM   919  C  CD1   . LEU A 1 110 ? 1.693   0.524   -7.521  1.00 38.71 ? 114 LEU A CD1   1 
ATOM   920  C  CD2   . LEU A 1 110 ? 3.954   0.110   -8.554  1.00 38.77 ? 114 LEU A CD2   1 
ATOM   921  N  N     . LEU A 1 111 ? 2.122   4.278   -11.654 1.00 39.63 ? 115 LEU A N     1 
ATOM   922  C  CA    . LEU A 1 111 ? 1.817   4.738   -13.017 1.00 39.98 ? 115 LEU A CA    1 
ATOM   923  C  C     . LEU A 1 111 ? 2.967   5.527   -13.649 1.00 40.33 ? 115 LEU A C     1 
ATOM   924  O  O     . LEU A 1 111 ? 3.221   5.416   -14.847 1.00 40.19 ? 115 LEU A O     1 
ATOM   925  C  CB    . LEU A 1 111 ? 0.520   5.552   -13.055 1.00 39.81 ? 115 LEU A CB    1 
ATOM   926  C  CG    . LEU A 1 111 ? -0.774  4.771   -12.811 1.00 39.67 ? 115 LEU A CG    1 
ATOM   927  C  CD1   . LEU A 1 111 ? -1.932  5.712   -12.513 1.00 39.38 ? 115 LEU A CD1   1 
ATOM   928  C  CD2   . LEU A 1 111 ? -1.105  3.836   -13.977 1.00 39.31 ? 115 LEU A CD2   1 
ATOM   929  N  N     . GLU A 1 112 ? 3.661   6.319   -12.834 1.00 41.02 ? 116 GLU A N     1 
ATOM   930  C  CA    . GLU A 1 112 ? 4.850   7.040   -13.288 1.00 41.86 ? 116 GLU A CA    1 
ATOM   931  C  C     . GLU A 1 112 ? 6.027   6.087   -13.491 1.00 41.94 ? 116 GLU A C     1 
ATOM   932  O  O     . GLU A 1 112 ? 6.882   6.322   -14.350 1.00 42.11 ? 116 GLU A O     1 
ATOM   933  C  CB    . GLU A 1 112 ? 5.218   8.160   -12.314 1.00 41.87 ? 116 GLU A CB    1 
ATOM   934  C  CG    . GLU A 1 112 ? 4.178   9.270   -12.248 1.00 43.82 ? 116 GLU A CG    1 
ATOM   935  C  CD    . GLU A 1 112 ? 4.290   10.123  -10.995 1.00 46.52 ? 116 GLU A CD    1 
ATOM   936  O  OE1   . GLU A 1 112 ? 5.306   10.018  -10.272 1.00 48.04 ? 116 GLU A OE1   1 
ATOM   937  O  OE2   . GLU A 1 112 ? 3.353   10.906  -10.734 1.00 47.20 ? 116 GLU A OE2   1 
ATOM   938  N  N     . LEU A 1 113 ? 6.063   5.009   -12.707 1.00 42.05 ? 117 LEU A N     1 
ATOM   939  C  CA    . LEU A 1 113 ? 7.065   3.968   -12.906 1.00 42.09 ? 117 LEU A CA    1 
ATOM   940  C  C     . LEU A 1 113 ? 6.847   3.279   -14.251 1.00 42.21 ? 117 LEU A C     1 
ATOM   941  O  O     . LEU A 1 113 ? 7.809   3.000   -14.966 1.00 42.11 ? 117 LEU A O     1 
ATOM   942  C  CB    . LEU A 1 113 ? 7.037   2.948   -11.768 1.00 42.20 ? 117 LEU A CB    1 
ATOM   943  C  CG    . LEU A 1 113 ? 8.377   2.479   -11.186 1.00 42.38 ? 117 LEU A CG    1 
ATOM   944  C  CD1   . LEU A 1 113 ? 8.113   1.429   -10.134 1.00 43.53 ? 117 LEU A CD1   1 
ATOM   945  C  CD2   . LEU A 1 113 ? 9.349   1.932   -12.238 1.00 42.97 ? 117 LEU A CD2   1 
ATOM   946  N  N     . HIS A 1 114 ? 5.588   3.021   -14.597 1.00 42.45 ? 118 HIS A N     1 
ATOM   947  C  CA    . HIS A 1 114 ? 5.252   2.429   -15.894 1.00 42.97 ? 118 HIS A CA    1 
ATOM   948  C  C     . HIS A 1 114 ? 5.611   3.364   -17.057 1.00 43.14 ? 118 HIS A C     1 
ATOM   949  O  O     . HIS A 1 114 ? 6.131   2.914   -18.084 1.00 43.24 ? 118 HIS A O     1 
ATOM   950  C  CB    . HIS A 1 114 ? 3.767   2.054   -15.960 1.00 42.98 ? 118 HIS A CB    1 
ATOM   951  C  CG    . HIS A 1 114 ? 3.423   1.127   -17.087 1.00 43.41 ? 118 HIS A CG    1 
ATOM   952  N  ND1   . HIS A 1 114 ? 3.375   1.536   -18.402 1.00 44.09 ? 118 HIS A ND1   1 
ATOM   953  C  CD2   . HIS A 1 114 ? 3.102   -0.189  -17.092 1.00 44.18 ? 118 HIS A CD2   1 
ATOM   954  C  CE1   . HIS A 1 114 ? 3.044   0.512   -19.169 1.00 44.58 ? 118 HIS A CE1   1 
ATOM   955  N  NE2   . HIS A 1 114 ? 2.872   -0.547  -18.398 1.00 44.63 ? 118 HIS A NE2   1 
ATOM   956  N  N     . LYS A 1 115 ? 5.321   4.656   -16.889 1.00 43.28 ? 119 LYS A N     1 
ATOM   957  C  CA    . LYS A 1 115 ? 5.661   5.670   -17.883 1.00 43.37 ? 119 LYS A CA    1 
ATOM   958  C  C     . LYS A 1 115 ? 7.164   5.643   -18.109 1.00 43.14 ? 119 LYS A C     1 
ATOM   959  O  O     . LYS A 1 115 ? 7.629   5.557   -19.249 1.00 42.94 ? 119 LYS A O     1 
ATOM   960  C  CB    . LYS A 1 115 ? 5.217   7.055   -17.404 1.00 43.75 ? 119 LYS A CB    1 
ATOM   961  C  CG    . LYS A 1 115 ? 4.446   7.883   -18.437 1.00 45.11 ? 119 LYS A CG    1 
ATOM   962  C  CD    . LYS A 1 115 ? 5.359   8.707   -19.333 1.00 47.33 ? 119 LYS A CD    1 
ATOM   963  C  CE    . LYS A 1 115 ? 5.830   9.986   -18.648 1.00 48.31 ? 119 LYS A CE    1 
ATOM   964  N  NZ    . LYS A 1 115 ? 6.762   10.752  -19.530 1.00 48.82 ? 119 LYS A NZ    1 
ATOM   965  N  N     . LEU A 1 116 ? 7.921   5.673   -17.015 1.00 42.87 ? 120 LEU A N     1 
ATOM   966  C  CA    . LEU A 1 116 ? 9.373   5.567   -17.093 1.00 43.10 ? 120 LEU A CA    1 
ATOM   967  C  C     . LEU A 1 116 ? 9.840   4.325   -17.873 1.00 42.97 ? 120 LEU A C     1 
ATOM   968  O  O     . LEU A 1 116 ? 10.785  4.417   -18.661 1.00 43.25 ? 120 LEU A O     1 
ATOM   969  C  CB    . LEU A 1 116 ? 10.005  5.622   -15.699 1.00 42.96 ? 120 LEU A CB    1 
ATOM   970  C  CG    . LEU A 1 116 ? 11.533  5.511   -15.603 1.00 43.74 ? 120 LEU A CG    1 
ATOM   971  C  CD1   . LEU A 1 116 ? 12.249  6.559   -16.467 1.00 44.39 ? 120 LEU A CD1   1 
ATOM   972  C  CD2   . LEU A 1 116 ? 11.986  5.627   -14.158 1.00 43.64 ? 120 LEU A CD2   1 
ATOM   973  N  N     . ALA A 1 117 ? 9.166   3.189   -17.673 1.00 42.74 ? 121 ALA A N     1 
ATOM   974  C  CA    . ALA A 1 117 ? 9.525   1.934   -18.346 1.00 42.46 ? 121 ALA A CA    1 
ATOM   975  C  C     . ALA A 1 117 ? 9.191   1.948   -19.841 1.00 42.52 ? 121 ALA A C     1 
ATOM   976  O  O     . ALA A 1 117 ? 9.959   1.441   -20.666 1.00 42.00 ? 121 ALA A O     1 
ATOM   977  C  CB    . ALA A 1 117 ? 8.859   0.754   -17.657 1.00 42.50 ? 121 ALA A CB    1 
ATOM   978  N  N     . THR A 1 118 ? 8.032   2.512   -20.178 1.00 42.73 ? 122 THR A N     1 
ATOM   979  C  CA    . THR A 1 118 ? 7.664   2.782   -21.568 1.00 43.30 ? 122 THR A CA    1 
ATOM   980  C  C     . THR A 1 118 ? 8.688   3.722   -22.239 1.00 43.43 ? 122 THR A C     1 
ATOM   981  O  O     . THR A 1 118 ? 9.216   3.410   -23.317 1.00 43.50 ? 122 THR A O     1 
ATOM   982  C  CB    . THR A 1 118 ? 6.240   3.373   -21.648 1.00 43.29 ? 122 THR A CB    1 
ATOM   983  O  OG1   . THR A 1 118 ? 5.290   2.346   -21.342 1.00 44.61 ? 122 THR A OG1   1 
ATOM   984  C  CG2   . THR A 1 118 ? 5.943   3.926   -23.028 1.00 43.79 ? 122 THR A CG2   1 
ATOM   985  N  N     . ASP A 1 119 ? 8.984   4.849   -21.583 1.00 43.36 ? 123 ASP A N     1 
ATOM   986  C  CA    . ASP A 1 119 ? 9.925   5.842   -22.115 1.00 43.28 ? 123 ASP A CA    1 
ATOM   987  C  C     . ASP A 1 119 ? 11.315  5.265   -22.358 1.00 42.93 ? 123 ASP A C     1 
ATOM   988  O  O     . ASP A 1 119 ? 11.999  5.671   -23.299 1.00 42.87 ? 123 ASP A O     1 
ATOM   989  C  CB    . ASP A 1 119 ? 10.017  7.064   -21.197 1.00 43.31 ? 123 ASP A CB    1 
ATOM   990  C  CG    . ASP A 1 119 ? 8.762   7.925   -21.242 1.00 44.57 ? 123 ASP A CG    1 
ATOM   991  O  OD1   . ASP A 1 119 ? 7.972   7.790   -22.205 1.00 44.91 ? 123 ASP A OD1   1 
ATOM   992  O  OD2   . ASP A 1 119 ? 8.564   8.740   -20.309 1.00 46.30 ? 123 ASP A OD2   1 
ATOM   993  N  N     . LYS A 1 120 ? 11.715  4.315   -21.513 1.00 42.33 ? 124 LYS A N     1 
ATOM   994  C  CA    . LYS A 1 120 ? 13.036  3.711   -21.600 1.00 41.77 ? 124 LYS A CA    1 
ATOM   995  C  C     . LYS A 1 120 ? 13.037  2.423   -22.418 1.00 41.21 ? 124 LYS A C     1 
ATOM   996  O  O     . LYS A 1 120 ? 14.038  1.709   -22.452 1.00 41.32 ? 124 LYS A O     1 
ATOM   997  C  CB    . LYS A 1 120 ? 13.588  3.454   -20.197 1.00 41.80 ? 124 LYS A CB    1 
ATOM   998  C  CG    . LYS A 1 120 ? 13.858  4.716   -19.387 1.00 43.10 ? 124 LYS A CG    1 
ATOM   999  C  CD    . LYS A 1 120 ? 15.168  5.372   -19.782 1.00 44.61 ? 124 LYS A CD    1 
ATOM   1000 C  CE    . LYS A 1 120 ? 15.332  6.733   -19.132 1.00 45.35 ? 124 LYS A CE    1 
ATOM   1001 N  NZ    . LYS A 1 120 ? 14.821  7.830   -20.010 1.00 45.73 ? 124 LYS A NZ    1 
ATOM   1002 N  N     . ASN A 1 121 ? 11.925  2.138   -23.086 1.00 40.68 ? 125 ASN A N     1 
ATOM   1003 C  CA    . ASN A 1 121 ? 11.734  0.869   -23.791 1.00 40.55 ? 125 ASN A CA    1 
ATOM   1004 C  C     . ASN A 1 121 ? 12.246  -0.341  -22.989 1.00 39.95 ? 125 ASN A C     1 
ATOM   1005 O  O     . ASN A 1 121 ? 13.085  -1.121  -23.458 1.00 39.70 ? 125 ASN A O     1 
ATOM   1006 C  CB    . ASN A 1 121 ? 12.341  0.923   -25.197 1.00 40.78 ? 125 ASN A CB    1 
ATOM   1007 C  CG    . ASN A 1 121 ? 11.822  2.097   -26.007 1.00 42.10 ? 125 ASN A CG    1 
ATOM   1008 O  OD1   . ASN A 1 121 ? 10.627  2.186   -26.313 1.00 43.10 ? 125 ASN A OD1   1 
ATOM   1009 N  ND2   . ASN A 1 121 ? 12.721  3.015   -26.354 1.00 42.61 ? 125 ASN A ND2   1 
ATOM   1010 N  N     . ASP A 1 122 ? 11.756  -0.449  -21.756 1.00 39.24 ? 126 ASP A N     1 
ATOM   1011 C  CA    . ASP A 1 122 ? 11.965  -1.628  -20.926 1.00 38.66 ? 126 ASP A CA    1 
ATOM   1012 C  C     . ASP A 1 122 ? 10.628  -2.367  -20.836 1.00 38.03 ? 126 ASP A C     1 
ATOM   1013 O  O     . ASP A 1 122 ? 9.850   -2.129  -19.906 1.00 37.82 ? 126 ASP A O     1 
ATOM   1014 C  CB    . ASP A 1 122 ? 12.457  -1.217  -19.535 1.00 38.72 ? 126 ASP A CB    1 
ATOM   1015 C  CG    . ASP A 1 122 ? 13.102  -2.366  -18.768 1.00 39.35 ? 126 ASP A CG    1 
ATOM   1016 O  OD1   . ASP A 1 122 ? 12.783  -3.548  -19.038 1.00 40.69 ? 126 ASP A OD1   1 
ATOM   1017 O  OD2   . ASP A 1 122 ? 13.931  -2.081  -17.878 1.00 39.20 ? 126 ASP A OD2   1 
ATOM   1018 N  N     . PRO A 1 123 ? 10.339  -3.243  -21.819 1.00 37.55 ? 127 PRO A N     1 
ATOM   1019 C  CA    . PRO A 1 123 ? 9.043   -3.909  -21.818 1.00 37.60 ? 127 PRO A CA    1 
ATOM   1020 C  C     . PRO A 1 123 ? 8.909   -5.007  -20.763 1.00 37.55 ? 127 PRO A C     1 
ATOM   1021 O  O     . PRO A 1 123 ? 7.794   -5.360  -20.417 1.00 38.04 ? 127 PRO A O     1 
ATOM   1022 C  CB    . PRO A 1 123 ? 8.934   -4.491  -23.229 1.00 37.45 ? 127 PRO A CB    1 
ATOM   1023 C  CG    . PRO A 1 123 ? 10.315  -4.681  -23.674 1.00 37.55 ? 127 PRO A CG    1 
ATOM   1024 C  CD    . PRO A 1 123 ? 11.172  -3.668  -22.959 1.00 37.62 ? 127 PRO A CD    1 
ATOM   1025 N  N     . HIS A 1 124 ? 10.023  -5.537  -20.256 1.00 37.51 ? 128 HIS A N     1 
ATOM   1026 C  CA    . HIS A 1 124 ? 9.956   -6.495  -19.154 1.00 37.29 ? 128 HIS A CA    1 
ATOM   1027 C  C     . HIS A 1 124 ? 9.483   -5.832  -17.864 1.00 37.37 ? 128 HIS A C     1 
ATOM   1028 O  O     . HIS A 1 124 ? 8.739   -6.437  -17.080 1.00 37.55 ? 128 HIS A O     1 
ATOM   1029 C  CB    . HIS A 1 124 ? 11.292  -7.191  -18.902 1.00 37.17 ? 128 HIS A CB    1 
ATOM   1030 C  CG    . HIS A 1 124 ? 11.305  -8.004  -17.646 1.00 37.14 ? 128 HIS A CG    1 
ATOM   1031 N  ND1   . HIS A 1 124 ? 11.851  -7.544  -16.468 1.00 37.56 ? 128 HIS A ND1   1 
ATOM   1032 C  CD2   . HIS A 1 124 ? 10.789  -9.224  -17.369 1.00 37.06 ? 128 HIS A CD2   1 
ATOM   1033 C  CE1   . HIS A 1 124 ? 11.699  -8.459  -15.527 1.00 36.63 ? 128 HIS A CE1   1 
ATOM   1034 N  NE2   . HIS A 1 124 ? 11.054  -9.486  -16.046 1.00 37.01 ? 128 HIS A NE2   1 
ATOM   1035 N  N     . LEU A 1 125 ? 9.915   -4.592  -17.651 1.00 36.99 ? 129 LEU A N     1 
ATOM   1036 C  CA    . LEU A 1 125 ? 9.561   -3.856  -16.453 1.00 36.75 ? 129 LEU A CA    1 
ATOM   1037 C  C     . LEU A 1 125 ? 8.133   -3.340  -16.552 1.00 36.88 ? 129 LEU A C     1 
ATOM   1038 O  O     . LEU A 1 125 ? 7.421   -3.273  -15.544 1.00 37.14 ? 129 LEU A O     1 
ATOM   1039 C  CB    . LEU A 1 125 ? 10.559  -2.721  -16.214 1.00 36.70 ? 129 LEU A CB    1 
ATOM   1040 C  CG    . LEU A 1 125 ? 10.329  -1.701  -15.093 1.00 36.70 ? 129 LEU A CG    1 
ATOM   1041 C  CD1   . LEU A 1 125 ? 10.149  -2.356  -13.734 1.00 36.41 ? 129 LEU A CD1   1 
ATOM   1042 C  CD2   . LEU A 1 125 ? 11.478  -0.704  -15.061 1.00 36.86 ? 129 LEU A CD2   1 
ATOM   1043 N  N     . ALA A 1 126 ? 7.712   -2.993  -17.766 1.00 36.95 ? 130 ALA A N     1 
ATOM   1044 C  CA    . ALA A 1 126 ? 6.347   -2.525  -18.005 1.00 37.08 ? 130 ALA A CA    1 
ATOM   1045 C  C     . ALA A 1 126 ? 5.354   -3.635  -17.682 1.00 37.23 ? 130 ALA A C     1 
ATOM   1046 O  O     . ALA A 1 126 ? 4.403   -3.423  -16.934 1.00 37.21 ? 130 ALA A O     1 
ATOM   1047 C  CB    . ALA A 1 126 ? 6.171   -2.049  -19.445 1.00 36.93 ? 130 ALA A CB    1 
ATOM   1048 N  N     . ASP A 1 127 ? 5.597   -4.823  -18.233 1.00 37.24 ? 131 ASP A N     1 
ATOM   1049 C  CA    . ASP A 1 127 ? 4.735   -5.961  -17.972 1.00 37.64 ? 131 ASP A CA    1 
ATOM   1050 C  C     . ASP A 1 127 ? 4.757   -6.361  -16.495 1.00 37.28 ? 131 ASP A C     1 
ATOM   1051 O  O     . ASP A 1 127 ? 3.734   -6.748  -15.943 1.00 37.39 ? 131 ASP A O     1 
ATOM   1052 C  CB    . ASP A 1 127 ? 5.125   -7.150  -18.845 1.00 37.92 ? 131 ASP A CB    1 
ATOM   1053 C  CG    . ASP A 1 127 ? 4.092   -8.259  -18.797 1.00 39.48 ? 131 ASP A CG    1 
ATOM   1054 O  OD1   . ASP A 1 127 ? 2.936   -8.034  -19.250 1.00 41.36 ? 131 ASP A OD1   1 
ATOM   1055 O  OD2   . ASP A 1 127 ? 4.438   -9.352  -18.303 1.00 40.70 ? 131 ASP A OD2   1 
ATOM   1056 N  N     . PHE A 1 128 ? 5.923   -6.248  -15.868 1.00 36.96 ? 132 PHE A N     1 
ATOM   1057 C  CA    . PHE A 1 128 ? 6.082   -6.522  -14.444 1.00 36.71 ? 132 PHE A CA    1 
ATOM   1058 C  C     . PHE A 1 128 ? 5.178   -5.639  -13.584 1.00 36.68 ? 132 PHE A C     1 
ATOM   1059 O  O     . PHE A 1 128 ? 4.598   -6.108  -12.603 1.00 36.63 ? 132 PHE A O     1 
ATOM   1060 C  CB    . PHE A 1 128 ? 7.553   -6.350  -14.033 1.00 36.64 ? 132 PHE A CB    1 
ATOM   1061 C  CG    . PHE A 1 128 ? 7.773   -6.404  -12.558 1.00 36.17 ? 132 PHE A CG    1 
ATOM   1062 C  CD1   . PHE A 1 128 ? 7.863   -7.626  -11.902 1.00 36.43 ? 132 PHE A CD1   1 
ATOM   1063 C  CD2   . PHE A 1 128 ? 7.880   -5.234  -11.819 1.00 36.35 ? 132 PHE A CD2   1 
ATOM   1064 C  CE1   . PHE A 1 128 ? 8.056   -7.684  -10.527 1.00 36.86 ? 132 PHE A CE1   1 
ATOM   1065 C  CE2   . PHE A 1 128 ? 8.070   -5.274  -10.442 1.00 36.97 ? 132 PHE A CE2   1 
ATOM   1066 C  CZ    . PHE A 1 128 ? 8.160   -6.501  -9.791  1.00 37.18 ? 132 PHE A CZ    1 
ATOM   1067 N  N     . ILE A 1 129 ? 5.065   -4.363  -13.950 1.00 36.56 ? 133 ILE A N     1 
ATOM   1068 C  CA    . ILE A 1 129 ? 4.199   -3.425  -13.230 1.00 36.33 ? 133 ILE A CA    1 
ATOM   1069 C  C     . ILE A 1 129 ? 2.724   -3.724  -13.472 1.00 36.18 ? 133 ILE A C     1 
ATOM   1070 O  O     . ILE A 1 129 ? 1.947   -3.794  -12.520 1.00 36.35 ? 133 ILE A O     1 
ATOM   1071 C  CB    . ILE A 1 129 ? 4.552   -1.933  -13.543 1.00 36.51 ? 133 ILE A CB    1 
ATOM   1072 C  CG1   . ILE A 1 129 ? 5.971   -1.604  -13.061 1.00 36.21 ? 133 ILE A CG1   1 
ATOM   1073 C  CG2   . ILE A 1 129 ? 3.554   -0.975  -12.901 1.00 35.50 ? 133 ILE A CG2   1 
ATOM   1074 C  CD1   . ILE A 1 129 ? 6.214   -1.879  -11.567 1.00 36.39 ? 133 ILE A CD1   1 
ATOM   1075 N  N     . GLU A 1 130 ? 2.355   -3.914  -14.737 1.00 36.17 ? 134 GLU A N     1 
ATOM   1076 C  CA    . GLU A 1 130 ? 0.993   -4.298  -15.131 1.00 36.35 ? 134 GLU A CA    1 
ATOM   1077 C  C     . GLU A 1 130 ? 0.541   -5.578  -14.438 1.00 36.22 ? 134 GLU A C     1 
ATOM   1078 O  O     . GLU A 1 130 ? -0.545  -5.627  -13.853 1.00 36.62 ? 134 GLU A O     1 
ATOM   1079 C  CB    . GLU A 1 130 ? 0.911   -4.538  -16.636 1.00 36.44 ? 134 GLU A CB    1 
ATOM   1080 C  CG    . GLU A 1 130 ? 1.193   -3.344  -17.523 1.00 37.94 ? 134 GLU A CG    1 
ATOM   1081 C  CD    . GLU A 1 130 ? 1.630   -3.755  -18.922 1.00 40.60 ? 134 GLU A CD    1 
ATOM   1082 O  OE1   . GLU A 1 130 ? 1.581   -4.968  -19.244 1.00 42.04 ? 134 GLU A OE1   1 
ATOM   1083 O  OE2   . GLU A 1 130 ? 2.030   -2.868  -19.712 1.00 42.54 ? 134 GLU A OE2   1 
ATOM   1084 N  N     . THR A 1 131 ? 1.383   -6.608  -14.503 1.00 35.73 ? 135 THR A N     1 
ATOM   1085 C  CA    . THR A 1 131 ? 1.025   -7.938  -14.020 1.00 35.17 ? 135 THR A CA    1 
ATOM   1086 C  C     . THR A 1 131 ? 0.846   -7.987  -12.497 1.00 35.03 ? 135 THR A C     1 
ATOM   1087 O  O     . THR A 1 131 ? -0.166  -8.480  -11.999 1.00 34.89 ? 135 THR A O     1 
ATOM   1088 C  CB    . THR A 1 131 ? 2.061   -8.986  -14.479 1.00 35.05 ? 135 THR A CB    1 
ATOM   1089 O  OG1   . THR A 1 131 ? 2.267   -8.856  -15.891 1.00 34.92 ? 135 THR A OG1   1 
ATOM   1090 C  CG2   . THR A 1 131 ? 1.593   -10.405 -14.173 1.00 35.13 ? 135 THR A CG2   1 
ATOM   1091 N  N     . HIS A 1 132 ? 1.813   -7.452  -11.762 1.00 34.81 ? 136 HIS A N     1 
ATOM   1092 C  CA    . HIS A 1 132 ? 1.841   -7.640  -10.314 1.00 34.51 ? 136 HIS A CA    1 
ATOM   1093 C  C     . HIS A 1 132 ? 1.323   -6.479  -9.467  1.00 34.31 ? 136 HIS A C     1 
ATOM   1094 O  O     . HIS A 1 132 ? 1.084   -6.652  -8.265  1.00 34.44 ? 136 HIS A O     1 
ATOM   1095 C  CB    . HIS A 1 132 ? 3.240   -8.077  -9.868  1.00 34.47 ? 136 HIS A CB    1 
ATOM   1096 C  CG    . HIS A 1 132 ? 3.694   -9.354  -10.506 1.00 35.13 ? 136 HIS A CG    1 
ATOM   1097 N  ND1   . HIS A 1 132 ? 3.158   -10.583 -10.178 1.00 35.58 ? 136 HIS A ND1   1 
ATOM   1098 C  CD2   . HIS A 1 132 ? 4.611   -9.590  -11.474 1.00 35.09 ? 136 HIS A CD2   1 
ATOM   1099 C  CE1   . HIS A 1 132 ? 3.732   -11.522 -10.912 1.00 36.06 ? 136 HIS A CE1   1 
ATOM   1100 N  NE2   . HIS A 1 132 ? 4.617   -10.946 -11.706 1.00 36.19 ? 136 HIS A NE2   1 
ATOM   1101 N  N     . TYR A 1 133 ? 1.128   -5.307  -10.081 1.00 33.82 ? 137 TYR A N     1 
ATOM   1102 C  CA    . TYR A 1 133 ? 0.807   -4.105  -9.305  1.00 33.35 ? 137 TYR A CA    1 
ATOM   1103 C  C     . TYR A 1 133 ? -0.437  -3.332  -9.728  1.00 33.12 ? 137 TYR A C     1 
ATOM   1104 O  O     . TYR A 1 133 ? -1.266  -2.991  -8.881  1.00 33.26 ? 137 TYR A O     1 
ATOM   1105 C  CB    . TYR A 1 133 ? 2.029   -3.179  -9.223  1.00 33.29 ? 137 TYR A CB    1 
ATOM   1106 C  CG    . TYR A 1 133 ? 3.160   -3.795  -8.429  1.00 33.07 ? 137 TYR A CG    1 
ATOM   1107 C  CD1   . TYR A 1 133 ? 4.052   -4.684  -9.026  1.00 32.45 ? 137 TYR A CD1   1 
ATOM   1108 C  CD2   . TYR A 1 133 ? 3.326   -3.505  -7.075  1.00 32.70 ? 137 TYR A CD2   1 
ATOM   1109 C  CE1   . TYR A 1 133 ? 5.072   -5.265  -8.301  1.00 32.39 ? 137 TYR A CE1   1 
ATOM   1110 C  CE2   . TYR A 1 133 ? 4.353   -4.081  -6.343  1.00 33.09 ? 137 TYR A CE2   1 
ATOM   1111 C  CZ    . TYR A 1 133 ? 5.216   -4.961  -6.963  1.00 32.51 ? 137 TYR A CZ    1 
ATOM   1112 O  OH    . TYR A 1 133 ? 6.224   -5.541  -6.246  1.00 33.13 ? 137 TYR A OH    1 
ATOM   1113 N  N     . LEU A 1 134 ? -0.583  -3.059  -11.020 1.00 32.86 ? 138 LEU A N     1 
ATOM   1114 C  CA    . LEU A 1 134 ? -1.642  -2.140  -11.470 1.00 32.66 ? 138 LEU A CA    1 
ATOM   1115 C  C     . LEU A 1 134 ? -3.066  -2.597  -11.139 1.00 32.56 ? 138 LEU A C     1 
ATOM   1116 O  O     . LEU A 1 134 ? -3.849  -1.813  -10.595 1.00 32.43 ? 138 LEU A O     1 
ATOM   1117 C  CB    . LEU A 1 134 ? -1.492  -1.745  -12.953 1.00 32.51 ? 138 LEU A CB    1 
ATOM   1118 C  CG    . LEU A 1 134 ? -0.249  -0.929  -13.353 1.00 31.88 ? 138 LEU A CG    1 
ATOM   1119 C  CD1   . LEU A 1 134 ? -0.447  -0.318  -14.706 1.00 31.65 ? 138 LEU A CD1   1 
ATOM   1120 C  CD2   . LEU A 1 134 ? 0.094   0.173   -12.360 1.00 31.94 ? 138 LEU A CD2   1 
ATOM   1121 N  N     . ASN A 1 135 ? -3.398  -3.854  -11.435 1.00 32.50 ? 139 ASN A N     1 
ATOM   1122 C  CA    . ASN A 1 135 ? -4.725  -4.357  -11.075 1.00 32.49 ? 139 ASN A CA    1 
ATOM   1123 C  C     . ASN A 1 135 ? -4.895  -4.586  -9.572  1.00 32.23 ? 139 ASN A C     1 
ATOM   1124 O  O     . ASN A 1 135 ? -5.985  -4.406  -9.039  1.00 32.31 ? 139 ASN A O     1 
ATOM   1125 C  CB    . ASN A 1 135 ? -5.117  -5.602  -11.874 1.00 32.66 ? 139 ASN A CB    1 
ATOM   1126 C  CG    . ASN A 1 135 ? -6.623  -5.852  -11.855 1.00 33.48 ? 139 ASN A CG    1 
ATOM   1127 O  OD1   . ASN A 1 135 ? -7.421  -4.963  -12.179 1.00 33.47 ? 139 ASN A OD1   1 
ATOM   1128 N  ND2   . ASN A 1 135 ? -7.016  -7.060  -11.468 1.00 33.79 ? 139 ASN A ND2   1 
ATOM   1129 N  N     . GLU A 1 136 ? -3.815  -4.956  -8.889  1.00 32.05 ? 140 GLU A N     1 
ATOM   1130 C  CA    . GLU A 1 136 ? -3.847  -5.073  -7.434  1.00 32.24 ? 140 GLU A CA    1 
ATOM   1131 C  C     . GLU A 1 136 ? -4.204  -3.730  -6.806  1.00 31.90 ? 140 GLU A C     1 
ATOM   1132 O  O     . GLU A 1 136 ? -5.006  -3.667  -5.864  1.00 31.60 ? 140 GLU A O     1 
ATOM   1133 C  CB    . GLU A 1 136 ? -2.519  -5.603  -6.878  1.00 32.34 ? 140 GLU A CB    1 
ATOM   1134 C  CG    . GLU A 1 136 ? -2.171  -7.027  -7.330  1.00 34.27 ? 140 GLU A CG    1 
ATOM   1135 C  CD    . GLU A 1 136 ? -3.214  -8.063  -6.916  1.00 36.39 ? 140 GLU A CD    1 
ATOM   1136 O  OE1   . GLU A 1 136 ? -3.735  -8.762  -7.805  1.00 36.83 ? 140 GLU A OE1   1 
ATOM   1137 O  OE2   . GLU A 1 136 ? -3.526  -8.165  -5.704  1.00 38.40 ? 140 GLU A OE2   1 
ATOM   1138 N  N     . GLN A 1 137 ? -3.612  -2.661  -7.341  1.00 31.59 ? 141 GLN A N     1 
ATOM   1139 C  CA    . GLN A 1 137 ? -3.957  -1.298  -6.928  1.00 31.33 ? 141 GLN A CA    1 
ATOM   1140 C  C     . GLN A 1 137 ? -5.417  -0.948  -7.215  1.00 30.63 ? 141 GLN A C     1 
ATOM   1141 O  O     . GLN A 1 137 ? -6.120  -0.452  -6.327  1.00 30.29 ? 141 GLN A O     1 
ATOM   1142 C  CB    . GLN A 1 137 ? -3.007  -0.273  -7.563  1.00 31.67 ? 141 GLN A CB    1 
ATOM   1143 C  CG    . GLN A 1 137 ? -1.650  -0.201  -6.871  1.00 32.56 ? 141 GLN A CG    1 
ATOM   1144 C  CD    . GLN A 1 137 ? -1.779  -0.090  -5.361  1.00 34.52 ? 141 GLN A CD    1 
ATOM   1145 O  OE1   . GLN A 1 137 ? -1.544  -1.061  -4.626  1.00 36.54 ? 141 GLN A OE1   1 
ATOM   1146 N  NE2   . GLN A 1 137 ? -2.179  1.080   -4.891  1.00 34.01 ? 141 GLN A NE2   1 
ATOM   1147 N  N     . VAL A 1 138 ? -5.876  -1.242  -8.432  1.00 30.06 ? 142 VAL A N     1 
ATOM   1148 C  CA    . VAL A 1 138 ? -7.268  -0.978  -8.810  1.00 30.15 ? 142 VAL A CA    1 
ATOM   1149 C  C     . VAL A 1 138 ? -8.254  -1.708  -7.898  1.00 30.44 ? 142 VAL A C     1 
ATOM   1150 O  O     . VAL A 1 138 ? -9.284  -1.140  -7.517  1.00 30.85 ? 142 VAL A O     1 
ATOM   1151 C  CB    . VAL A 1 138 ? -7.548  -1.278  -10.313 1.00 30.21 ? 142 VAL A CB    1 
ATOM   1152 C  CG1   . VAL A 1 138 ? -9.039  -1.378  -10.595 1.00 29.50 ? 142 VAL A CG1   1 
ATOM   1153 C  CG2   . VAL A 1 138 ? -6.930  -0.187  -11.201 1.00 30.08 ? 142 VAL A CG2   1 
ATOM   1154 N  N     . LYS A 1 139 ? -7.923  -2.946  -7.525  1.00 30.37 ? 143 LYS A N     1 
ATOM   1155 C  CA    . LYS A 1 139 ? -8.781  -3.737  -6.637  1.00 30.28 ? 143 LYS A CA    1 
ATOM   1156 C  C     . LYS A 1 139 ? -8.812  -3.166  -5.223  1.00 29.95 ? 143 LYS A C     1 
ATOM   1157 O  O     . LYS A 1 139 ? -9.883  -3.071  -4.601  1.00 30.02 ? 143 LYS A O     1 
ATOM   1158 C  CB    . LYS A 1 139 ? -8.335  -5.203  -6.600  1.00 30.54 ? 143 LYS A CB    1 
ATOM   1159 C  CG    . LYS A 1 139 ? -8.663  -6.008  -7.849  1.00 30.41 ? 143 LYS A CG    1 
ATOM   1160 C  CD    . LYS A 1 139 ? -8.436  -7.497  -7.609  1.00 32.45 ? 143 LYS A CD    1 
ATOM   1161 C  CE    . LYS A 1 139 ? -6.959  -7.883  -7.711  1.00 33.15 ? 143 LYS A CE    1 
ATOM   1162 N  NZ    . LYS A 1 139 ? -6.738  -9.252  -7.171  1.00 33.74 ? 143 LYS A NZ    1 
ATOM   1163 N  N     . ALA A 1 140 ? -7.633  -2.788  -4.734  1.00 29.61 ? 144 ALA A N     1 
ATOM   1164 C  CA    . ALA A 1 140 ? -7.462  -2.234  -3.391  1.00 29.57 ? 144 ALA A CA    1 
ATOM   1165 C  C     . ALA A 1 140 ? -8.225  -0.927  -3.225  1.00 29.64 ? 144 ALA A C     1 
ATOM   1166 O  O     . ALA A 1 140 ? -8.997  -0.770  -2.279  1.00 29.71 ? 144 ALA A O     1 
ATOM   1167 C  CB    . ALA A 1 140 ? -5.980  -2.028  -3.091  1.00 29.44 ? 144 ALA A CB    1 
ATOM   1168 N  N     . ILE A 1 141 ? -8.017  -0.009  -4.167  1.00 29.76 ? 145 ILE A N     1 
ATOM   1169 C  CA    . ILE A 1 141 ? -8.685  1.296   -4.187  1.00 29.65 ? 145 ILE A CA    1 
ATOM   1170 C  C     . ILE A 1 141 ? -10.206 1.146   -4.198  1.00 29.66 ? 145 ILE A C     1 
ATOM   1171 O  O     . ILE A 1 141 ? -10.911 1.834   -3.457  1.00 29.79 ? 145 ILE A O     1 
ATOM   1172 C  CB    . ILE A 1 141 ? -8.211  2.139   -5.408  1.00 29.78 ? 145 ILE A CB    1 
ATOM   1173 C  CG1   . ILE A 1 141 ? -6.749  2.554   -5.249  1.00 29.15 ? 145 ILE A CG1   1 
ATOM   1174 C  CG2   . ILE A 1 141 ? -9.081  3.370   -5.612  1.00 29.70 ? 145 ILE A CG2   1 
ATOM   1175 C  CD1   . ILE A 1 141 ? -6.058  2.830   -6.592  1.00 29.22 ? 145 ILE A CD1   1 
ATOM   1176 N  N     . LYS A 1 142 ? -10.708 0.246   -5.038  1.00 29.84 ? 146 LYS A N     1 
ATOM   1177 C  CA    . LYS A 1 142 ? -12.140 0.001   -5.134  1.00 30.07 ? 146 LYS A CA    1 
ATOM   1178 C  C     . LYS A 1 142 ? -12.705 -0.585  -3.828  1.00 30.64 ? 146 LYS A C     1 
ATOM   1179 O  O     . LYS A 1 142 ? -13.780 -0.180  -3.377  1.00 31.20 ? 146 LYS A O     1 
ATOM   1180 C  CB    . LYS A 1 142 ? -12.430 -0.907  -6.336  1.00 30.18 ? 146 LYS A CB    1 
ATOM   1181 C  CG    . LYS A 1 142 ? -13.868 -1.406  -6.473  1.00 30.23 ? 146 LYS A CG    1 
ATOM   1182 C  CD    . LYS A 1 142 ? -14.842 -0.303  -6.876  1.00 30.37 ? 146 LYS A CD    1 
ATOM   1183 C  CE    . LYS A 1 142 ? -16.179 -0.892  -7.317  1.00 30.91 ? 146 LYS A CE    1 
ATOM   1184 N  NZ    . LYS A 1 142 ? -16.913 -1.615  -6.226  1.00 32.19 ? 146 LYS A NZ    1 
ATOM   1185 N  N     . GLU A 1 143 ? -11.982 -1.527  -3.219  1.00 30.91 ? 147 GLU A N     1 
ATOM   1186 C  CA    . GLU A 1 143 ? -12.418 -2.146  -1.967  1.00 31.04 ? 147 GLU A CA    1 
ATOM   1187 C  C     . GLU A 1 143 ? -12.469 -1.111  -0.860  1.00 30.67 ? 147 GLU A C     1 
ATOM   1188 O  O     . GLU A 1 143 ? -13.451 -1.032  -0.108  1.00 30.62 ? 147 GLU A O     1 
ATOM   1189 C  CB    . GLU A 1 143 ? -11.484 -3.290  -1.573  1.00 31.11 ? 147 GLU A CB    1 
ATOM   1190 C  CG    . GLU A 1 143 ? -11.777 -3.912  -0.211  1.00 32.08 ? 147 GLU A CG    1 
ATOM   1191 C  CD    . GLU A 1 143 ? -10.767 -4.989  0.162   1.00 32.42 ? 147 GLU A CD    1 
ATOM   1192 O  OE1   . GLU A 1 143 ? -10.873 -6.118  -0.360  1.00 35.81 ? 147 GLU A OE1   1 
ATOM   1193 O  OE2   . GLU A 1 143 ? -9.865  -4.715  0.971   1.00 33.36 ? 147 GLU A OE2   1 
ATOM   1194 N  N     . LEU A 1 144 ? -11.404 -0.318  -0.756  1.00 30.14 ? 148 LEU A N     1 
ATOM   1195 C  CA    . LEU A 1 144 ? -11.370 0.758   0.219   1.00 29.76 ? 148 LEU A CA    1 
ATOM   1196 C  C     . LEU A 1 144 ? -12.493 1.761   -0.046  1.00 29.67 ? 148 LEU A C     1 
ATOM   1197 O  O     . LEU A 1 144 ? -13.162 2.204   0.886   1.00 29.17 ? 148 LEU A O     1 
ATOM   1198 C  CB    . LEU A 1 144 ? -9.996  1.426   0.247   1.00 29.87 ? 148 LEU A CB    1 
ATOM   1199 C  CG    . LEU A 1 144 ? -8.919  0.605   0.966   1.00 29.59 ? 148 LEU A CG    1 
ATOM   1200 C  CD1   . LEU A 1 144 ? -7.551  1.184   0.708   1.00 29.32 ? 148 LEU A CD1   1 
ATOM   1201 C  CD2   . LEU A 1 144 ? -9.190  0.492   2.463   1.00 28.71 ? 148 LEU A CD2   1 
ATOM   1202 N  N     . GLY A 1 145 ? -12.724 2.078   -1.321  1.00 29.74 ? 149 GLY A N     1 
ATOM   1203 C  CA    . GLY A 1 145 ? -13.861 2.913   -1.718  1.00 30.24 ? 149 GLY A CA    1 
ATOM   1204 C  C     . GLY A 1 145 ? -15.190 2.360   -1.232  1.00 30.76 ? 149 GLY A C     1 
ATOM   1205 O  O     . GLY A 1 145 ? -15.990 3.081   -0.631  1.00 30.61 ? 149 GLY A O     1 
ATOM   1206 N  N     . ASP A 1 146 ? -15.420 1.072   -1.492  1.00 31.33 ? 150 ASP A N     1 
ATOM   1207 C  CA    . ASP A 1 146 ? -16.610 0.366   -1.013  1.00 31.62 ? 150 ASP A CA    1 
ATOM   1208 C  C     . ASP A 1 146 ? -16.790 0.498   0.492   1.00 31.60 ? 150 ASP A C     1 
ATOM   1209 O  O     . ASP A 1 146 ? -17.900 0.749   0.966   1.00 31.80 ? 150 ASP A O     1 
ATOM   1210 C  CB    . ASP A 1 146 ? -16.539 -1.118  -1.382  1.00 31.99 ? 150 ASP A CB    1 
ATOM   1211 C  CG    . ASP A 1 146 ? -16.754 -1.379  -2.872  1.00 33.44 ? 150 ASP A CG    1 
ATOM   1212 O  OD1   . ASP A 1 146 ? -17.248 -0.496  -3.600  1.00 35.35 ? 150 ASP A OD1   1 
ATOM   1213 O  OD2   . ASP A 1 146 ? -16.440 -2.497  -3.318  1.00 36.05 ? 150 ASP A OD2   1 
ATOM   1214 N  N     . HIS A 1 147 ? -15.702 0.328   1.241   1.00 31.52 ? 151 HIS A N     1 
ATOM   1215 C  CA    . HIS A 1 147 ? -15.753 0.404   2.702   1.00 31.75 ? 151 HIS A CA    1 
ATOM   1216 C  C     . HIS A 1 147 ? -16.136 1.799   3.197   1.00 31.86 ? 151 HIS A C     1 
ATOM   1217 O  O     . HIS A 1 147 ? -17.006 1.935   4.064   1.00 31.69 ? 151 HIS A O     1 
ATOM   1218 C  CB    . HIS A 1 147 ? -14.420 -0.043  3.333   1.00 31.72 ? 151 HIS A CB    1 
ATOM   1219 C  CG    . HIS A 1 147 ? -14.121 -1.497  3.150   1.00 32.54 ? 151 HIS A CG    1 
ATOM   1220 N  ND1   . HIS A 1 147 ? -15.110 -2.454  3.033   1.00 32.68 ? 151 HIS A ND1   1 
ATOM   1221 C  CD2   . HIS A 1 147 ? -12.945 -2.163  3.081   1.00 33.23 ? 151 HIS A CD2   1 
ATOM   1222 C  CE1   . HIS A 1 147 ? -14.554 -3.642  2.878   1.00 32.12 ? 151 HIS A CE1   1 
ATOM   1223 N  NE2   . HIS A 1 147 ? -13.242 -3.495  2.906   1.00 33.76 ? 151 HIS A NE2   1 
ATOM   1224 N  N     . VAL A 1 148 ? -15.476 2.822   2.651   1.00 32.10 ? 152 VAL A N     1 
ATOM   1225 C  CA    . VAL A 1 148 ? -15.762 4.216   3.003   1.00 32.61 ? 152 VAL A CA    1 
ATOM   1226 C  C     . VAL A 1 148 ? -17.234 4.553   2.729   1.00 32.98 ? 152 VAL A C     1 
ATOM   1227 O  O     . VAL A 1 148 ? -17.894 5.198   3.550   1.00 33.33 ? 152 VAL A O     1 
ATOM   1228 C  CB    . VAL A 1 148 ? -14.828 5.214   2.261   1.00 32.65 ? 152 VAL A CB    1 
ATOM   1229 C  CG1   . VAL A 1 148 ? -15.291 6.633   2.477   1.00 33.19 ? 152 VAL A CG1   1 
ATOM   1230 C  CG2   . VAL A 1 148 ? -13.396 5.078   2.735   1.00 32.18 ? 152 VAL A CG2   1 
ATOM   1231 N  N     . THR A 1 149 ? -17.748 4.095   1.590   1.00 33.13 ? 153 THR A N     1 
ATOM   1232 C  CA    . THR A 1 149 ? -19.154 4.288   1.256   1.00 33.62 ? 153 THR A CA    1 
ATOM   1233 C  C     . THR A 1 149 ? -20.076 3.672   2.312   1.00 34.11 ? 153 THR A C     1 
ATOM   1234 O  O     . THR A 1 149 ? -20.932 4.364   2.863   1.00 34.58 ? 153 THR A O     1 
ATOM   1235 C  CB    . THR A 1 149 ? -19.483 3.746   -0.146  1.00 33.57 ? 153 THR A CB    1 
ATOM   1236 O  OG1   . THR A 1 149 ? -18.783 4.519   -1.129  1.00 34.09 ? 153 THR A OG1   1 
ATOM   1237 C  CG2   . THR A 1 149 ? -20.968 3.823   -0.426  1.00 33.42 ? 153 THR A CG2   1 
ATOM   1238 N  N     . ASN A 1 150 ? -19.894 2.387   2.608   1.00 34.34 ? 154 ASN A N     1 
ATOM   1239 C  CA    . ASN A 1 150 ? -20.732 1.719   3.601   1.00 34.43 ? 154 ASN A CA    1 
ATOM   1240 C  C     . ASN A 1 150 ? -20.658 2.348   4.985   1.00 34.95 ? 154 ASN A C     1 
ATOM   1241 O  O     . ASN A 1 150 ? -21.679 2.517   5.639   1.00 34.88 ? 154 ASN A O     1 
ATOM   1242 C  CB    . ASN A 1 150 ? -20.448 0.219   3.650   1.00 34.19 ? 154 ASN A CB    1 
ATOM   1243 C  CG    . ASN A 1 150 ? -21.073 -0.524  2.487   1.00 34.02 ? 154 ASN A CG    1 
ATOM   1244 O  OD1   . ASN A 1 150 ? -22.277 -0.773  2.475   1.00 33.87 ? 154 ASN A OD1   1 
ATOM   1245 N  ND2   . ASN A 1 150 ? -20.257 -0.874  1.495   1.00 32.59 ? 154 ASN A ND2   1 
ATOM   1246 N  N     . LEU A 1 151 ? -19.458 2.719   5.425   1.00 35.97 ? 155 LEU A N     1 
ATOM   1247 C  CA    . LEU A 1 151 ? -19.313 3.390   6.721   1.00 36.88 ? 155 LEU A CA    1 
ATOM   1248 C  C     . LEU A 1 151 ? -20.055 4.727   6.760   1.00 37.77 ? 155 LEU A C     1 
ATOM   1249 O  O     . LEU A 1 151 ? -20.792 4.995   7.710   1.00 37.58 ? 155 LEU A O     1 
ATOM   1250 C  CB    . LEU A 1 151 ? -17.841 3.557   7.105   1.00 36.60 ? 155 LEU A CB    1 
ATOM   1251 C  CG    . LEU A 1 151 ? -17.153 2.280   7.596   1.00 36.68 ? 155 LEU A CG    1 
ATOM   1252 C  CD1   . LEU A 1 151 ? -15.637 2.429   7.597   1.00 36.16 ? 155 LEU A CD1   1 
ATOM   1253 C  CD2   . LEU A 1 151 ? -17.657 1.884   8.975   1.00 36.07 ? 155 LEU A CD2   1 
ATOM   1254 N  N     . ARG A 1 152 ? -19.880 5.546   5.720   1.00 39.03 ? 156 ARG A N     1 
ATOM   1255 C  CA    . ARG A 1 152 ? -20.590 6.829   5.612   1.00 40.35 ? 156 ARG A CA    1 
ATOM   1256 C  C     . ARG A 1 152 ? -22.115 6.666   5.674   1.00 41.00 ? 156 ARG A C     1 
ATOM   1257 O  O     . ARG A 1 152 ? -22.773 7.356   6.444   1.00 41.17 ? 156 ARG A O     1 
ATOM   1258 C  CB    . ARG A 1 152 ? -20.181 7.580   4.342   1.00 40.24 ? 156 ARG A CB    1 
ATOM   1259 C  CG    . ARG A 1 152 ? -18.831 8.287   4.426   1.00 40.68 ? 156 ARG A CG    1 
ATOM   1260 C  CD    . ARG A 1 152 ? -18.474 8.968   3.100   1.00 41.18 ? 156 ARG A CD    1 
ATOM   1261 N  NE    . ARG A 1 152 ? -17.123 9.535   3.124   1.00 43.56 ? 156 ARG A NE    1 
ATOM   1262 C  CZ    . ARG A 1 152 ? -16.374 9.780   2.046   1.00 44.41 ? 156 ARG A CZ    1 
ATOM   1263 N  NH1   . ARG A 1 152 ? -16.826 9.503   0.822   1.00 43.68 ? 156 ARG A NH1   1 
ATOM   1264 N  NH2   . ARG A 1 152 ? -15.153 10.286  2.196   1.00 43.63 ? 156 ARG A NH2   1 
ATOM   1265 N  N     . LYS A 1 153 ? -22.662 5.742   4.883   1.00 42.11 ? 157 LYS A N     1 
ATOM   1266 C  CA    . LYS A 1 153 ? -24.110 5.486   4.848   1.00 43.12 ? 157 LYS A CA    1 
ATOM   1267 C  C     . LYS A 1 153 ? -24.656 4.911   6.150   1.00 43.75 ? 157 LYS A C     1 
ATOM   1268 O  O     . LYS A 1 153 ? -25.830 5.107   6.476   1.00 44.04 ? 157 LYS A O     1 
ATOM   1269 C  CB    . LYS A 1 153 ? -24.468 4.536   3.711   1.00 43.06 ? 157 LYS A CB    1 
ATOM   1270 C  CG    . LYS A 1 153 ? -24.542 5.181   2.348   1.00 44.13 ? 157 LYS A CG    1 
ATOM   1271 C  CD    . LYS A 1 153 ? -25.028 4.177   1.322   1.00 45.01 ? 157 LYS A CD    1 
ATOM   1272 C  CE    . LYS A 1 153 ? -24.950 4.731   -0.075  1.00 45.81 ? 157 LYS A CE    1 
ATOM   1273 N  NZ    . LYS A 1 153 ? -25.441 3.723   -1.047  1.00 48.02 ? 157 LYS A NZ    1 
ATOM   1274 N  N     . MET A 1 154 ? -23.816 4.187   6.884   1.00 44.33 ? 158 MET A N     1 
ATOM   1275 C  CA    . MET A 1 154 ? -24.246 3.578   8.138   1.00 44.76 ? 158 MET A CA    1 
ATOM   1276 C  C     . MET A 1 154 ? -24.350 4.616   9.257   1.00 45.47 ? 158 MET A C     1 
ATOM   1277 O  O     . MET A 1 154 ? -24.941 4.352   10.305  1.00 45.52 ? 158 MET A O     1 
ATOM   1278 C  CB    . MET A 1 154 ? -23.310 2.437   8.538   1.00 44.62 ? 158 MET A CB    1 
ATOM   1279 C  CG    . MET A 1 154 ? -23.478 1.175   7.720   1.00 44.24 ? 158 MET A CG    1 
ATOM   1280 S  SD    . MET A 1 154 ? -22.180 -0.039  8.046   1.00 44.24 ? 158 MET A SD    1 
ATOM   1281 C  CE    . MET A 1 154 ? -22.678 -0.612  9.669   1.00 42.17 ? 158 MET A CE    1 
ATOM   1282 N  N     . GLY A 1 155 ? -23.778 5.796   9.024   1.00 46.25 ? 159 GLY A N     1 
ATOM   1283 C  CA    . GLY A 1 155 ? -23.844 6.893   9.992   1.00 47.33 ? 159 GLY A CA    1 
ATOM   1284 C  C     . GLY A 1 155 ? -22.550 7.159   10.744  1.00 48.00 ? 159 GLY A C     1 
ATOM   1285 O  O     . GLY A 1 155 ? -22.550 7.869   11.748  1.00 48.43 ? 159 GLY A O     1 
ATOM   1286 N  N     . ALA A 1 156 ? -21.449 6.584   10.266  1.00 48.59 ? 160 ALA A N     1 
ATOM   1287 C  CA    . ALA A 1 156 ? -20.133 6.833   10.841  1.00 49.32 ? 160 ALA A CA    1 
ATOM   1288 C  C     . ALA A 1 156 ? -19.601 8.195   10.384  1.00 49.91 ? 160 ALA A C     1 
ATOM   1289 O  O     . ALA A 1 156 ? -19.883 8.616   9.257   1.00 49.96 ? 160 ALA A O     1 
ATOM   1290 C  CB    . ALA A 1 156 ? -19.169 5.722   10.459  1.00 49.14 ? 160 ALA A CB    1 
ATOM   1291 N  N     . PRO A 1 157 ? -18.815 8.880   11.245  1.00 50.52 ? 161 PRO A N     1 
ATOM   1292 C  CA    . PRO A 1 157 ? -18.342 8.435   12.563  1.00 50.93 ? 161 PRO A CA    1 
ATOM   1293 C  C     . PRO A 1 157 ? -19.224 8.815   13.769  1.00 51.34 ? 161 PRO A C     1 
ATOM   1294 O  O     . PRO A 1 157 ? -18.916 8.407   14.891  1.00 51.61 ? 161 PRO A O     1 
ATOM   1295 C  CB    . PRO A 1 157 ? -16.980 9.121   12.675  1.00 51.02 ? 161 PRO A CB    1 
ATOM   1296 C  CG    . PRO A 1 157 ? -17.158 10.425  11.911  1.00 50.78 ? 161 PRO A CG    1 
ATOM   1297 C  CD    . PRO A 1 157 ? -18.293 10.221  10.913  1.00 50.59 ? 161 PRO A CD    1 
ATOM   1298 N  N     . GLU A 1 158 ? -20.300 9.572   13.548  1.00 51.42 ? 162 GLU A N     1 
ATOM   1299 C  CA    . GLU A 1 158 ? -21.188 10.003  14.639  1.00 51.64 ? 162 GLU A CA    1 
ATOM   1300 C  C     . GLU A 1 158 ? -22.031 8.857   15.215  1.00 51.50 ? 162 GLU A C     1 
ATOM   1301 O  O     . GLU A 1 158 ? -22.829 9.055   16.144  1.00 51.85 ? 162 GLU A O     1 
ATOM   1302 C  CB    . GLU A 1 158 ? -22.112 11.143  14.190  1.00 51.81 ? 162 GLU A CB    1 
ATOM   1303 C  CG    . GLU A 1 158 ? -21.394 12.423  13.776  1.00 53.21 ? 162 GLU A CG    1 
ATOM   1304 C  CD    . GLU A 1 158 ? -20.784 12.335  12.384  1.00 55.02 ? 162 GLU A CD    1 
ATOM   1305 O  OE1   . GLU A 1 158 ? -21.277 11.526  11.557  1.00 55.17 ? 162 GLU A OE1   1 
ATOM   1306 O  OE2   . GLU A 1 158 ? -19.807 13.075  12.120  1.00 55.62 ? 162 GLU A OE2   1 
ATOM   1307 N  N     . SER A 1 159 ? -21.865 7.666   14.648  1.00 50.77 ? 163 SER A N     1 
ATOM   1308 C  CA    . SER A 1 159 ? -22.530 6.473   15.151  1.00 49.89 ? 163 SER A CA    1 
ATOM   1309 C  C     . SER A 1 159 ? -21.461 5.445   15.492  1.00 49.18 ? 163 SER A C     1 
ATOM   1310 O  O     . SER A 1 159 ? -20.773 4.925   14.600  1.00 49.28 ? 163 SER A O     1 
ATOM   1311 C  CB    . SER A 1 159 ? -23.515 5.929   14.110  1.00 49.97 ? 163 SER A CB    1 
ATOM   1312 O  OG    . SER A 1 159 ? -24.105 4.713   14.534  1.00 50.16 ? 163 SER A OG    1 
ATOM   1313 N  N     . GLY A 1 160 ? -21.296 5.189   16.788  1.00 48.12 ? 164 GLY A N     1 
ATOM   1314 C  CA    . GLY A 1 160 ? -20.380 4.153   17.268  1.00 46.66 ? 164 GLY A CA    1 
ATOM   1315 C  C     . GLY A 1 160 ? -20.923 2.752   17.014  1.00 45.39 ? 164 GLY A C     1 
ATOM   1316 O  O     . GLY A 1 160 ? -20.155 1.790   16.899  1.00 45.20 ? 164 GLY A O     1 
ATOM   1317 N  N     . LEU A 1 161 ? -22.252 2.657   16.925  1.00 44.06 ? 165 LEU A N     1 
ATOM   1318 C  CA    . LEU A 1 161 ? -22.958 1.424   16.572  1.00 42.92 ? 165 LEU A CA    1 
ATOM   1319 C  C     . LEU A 1 161 ? -22.624 0.995   15.144  1.00 41.96 ? 165 LEU A C     1 
ATOM   1320 O  O     . LEU A 1 161 ? -22.446 -0.192  14.871  1.00 42.04 ? 165 LEU A O     1 
ATOM   1321 C  CB    . LEU A 1 161 ? -24.474 1.617   16.735  1.00 42.92 ? 165 LEU A CB    1 
ATOM   1322 C  CG    . LEU A 1 161 ? -25.422 0.410   16.728  1.00 43.10 ? 165 LEU A CG    1 
ATOM   1323 C  CD1   . LEU A 1 161 ? -25.106 -0.568  17.844  1.00 43.30 ? 165 LEU A CD1   1 
ATOM   1324 C  CD2   . LEU A 1 161 ? -26.865 0.866   16.842  1.00 42.75 ? 165 LEU A CD2   1 
ATOM   1325 N  N     . ALA A 1 162 ? -22.522 1.971   14.248  1.00 40.73 ? 166 ALA A N     1 
ATOM   1326 C  CA    . ALA A 1 162 ? -22.180 1.732   12.852  1.00 39.39 ? 166 ALA A CA    1 
ATOM   1327 C  C     . ALA A 1 162 ? -20.804 1.083   12.700  1.00 38.57 ? 166 ALA A C     1 
ATOM   1328 O  O     . ALA A 1 162 ? -20.667 0.058   12.028  1.00 38.54 ? 166 ALA A O     1 
ATOM   1329 C  CB    . ALA A 1 162 ? -22.248 3.027   12.068  1.00 39.49 ? 166 ALA A CB    1 
ATOM   1330 N  N     . GLU A 1 163 ? -19.787 1.671   13.327  1.00 37.33 ? 167 GLU A N     1 
ATOM   1331 C  CA    . GLU A 1 163 ? -18.441 1.111   13.247  1.00 36.31 ? 167 GLU A CA    1 
ATOM   1332 C  C     . GLU A 1 163 ? -18.368 -0.274  13.895  1.00 35.14 ? 167 GLU A C     1 
ATOM   1333 O  O     . GLU A 1 163 ? -17.693 -1.165  13.369  1.00 34.67 ? 167 GLU A O     1 
ATOM   1334 C  CB    . GLU A 1 163 ? -17.378 2.075   13.796  1.00 36.12 ? 167 GLU A CB    1 
ATOM   1335 C  CG    . GLU A 1 163 ? -17.212 3.334   12.931  1.00 36.97 ? 167 GLU A CG    1 
ATOM   1336 C  CD    . GLU A 1 163 ? -15.870 4.040   13.090  1.00 37.44 ? 167 GLU A CD    1 
ATOM   1337 O  OE1   . GLU A 1 163 ? -15.177 3.853   14.120  1.00 39.86 ? 167 GLU A OE1   1 
ATOM   1338 O  OE2   . GLU A 1 163 ? -15.501 4.795   12.165  1.00 38.43 ? 167 GLU A OE2   1 
ATOM   1339 N  N     . TYR A 1 164 ? -19.086 -0.462  15.005  1.00 34.00 ? 168 TYR A N     1 
ATOM   1340 C  CA    . TYR A 1 164 ? -19.173 -1.778  15.638  1.00 33.07 ? 168 TYR A CA    1 
ATOM   1341 C  C     . TYR A 1 164 ? -19.726 -2.837  14.684  1.00 32.81 ? 168 TYR A C     1 
ATOM   1342 O  O     . TYR A 1 164 ? -19.119 -3.894  14.533  1.00 33.05 ? 168 TYR A O     1 
ATOM   1343 C  CB    . TYR A 1 164 ? -20.011 -1.739  16.914  1.00 32.59 ? 168 TYR A CB    1 
ATOM   1344 C  CG    . TYR A 1 164 ? -20.230 -3.104  17.554  1.00 31.82 ? 168 TYR A CG    1 
ATOM   1345 C  CD1   . TYR A 1 164 ? -21.346 -3.880  17.230  1.00 31.29 ? 168 TYR A CD1   1 
ATOM   1346 C  CD2   . TYR A 1 164 ? -19.327 -3.611  18.487  1.00 30.44 ? 168 TYR A CD2   1 
ATOM   1347 C  CE1   . TYR A 1 164 ? -21.552 -5.124  17.817  1.00 30.81 ? 168 TYR A CE1   1 
ATOM   1348 C  CE2   . TYR A 1 164 ? -19.522 -4.847  19.077  1.00 30.21 ? 168 TYR A CE2   1 
ATOM   1349 C  CZ    . TYR A 1 164 ? -20.636 -5.598  18.737  1.00 31.09 ? 168 TYR A CZ    1 
ATOM   1350 O  OH    . TYR A 1 164 ? -20.838 -6.820  19.321  1.00 31.18 ? 168 TYR A OH    1 
ATOM   1351 N  N     . LEU A 1 165 ? -20.860 -2.549  14.043  1.00 32.32 ? 169 LEU A N     1 
ATOM   1352 C  CA    . LEU A 1 165 ? -21.535 -3.520  13.174  1.00 31.89 ? 169 LEU A CA    1 
ATOM   1353 C  C     . LEU A 1 165 ? -20.787 -3.787  11.879  1.00 31.92 ? 169 LEU A C     1 
ATOM   1354 O  O     . LEU A 1 165 ? -20.844 -4.891  11.343  1.00 31.84 ? 169 LEU A O     1 
ATOM   1355 C  CB    . LEU A 1 165 ? -22.958 -3.071  12.846  1.00 31.72 ? 169 LEU A CB    1 
ATOM   1356 C  CG    . LEU A 1 165 ? -23.993 -3.015  13.964  1.00 31.24 ? 169 LEU A CG    1 
ATOM   1357 C  CD1   . LEU A 1 165 ? -25.248 -2.354  13.434  1.00 30.74 ? 169 LEU A CD1   1 
ATOM   1358 C  CD2   . LEU A 1 165 ? -24.297 -4.410  14.533  1.00 30.76 ? 169 LEU A CD2   1 
ATOM   1359 N  N     . PHE A 1 166 ? -20.106 -2.769  11.366  1.00 31.97 ? 170 PHE A N     1 
ATOM   1360 C  CA    . PHE A 1 166 ? -19.303 -2.920  10.159  1.00 31.93 ? 170 PHE A CA    1 
ATOM   1361 C  C     . PHE A 1 166 ? -18.099 -3.813  10.440  1.00 32.40 ? 170 PHE A C     1 
ATOM   1362 O  O     . PHE A 1 166 ? -17.705 -4.627  9.604   1.00 32.71 ? 170 PHE A O     1 
ATOM   1363 C  CB    . PHE A 1 166 ? -18.842 -1.554  9.646   1.00 31.68 ? 170 PHE A CB    1 
ATOM   1364 C  CG    . PHE A 1 166 ? -18.120 -1.612  8.335   1.00 30.61 ? 170 PHE A CG    1 
ATOM   1365 C  CD1   . PHE A 1 166 ? -18.820 -1.534  7.143   1.00 30.20 ? 170 PHE A CD1   1 
ATOM   1366 C  CD2   . PHE A 1 166 ? -16.744 -1.746  8.294   1.00 30.67 ? 170 PHE A CD2   1 
ATOM   1367 C  CE1   . PHE A 1 166 ? -18.165 -1.585  5.924   1.00 30.13 ? 170 PHE A CE1   1 
ATOM   1368 C  CE2   . PHE A 1 166 ? -16.070 -1.805  7.077   1.00 31.49 ? 170 PHE A CE2   1 
ATOM   1369 C  CZ    . PHE A 1 166 ? -16.786 -1.723  5.888   1.00 31.05 ? 170 PHE A CZ    1 
ATOM   1370 N  N     . ASP A 1 167 ? -17.513 -3.638  11.619  1.00 32.88 ? 171 ASP A N     1 
ATOM   1371 C  CA    . ASP A 1 167 ? -16.423 -4.475  12.082  1.00 33.40 ? 171 ASP A CA    1 
ATOM   1372 C  C     . ASP A 1 167 ? -16.888 -5.934  12.136  1.00 33.78 ? 171 ASP A C     1 
ATOM   1373 O  O     . ASP A 1 167 ? -16.151 -6.837  11.740  1.00 34.10 ? 171 ASP A O     1 
ATOM   1374 C  CB    . ASP A 1 167 ? -15.956 -3.977  13.455  1.00 33.60 ? 171 ASP A CB    1 
ATOM   1375 C  CG    . ASP A 1 167 ? -14.899 -4.863  14.086  1.00 33.91 ? 171 ASP A CG    1 
ATOM   1376 O  OD1   . ASP A 1 167 ? -15.266 -5.842  14.764  1.00 34.02 ? 171 ASP A OD1   1 
ATOM   1377 O  OD2   . ASP A 1 167 ? -13.698 -4.553  13.931  1.00 34.87 ? 171 ASP A OD2   1 
ATOM   1378 N  N     . LYS A 1 168 ? -18.117 -6.156  12.598  1.00 33.74 ? 172 LYS A N     1 
ATOM   1379 C  CA    . LYS A 1 168 ? -18.663 -7.509  12.704  1.00 33.97 ? 172 LYS A CA    1 
ATOM   1380 C  C     . LYS A 1 168 ? -19.026 -8.143  11.366  1.00 34.09 ? 172 LYS A C     1 
ATOM   1381 O  O     . LYS A 1 168 ? -18.699 -9.303  11.133  1.00 33.89 ? 172 LYS A O     1 
ATOM   1382 C  CB    . LYS A 1 168 ? -19.890 -7.547  13.623  1.00 33.78 ? 172 LYS A CB    1 
ATOM   1383 C  CG    . LYS A 1 168 ? -19.600 -7.288  15.094  1.00 33.96 ? 172 LYS A CG    1 
ATOM   1384 C  CD    . LYS A 1 168 ? -18.625 -8.295  15.689  1.00 33.68 ? 172 LYS A CD    1 
ATOM   1385 C  CE    . LYS A 1 168 ? -18.206 -7.868  17.087  1.00 33.58 ? 172 LYS A CE    1 
ATOM   1386 N  NZ    . LYS A 1 168 ? -17.061 -8.672  17.579  1.00 34.91 ? 172 LYS A NZ    1 
ATOM   1387 N  N     . HIS A 1 169 ? -19.701 -7.378  10.500  1.00 34.32 ? 173 HIS A N     1 
ATOM   1388 C  CA    . HIS A 1 169 ? -20.397 -7.936  9.337   1.00 34.11 ? 173 HIS A CA    1 
ATOM   1389 C  C     . HIS A 1 169 ? -19.626 -7.909  8.033   1.00 34.11 ? 173 HIS A C     1 
ATOM   1390 O  O     . HIS A 1 169 ? -19.842 -8.770  7.183   1.00 34.33 ? 173 HIS A O     1 
ATOM   1391 C  CB    . HIS A 1 169 ? -21.740 -7.241  9.123   1.00 34.27 ? 173 HIS A CB    1 
ATOM   1392 C  CG    . HIS A 1 169 ? -22.749 -7.546  10.177  1.00 34.51 ? 173 HIS A CG    1 
ATOM   1393 N  ND1   . HIS A 1 169 ? -22.882 -6.780  11.315  1.00 35.29 ? 173 HIS A ND1   1 
ATOM   1394 C  CD2   . HIS A 1 169 ? -23.675 -8.528  10.272  1.00 34.74 ? 173 HIS A CD2   1 
ATOM   1395 C  CE1   . HIS A 1 169 ? -23.843 -7.278  12.069  1.00 34.86 ? 173 HIS A CE1   1 
ATOM   1396 N  NE2   . HIS A 1 169 ? -24.342 -8.339  11.459  1.00 35.30 ? 173 HIS A NE2   1 
ATOM   1397 N  N     . THR A 1 170 ? -18.777 -6.901  7.852   1.00 33.93 ? 174 THR A N     1 
ATOM   1398 C  CA    . THR A 1 170 ? -17.979 -6.782  6.636   1.00 33.66 ? 174 THR A CA    1 
ATOM   1399 C  C     . THR A 1 170 ? -16.561 -7.301  6.853   1.00 33.89 ? 174 THR A C     1 
ATOM   1400 O  O     . THR A 1 170 ? -16.031 -8.011  6.000   1.00 33.69 ? 174 THR A O     1 
ATOM   1401 C  CB    . THR A 1 170 ? -17.935 -5.327  6.108   1.00 33.65 ? 174 THR A CB    1 
ATOM   1402 O  OG1   . THR A 1 170 ? -19.263 -4.887  5.794   1.00 33.83 ? 174 THR A OG1   1 
ATOM   1403 C  CG2   . THR A 1 170 ? -17.069 -5.220  4.858   1.00 32.44 ? 174 THR A CG2   1 
ATOM   1404 N  N     . LEU A 1 171 ? -15.957 -6.942  7.986   1.00 34.05 ? 175 LEU A N     1 
ATOM   1405 C  CA    . LEU A 1 171 ? -14.567 -7.305  8.269   1.00 34.60 ? 175 LEU A CA    1 
ATOM   1406 C  C     . LEU A 1 171 ? -14.438 -8.575  9.108   1.00 35.37 ? 175 LEU A C     1 
ATOM   1407 O  O     . LEU A 1 171 ? -13.331 -9.076  9.313   1.00 35.55 ? 175 LEU A O     1 
ATOM   1408 C  CB    . LEU A 1 171 ? -13.816 -6.148  8.948   1.00 34.30 ? 175 LEU A CB    1 
ATOM   1409 C  CG    . LEU A 1 171 ? -13.783 -4.785  8.240   1.00 33.80 ? 175 LEU A CG    1 
ATOM   1410 C  CD1   . LEU A 1 171 ? -13.092 -3.739  9.107   1.00 32.30 ? 175 LEU A CD1   1 
ATOM   1411 C  CD2   . LEU A 1 171 ? -13.134 -4.868  6.859   1.00 32.16 ? 175 LEU A CD2   1 
ATOM   1412 N  N     . GLY A 1 172 ? -15.568 -9.090  9.585   1.00 36.08 ? 176 GLY A N     1 
ATOM   1413 C  CA    . GLY A 1 172 ? -15.575 -10.270 10.444  1.00 37.04 ? 176 GLY A CA    1 
ATOM   1414 C  C     . GLY A 1 172 ? -15.664 -11.544 9.632   1.00 37.76 ? 176 GLY A C     1 
ATOM   1415 O  O     . GLY A 1 172 ? -14.705 -12.327 9.559   1.00 38.08 ? 176 GLY A O     1 
ATOM   1416 O  OXT   . GLY A 1 172 ? -16.708 -11.803 9.025   1.00 38.12 ? 176 GLY A OXT   1 
HETATM 1417 C  C1    . AEN B 2 .   ? -0.976  -13.609 5.804   1.00 66.95 ? 201 AEN A C1    1 
HETATM 1418 C  C2    . AEN B 2 .   ? -1.829  -14.394 5.012   1.00 66.83 ? 201 AEN A C2    1 
HETATM 1419 C  C3    . AEN B 2 .   ? -3.210  -14.386 5.223   1.00 66.89 ? 201 AEN A C3    1 
HETATM 1420 C  C4    . AEN B 2 .   ? -3.757  -13.588 6.231   1.00 66.93 ? 201 AEN A C4    1 
HETATM 1421 C  C5    . AEN B 2 .   ? -3.478  -11.989 8.055   1.00 66.78 ? 201 AEN A C5    1 
HETATM 1422 C  C6    . AEN B 2 .   ? -2.632  -11.204 8.849   1.00 66.80 ? 201 AEN A C6    1 
HETATM 1423 C  C7    . AEN B 2 .   ? -1.257  -11.211 8.643   1.00 66.78 ? 201 AEN A C7    1 
HETATM 1424 C  C8    . AEN B 2 .   ? -0.719  -12.007 7.634   1.00 66.79 ? 201 AEN A C8    1 
HETATM 1425 C  C9    . AEN B 2 .   ? -1.536  -12.804 6.821   1.00 66.92 ? 201 AEN A C9    1 
HETATM 1426 C  C10   . AEN B 2 .   ? -2.928  -12.793 7.036   1.00 67.02 ? 201 AEN A C10   1 
HETATM 1427 C  "C1'" . AEN B 2 .   ? -5.980  -10.156 13.746  1.00 49.60 ? 201 AEN A "C1'" 1 
HETATM 1428 C  "C2'" . AEN B 2 .   ? -5.154  -10.770 12.647  1.00 55.14 ? 201 AEN A "C2'" 1 
HETATM 1429 O  "O2'" . AEN B 2 .   ? -3.972  -10.488 12.493  1.00 54.99 ? 201 AEN A "O2'" 1 
HETATM 1430 N  "N3'" . AEN B 2 .   ? -5.795  -11.636 11.854  1.00 57.20 ? 201 AEN A "N3'" 1 
HETATM 1431 C  "C4'" . AEN B 2 .   ? -5.285  -12.389 10.709  1.00 60.75 ? 201 AEN A "C4'" 1 
HETATM 1432 C  "C5'" . AEN B 2 .   ? -5.425  -11.456 9.502   1.00 63.18 ? 201 AEN A "C5'" 1 
HETATM 1433 N  "N6'" . AEN B 2 .   ? -4.823  -11.971 8.276   1.00 66.22 ? 201 AEN A "N6'" 1 
HETATM 1434 S  S     . AEN B 2 .   ? 0.616   -13.646 5.521   1.00 67.07 ? 201 AEN A S     1 
HETATM 1435 O  O1S   . AEN B 2 .   ? 0.950   -14.728 4.562   1.00 67.06 ? 201 AEN A O1S   1 
HETATM 1436 O  O2S   . AEN B 2 .   ? 1.372   -13.874 6.780   1.00 66.11 ? 201 AEN A O2S   1 
HETATM 1437 O  O3S   . AEN B 2 .   ? 1.023   -12.361 4.905   1.00 66.83 ? 201 AEN A O3S   1 
HETATM 1438 CU CU    . CU  C 3 .   ? 2.830   -8.347  11.350  1.00 41.51 ? 202 CU  A CU    1 
HETATM 1439 CU CU    . CU  D 3 .   ? 1.777   -2.219  -2.270  1.00 55.10 ? 203 CU  A CU    1 
HETATM 1440 CU CU    . CU  E 3 .   ? -26.168 -8.789  12.983  0.25 70.58 ? 204 CU  A CU    1 
HETATM 1441 CA CA    . CA  F 4 .   ? 0.933   -7.201  -20.511 0.33 53.28 ? 205 CA  A CA    1 
HETATM 1442 CA CA    . CA  G 4 .   ? 18.829  7.876   8.356   0.50 56.35 ? 206 CA  A CA    1 
HETATM 1443 CA CA    . CA  H 4 .   ? -3.372  -3.453  -0.016  1.00 63.10 ? 207 CA  A CA    1 
HETATM 1444 O  O     . HOH I 5 .   ? 0.161   -9.796  -18.926 0.33 44.37 ? 301 HOH A O     1 
HETATM 1445 O  O     . HOH I 5 .   ? -8.901  7.894   20.087  1.00 36.96 ? 302 HOH A O     1 
HETATM 1446 O  O     . HOH I 5 .   ? 9.727   5.921   3.995   1.00 32.33 ? 303 HOH A O     1 
HETATM 1447 O  O     . HOH I 5 .   ? 14.016  1.400   1.167   1.00 29.32 ? 304 HOH A O     1 
HETATM 1448 O  O     . HOH I 5 .   ? -5.928  -4.694  -0.669  1.00 41.04 ? 305 HOH A O     1 
HETATM 1449 O  O     . HOH I 5 .   ? -12.134 -4.815  -5.089  1.00 21.10 ? 306 HOH A O     1 
HETATM 1450 O  O     . HOH I 5 .   ? -7.768  -6.291  -2.387  1.00 42.06 ? 307 HOH A O     1 
HETATM 1451 O  O     . HOH I 5 .   ? 0.553   -11.148 -8.788  1.00 40.57 ? 308 HOH A O     1 
HETATM 1452 O  O     . HOH I 5 .   ? -15.916 -4.466  -6.641  1.00 37.23 ? 309 HOH A O     1 
HETATM 1453 O  O     . HOH I 5 .   ? 14.763  9.842   8.271   0.25 23.67 ? 310 HOH A O     1 
HETATM 1454 O  O     . HOH I 5 .   ? 7.639   8.147   2.191   1.00 40.44 ? 311 HOH A O     1 
HETATM 1455 O  O     . HOH I 5 .   ? 7.365   -1.859  7.709   1.00 58.70 ? 312 HOH A O     1 
HETATM 1456 O  O     . HOH I 5 .   ? 13.366  -5.021  -20.961 1.00 37.34 ? 313 HOH A O     1 
HETATM 1457 O  O     . HOH I 5 .   ? -9.975  1.482   -8.358  1.00 31.30 ? 314 HOH A O     1 
HETATM 1458 O  O     . HOH I 5 .   ? 1.781   -2.581  -22.925 0.33 48.76 ? 315 HOH A O     1 
HETATM 1459 O  O     . HOH I 5 .   ? 6.725   -3.148  9.577   1.00 45.69 ? 316 HOH A O     1 
HETATM 1460 O  O     . HOH I 5 .   ? 23.963  0.631   -16.480 1.00 48.00 ? 317 HOH A O     1 
HETATM 1461 O  O     . HOH I 5 .   ? 21.301  -2.096  -19.319 1.00 33.15 ? 318 HOH A O     1 
HETATM 1462 O  O     . HOH I 5 .   ? -2.378  -3.031  -2.588  1.00 55.39 ? 319 HOH A O     1 
HETATM 1463 O  O     . HOH I 5 .   ? -4.914  -0.113  25.330  1.00 34.33 ? 320 HOH A O     1 
HETATM 1464 O  O     . HOH I 5 .   ? -1.017  15.383  13.245  0.50 20.62 ? 321 HOH A O     1 
HETATM 1465 O  O     . HOH I 5 .   ? -3.399  0.983   -11.496 1.00 30.37 ? 322 HOH A O     1 
HETATM 1466 O  O     . HOH I 5 .   ? -1.987  -6.256  -11.435 1.00 40.06 ? 323 HOH A O     1 
HETATM 1467 O  O     . HOH I 5 .   ? -27.143 7.945   5.435   1.00 45.69 ? 324 HOH A O     1 
HETATM 1468 O  O     . HOH I 5 .   ? -0.834  2.838   16.371  1.00 44.60 ? 325 HOH A O     1 
HETATM 1469 O  O     . HOH I 5 .   ? -1.839  2.549   18.812  1.00 46.03 ? 326 HOH A O     1 
HETATM 1470 O  O     . HOH I 5 .   ? 21.856  -3.721  -22.378 1.00 35.27 ? 327 HOH A O     1 
HETATM 1471 O  O     . HOH I 5 .   ? 16.955  9.628   -18.595 1.00 43.90 ? 328 HOH A O     1 
HETATM 1472 O  O     . HOH I 5 .   ? 23.652  -0.838  -10.057 1.00 43.59 ? 329 HOH A O     1 
HETATM 1473 O  O     . HOH I 5 .   ? 14.412  7.543   -11.447 1.00 38.39 ? 330 HOH A O     1 
HETATM 1474 O  O     . HOH I 5 .   ? 14.789  1.151   -1.356  1.00 47.08 ? 331 HOH A O     1 
HETATM 1475 O  O     . HOH I 5 .   ? 0.319   8.782   7.027   1.00 44.97 ? 332 HOH A O     1 
HETATM 1476 O  O     . HOH I 5 .   ? 4.160   4.229   10.650  1.00 35.52 ? 333 HOH A O     1 
HETATM 1477 O  O     . HOH I 5 .   ? -4.790  -9.475  -0.890  1.00 58.93 ? 334 HOH A O     1 
HETATM 1478 O  O     . HOH I 5 .   ? 7.813   -13.672 -0.979  1.00 32.43 ? 335 HOH A O     1 
HETATM 1479 O  O     . HOH I 5 .   ? 10.061  -10.404 -8.618  1.00 43.43 ? 336 HOH A O     1 
HETATM 1480 O  O     . HOH I 5 .   ? -17.230 11.114  5.240   1.00 40.43 ? 337 HOH A O     1 
HETATM 1481 O  O     . HOH I 5 .   ? -6.942  10.825  -8.681  1.00 50.37 ? 338 HOH A O     1 
HETATM 1482 O  O     . HOH I 5 .   ? 1.616   -4.906  -21.911 0.33 46.92 ? 339 HOH A O     1 
HETATM 1483 O  O     . HOH I 5 .   ? 10.121  5.060   -27.062 1.00 49.55 ? 340 HOH A O     1 
HETATM 1484 O  O     . HOH I 5 .   ? 7.788   -8.946  -16.514 1.00 43.74 ? 341 HOH A O     1 
HETATM 1485 O  O     . HOH I 5 .   ? 0.842   -9.216  -7.007  1.00 43.21 ? 342 HOH A O     1 
HETATM 1486 O  O     . HOH I 5 .   ? -7.737  -2.942  -0.056  1.00 53.45 ? 343 HOH A O     1 
HETATM 1487 O  O     . HOH I 5 .   ? -17.814 -2.490  2.075   1.00 26.79 ? 344 HOH A O     1 
HETATM 1488 O  O     . HOH I 5 .   ? -19.751 -3.617  3.520   1.00 31.69 ? 345 HOH A O     1 
HETATM 1489 O  O     . HOH I 5 .   ? -23.690 4.722   18.079  1.00 46.35 ? 346 HOH A O     1 
HETATM 1490 O  O     . HOH I 5 .   ? -17.291 -5.157  16.372  1.00 34.51 ? 347 HOH A O     1 
HETATM 1491 O  O     . HOH I 5 .   ? 20.861  -0.383  -21.225 1.00 41.57 ? 348 HOH A O     1 
HETATM 1492 O  O     . HOH I 5 .   ? 19.095  7.963   -11.441 1.00 40.77 ? 349 HOH A O     1 
HETATM 1493 O  O     . HOH I 5 .   ? 10.256  -13.398 -11.252 1.00 36.57 ? 350 HOH A O     1 
HETATM 1494 O  O     . HOH I 5 .   ? 12.812  7.667   3.756   1.00 29.25 ? 351 HOH A O     1 
# 
